data_4FFI
#
_entry.id   4FFI
#
_cell.length_a   82.511
_cell.length_b   168.125
_cell.length_c   263.379
_cell.angle_alpha   90.000
_cell.angle_beta   90.000
_cell.angle_gamma   90.000
#
_symmetry.space_group_name_H-M   'P 21 21 21'
#
loop_
_entity.id
_entity.type
_entity.pdbx_description
1 polymer 'Levan fructotransferase'
2 branched beta-D-fructofuranose-(2-6)-beta-D-fructofuranose
3 branched beta-D-fructofuranose-(2-6)-beta-D-fructofuranose-(2-6)-beta-D-fructofuranose
4 water water
#
_entity_poly.entity_id   1
_entity_poly.type   'polypeptide(L)'
_entity_poly.pdbx_seq_one_letter_code
;MAVYHMTPPSGWLCNPQRPVTTHGAYQLYYLHSDQNNGPGGWDHASTTDGVAFTHHGTVMPLRPDFPVWSGSAVVDTANT
AGFGAGAVVALATQPTDGVRKYQEQYLYWSTDGGFTFTALPDPVIVNTDGRAATTPAEIENAEWFRDPKIHWDTARGEWV
CVIGRLRYAAFYTSPNLRDWTLRRNFDYPNHALGGIECPDLFEITADDGTRHWVLAASMDAYGIGLPMTYAYWTGTWDGE
QFHADDLTPQWLDWGWDWYAAVTWPSIDAPETKRLAIAWMNNWKYAARDVPTDASDGYNGQNSIVRELRLARQPGGWYTL
LSTPVAALTNYVTATTTLPDRTVDGSAVLPWNGRAYEIELDIAWDTATNVGISVGRSPDGTRHTNIGKYGADLYVDRGPS
DLAGYSLAPYSRAAAPIDPGARSVHLRILVDTQSVEVFVNAGHTVLSQQVHFAEGDTGISLYTDGGPAHFTGIVVREIGQ
AILEHHHHHHHH
;
_entity_poly.pdbx_strand_id   A,B,C,D
#
loop_
_chem_comp.id
_chem_comp.type
_chem_comp.name
_chem_comp.formula
FRU D-saccharide, beta linking beta-D-fructofuranose 'C6 H12 O6'
#
# COMPACT_ATOMS: atom_id res chain seq x y z
N ALA A 2 -1.79 -2.69 -4.32
CA ALA A 2 -1.10 -3.09 -5.59
C ALA A 2 -0.31 -1.92 -6.13
N VAL A 3 0.98 -2.13 -6.34
CA VAL A 3 1.87 -1.09 -6.84
C VAL A 3 1.68 -0.74 -8.30
N TYR A 4 1.59 -1.75 -9.17
CA TYR A 4 1.43 -1.46 -10.58
C TYR A 4 0.30 -2.20 -11.27
N HIS A 5 -0.72 -2.58 -10.52
CA HIS A 5 -1.88 -3.23 -11.10
C HIS A 5 -3.08 -2.34 -10.82
N MET A 6 -3.97 -2.22 -11.79
CA MET A 6 -5.14 -1.36 -11.61
C MET A 6 -6.13 -1.89 -10.56
N THR A 7 -6.53 -1.03 -9.67
CA THR A 7 -7.50 -1.39 -8.64
C THR A 7 -8.47 -0.22 -8.56
N PRO A 8 -9.71 -0.47 -8.13
CA PRO A 8 -10.70 0.60 -8.03
C PRO A 8 -10.44 1.43 -6.78
N PRO A 9 -10.81 2.72 -6.79
CA PRO A 9 -10.59 3.57 -5.63
C PRO A 9 -11.22 2.93 -4.41
N SER A 10 -12.41 2.37 -4.58
CA SER A 10 -13.12 1.70 -3.51
C SER A 10 -14.16 0.79 -4.14
N GLY A 11 -14.69 -0.13 -3.35
CA GLY A 11 -15.70 -1.01 -3.88
C GLY A 11 -15.23 -2.29 -4.57
N TRP A 12 -16.17 -2.94 -5.23
CA TRP A 12 -15.95 -4.20 -5.92
C TRP A 12 -15.63 -4.05 -7.39
N LEU A 13 -14.50 -4.60 -7.80
CA LEU A 13 -14.08 -4.56 -9.20
C LEU A 13 -14.48 -5.87 -9.87
N CYS A 14 -14.98 -5.76 -11.09
CA CYS A 14 -15.39 -6.92 -11.85
C CYS A 14 -14.99 -6.75 -13.33
N ASN A 15 -15.61 -7.54 -14.21
CA ASN A 15 -15.32 -7.54 -15.64
C ASN A 15 -14.90 -6.23 -16.31
N PRO A 16 -13.74 -6.20 -16.96
CA PRO A 16 -13.34 -4.97 -17.63
C PRO A 16 -14.07 -4.97 -18.97
N GLN A 17 -14.23 -3.80 -19.57
CA GLN A 17 -14.89 -3.71 -20.87
C GLN A 17 -13.82 -3.26 -21.83
N ARG A 18 -13.87 -3.76 -23.07
CA ARG A 18 -12.89 -3.41 -24.08
C ARG A 18 -12.73 -1.89 -24.20
N PRO A 19 -11.49 -1.40 -24.06
CA PRO A 19 -11.19 0.03 -24.15
C PRO A 19 -11.41 0.61 -25.54
N VAL A 20 -11.70 1.91 -25.60
CA VAL A 20 -11.87 2.61 -26.87
C VAL A 20 -10.81 3.70 -26.86
N THR A 21 -10.39 4.14 -28.04
CA THR A 21 -9.37 5.17 -28.10
C THR A 21 -9.94 6.53 -28.45
N THR A 22 -9.87 7.46 -27.50
CA THR A 22 -10.33 8.83 -27.71
C THR A 22 -9.47 9.78 -26.88
N HIS A 23 -9.36 11.02 -27.33
CA HIS A 23 -8.58 12.01 -26.61
C HIS A 23 -7.14 11.55 -26.36
N GLY A 24 -6.55 10.86 -27.32
CA GLY A 24 -5.18 10.42 -27.19
C GLY A 24 -4.87 9.35 -26.17
N ALA A 25 -5.90 8.80 -25.52
CA ALA A 25 -5.69 7.78 -24.51
C ALA A 25 -6.65 6.62 -24.70
N TYR A 26 -6.47 5.57 -23.90
CA TYR A 26 -7.34 4.41 -23.97
C TYR A 26 -8.38 4.60 -22.87
N GLN A 27 -9.65 4.52 -23.22
CA GLN A 27 -10.71 4.68 -22.23
C GLN A 27 -11.18 3.30 -21.80
N LEU A 28 -10.79 2.89 -20.60
CA LEU A 28 -11.16 1.60 -20.05
C LEU A 28 -12.44 1.70 -19.22
N TYR A 29 -13.32 0.73 -19.38
CA TYR A 29 -14.55 0.71 -18.61
C TYR A 29 -14.51 -0.62 -17.87
N TYR A 30 -15.23 -0.71 -16.75
CA TYR A 30 -15.23 -1.94 -15.98
C TYR A 30 -16.43 -1.97 -15.06
N LEU A 31 -16.90 -3.18 -14.76
CA LEU A 31 -18.03 -3.32 -13.87
C LEU A 31 -17.62 -2.96 -12.47
N HIS A 32 -18.41 -2.11 -11.82
CA HIS A 32 -18.09 -1.72 -10.46
C HIS A 32 -19.34 -1.74 -9.61
N SER A 33 -19.19 -2.18 -8.38
CA SER A 33 -20.30 -2.26 -7.46
C SER A 33 -19.78 -1.75 -6.11
N ASP A 34 -20.65 -1.14 -5.32
CA ASP A 34 -20.23 -0.65 -4.00
C ASP A 34 -20.16 -1.82 -3.02
N GLN A 35 -20.93 -2.86 -3.30
CA GLN A 35 -20.94 -4.05 -2.47
C GLN A 35 -20.21 -5.15 -3.20
N ASN A 36 -19.60 -6.08 -2.47
CA ASN A 36 -18.89 -7.17 -3.10
C ASN A 36 -19.85 -8.06 -3.86
N ASN A 37 -19.63 -8.19 -5.16
CA ASN A 37 -20.48 -9.03 -5.99
C ASN A 37 -21.94 -8.56 -5.92
N GLY A 38 -22.14 -7.28 -5.62
CA GLY A 38 -23.49 -6.74 -5.56
C GLY A 38 -23.84 -6.13 -6.90
N PRO A 39 -25.06 -5.56 -7.04
CA PRO A 39 -25.43 -4.96 -8.32
C PRO A 39 -24.60 -3.70 -8.56
N GLY A 40 -24.23 -3.44 -9.80
CA GLY A 40 -23.44 -2.27 -10.10
C GLY A 40 -23.59 -1.80 -11.54
N GLY A 41 -22.56 -1.18 -12.07
CA GLY A 41 -22.61 -0.69 -13.43
C GLY A 41 -21.24 -0.53 -14.05
N TRP A 42 -21.12 0.45 -14.94
CA TRP A 42 -19.87 0.74 -15.63
C TRP A 42 -19.16 1.97 -15.08
N ASP A 43 -17.91 1.78 -14.66
CA ASP A 43 -17.11 2.89 -14.18
C ASP A 43 -16.07 3.20 -15.25
N HIS A 44 -15.40 4.34 -15.14
CA HIS A 44 -14.45 4.78 -16.15
C HIS A 44 -13.03 5.07 -15.66
N ALA A 45 -12.04 4.72 -16.48
CA ALA A 45 -10.63 4.95 -16.16
C ALA A 45 -9.82 5.14 -17.44
N SER A 46 -8.97 6.17 -17.46
CA SER A 46 -8.16 6.41 -18.64
C SER A 46 -6.72 5.98 -18.43
N THR A 47 -6.03 5.72 -19.53
CA THR A 47 -4.62 5.34 -19.49
C THR A 47 -4.00 5.66 -20.84
N THR A 48 -2.81 6.24 -20.82
CA THR A 48 -2.14 6.58 -22.07
C THR A 48 -1.05 5.59 -22.41
N ASP A 49 -0.56 4.88 -21.40
CA ASP A 49 0.51 3.90 -21.64
C ASP A 49 0.11 2.47 -21.31
N GLY A 50 -1.06 2.28 -20.72
CA GLY A 50 -1.49 0.94 -20.38
C GLY A 50 -0.98 0.43 -19.03
N VAL A 51 -0.36 1.30 -18.25
CA VAL A 51 0.15 0.91 -16.94
C VAL A 51 -0.53 1.73 -15.85
N ALA A 52 -0.41 3.05 -15.92
CA ALA A 52 -1.05 3.90 -14.92
C ALA A 52 -2.45 4.28 -15.40
N PHE A 53 -3.42 4.26 -14.49
CA PHE A 53 -4.79 4.59 -14.83
C PHE A 53 -5.31 5.77 -14.01
N THR A 54 -6.19 6.56 -14.63
CA THR A 54 -6.80 7.69 -13.96
C THR A 54 -8.29 7.39 -13.90
N HIS A 55 -8.82 7.25 -12.69
CA HIS A 55 -10.23 6.93 -12.50
C HIS A 55 -11.17 8.14 -12.54
N HIS A 56 -12.27 7.99 -13.25
CA HIS A 56 -13.25 9.05 -13.42
C HIS A 56 -14.62 8.77 -12.82
N GLY A 57 -14.78 7.64 -12.15
CA GLY A 57 -16.08 7.32 -11.57
C GLY A 57 -17.06 6.59 -12.47
N THR A 58 -18.34 6.58 -12.07
CA THR A 58 -19.39 5.90 -12.82
C THR A 58 -19.86 6.62 -14.08
N VAL A 59 -20.07 5.86 -15.15
CA VAL A 59 -20.50 6.45 -16.41
C VAL A 59 -21.83 5.86 -16.88
N MET A 60 -22.08 4.60 -16.52
CA MET A 60 -23.33 3.90 -16.83
C MET A 60 -23.74 3.31 -15.49
N PRO A 61 -24.47 4.10 -14.70
CA PRO A 61 -24.95 3.77 -13.36
C PRO A 61 -25.99 2.68 -13.21
N LEU A 62 -25.97 2.09 -12.03
CA LEU A 62 -26.93 1.07 -11.64
C LEU A 62 -28.24 1.83 -11.43
N ARG A 63 -29.34 1.27 -11.91
CA ARG A 63 -30.67 1.87 -11.75
C ARG A 63 -31.45 0.90 -10.86
N PRO A 64 -32.46 1.39 -10.14
CA PRO A 64 -33.26 0.51 -9.26
C PRO A 64 -33.65 -0.83 -9.89
N ASP A 65 -33.08 -1.90 -9.34
CA ASP A 65 -33.34 -3.24 -9.83
C ASP A 65 -33.12 -3.28 -11.34
N PHE A 66 -32.04 -2.65 -11.78
CA PHE A 66 -31.70 -2.60 -13.20
C PHE A 66 -30.20 -2.34 -13.33
N PRO A 67 -29.38 -3.35 -12.97
CA PRO A 67 -27.91 -3.25 -13.05
C PRO A 67 -27.41 -3.27 -14.49
N VAL A 68 -26.15 -2.88 -14.67
CA VAL A 68 -25.55 -2.87 -16.00
C VAL A 68 -24.49 -3.96 -16.06
N TRP A 69 -24.66 -4.91 -16.98
CA TRP A 69 -23.66 -5.96 -17.10
C TRP A 69 -22.70 -5.65 -18.24
N SER A 70 -21.91 -6.64 -18.62
CA SER A 70 -20.91 -6.47 -19.66
C SER A 70 -21.43 -6.23 -21.07
N GLY A 71 -20.56 -5.66 -21.90
CA GLY A 71 -20.88 -5.35 -23.28
C GLY A 71 -19.62 -4.82 -23.94
N SER A 72 -19.77 -3.81 -24.78
CA SER A 72 -18.62 -3.22 -25.44
C SER A 72 -18.99 -1.87 -26.05
N ALA A 73 -17.98 -1.14 -26.53
CA ALA A 73 -18.21 0.16 -27.12
C ALA A 73 -17.35 0.41 -28.34
N VAL A 74 -17.86 1.22 -29.27
CA VAL A 74 -17.13 1.54 -30.48
C VAL A 74 -17.20 3.04 -30.75
N VAL A 75 -16.25 3.55 -31.52
CA VAL A 75 -16.24 4.95 -31.87
C VAL A 75 -16.90 5.04 -33.24
N ASP A 76 -18.15 5.49 -33.29
CA ASP A 76 -18.85 5.59 -34.55
C ASP A 76 -18.26 6.76 -35.32
N THR A 77 -17.09 6.50 -35.91
CA THR A 77 -16.36 7.49 -36.68
C THR A 77 -17.10 8.03 -37.91
N ALA A 78 -17.85 7.16 -38.58
CA ALA A 78 -18.58 7.56 -39.77
C ALA A 78 -20.01 8.02 -39.46
N ASN A 79 -20.40 7.96 -38.19
CA ASN A 79 -21.73 8.37 -37.77
C ASN A 79 -22.81 7.50 -38.42
N THR A 80 -22.63 6.18 -38.34
CA THR A 80 -23.57 5.24 -38.92
C THR A 80 -24.78 5.05 -38.01
N ALA A 81 -24.58 5.30 -36.72
CA ALA A 81 -25.62 5.15 -35.72
C ALA A 81 -26.55 6.35 -35.66
N GLY A 82 -26.09 7.49 -36.16
CA GLY A 82 -26.91 8.69 -36.16
C GLY A 82 -26.81 9.56 -34.93
N PHE A 83 -25.86 9.25 -34.04
CA PHE A 83 -25.68 10.04 -32.82
C PHE A 83 -24.55 11.02 -33.00
N GLY A 84 -24.04 11.14 -34.22
CA GLY A 84 -22.95 12.07 -34.46
C GLY A 84 -21.64 11.37 -34.81
N ALA A 85 -20.85 12.03 -35.64
CA ALA A 85 -19.56 11.51 -36.06
C ALA A 85 -18.59 11.48 -34.88
N GLY A 86 -18.03 10.31 -34.61
CA GLY A 86 -17.10 10.20 -33.51
C GLY A 86 -17.76 9.87 -32.19
N ALA A 87 -19.06 9.63 -32.22
CA ALA A 87 -19.79 9.27 -31.02
C ALA A 87 -19.35 7.90 -30.51
N VAL A 88 -19.23 7.76 -29.19
CA VAL A 88 -18.85 6.47 -28.62
C VAL A 88 -20.15 5.76 -28.33
N VAL A 89 -20.39 4.65 -29.03
CA VAL A 89 -21.62 3.91 -28.84
C VAL A 89 -21.35 2.57 -28.16
N ALA A 90 -22.10 2.31 -27.11
CA ALA A 90 -21.93 1.09 -26.36
C ALA A 90 -23.21 0.27 -26.21
N LEU A 91 -23.05 -1.05 -26.19
CA LEU A 91 -24.14 -1.97 -25.99
C LEU A 91 -23.83 -2.69 -24.70
N ALA A 92 -24.82 -2.82 -23.83
CA ALA A 92 -24.60 -3.51 -22.55
C ALA A 92 -25.83 -4.28 -22.16
N THR A 93 -25.60 -5.48 -21.63
CA THR A 93 -26.67 -6.36 -21.19
C THR A 93 -27.23 -5.95 -19.84
N GLN A 94 -28.56 -5.88 -19.77
CA GLN A 94 -29.25 -5.51 -18.54
C GLN A 94 -30.49 -6.38 -18.38
N PRO A 95 -30.82 -6.77 -17.15
CA PRO A 95 -32.01 -7.59 -16.92
C PRO A 95 -33.26 -6.73 -16.84
N THR A 96 -33.97 -6.60 -17.96
CA THR A 96 -35.19 -5.80 -17.99
C THR A 96 -36.12 -6.18 -16.85
N ASP A 97 -36.66 -5.18 -16.17
CA ASP A 97 -37.57 -5.43 -15.06
C ASP A 97 -36.88 -6.27 -13.98
N GLY A 98 -35.56 -6.33 -14.05
CA GLY A 98 -34.81 -7.10 -13.08
C GLY A 98 -34.95 -8.59 -13.31
N VAL A 99 -35.61 -8.96 -14.40
CA VAL A 99 -35.80 -10.37 -14.73
C VAL A 99 -34.60 -10.91 -15.49
N ARG A 100 -33.99 -11.97 -14.96
CA ARG A 100 -32.81 -12.56 -15.58
C ARG A 100 -33.08 -13.13 -16.97
N LYS A 101 -34.23 -13.77 -17.16
CA LYS A 101 -34.54 -14.35 -18.45
C LYS A 101 -34.85 -13.28 -19.50
N TYR A 102 -34.86 -12.02 -19.08
CA TYR A 102 -35.13 -10.93 -20.00
C TYR A 102 -33.87 -10.13 -20.31
N GLN A 103 -32.73 -10.57 -19.78
CA GLN A 103 -31.47 -9.89 -20.01
C GLN A 103 -31.30 -9.67 -21.52
N GLU A 104 -31.17 -8.40 -21.91
CA GLU A 104 -31.01 -8.03 -23.30
C GLU A 104 -30.01 -6.88 -23.48
N GLN A 105 -29.78 -6.50 -24.73
CA GLN A 105 -28.81 -5.46 -25.07
C GLN A 105 -29.29 -4.03 -25.18
N TYR A 106 -28.83 -3.17 -24.27
CA TYR A 106 -29.19 -1.77 -24.27
C TYR A 106 -28.08 -0.89 -24.83
N LEU A 107 -28.45 0.11 -25.60
CA LEU A 107 -27.49 1.02 -26.19
C LEU A 107 -27.36 2.30 -25.37
N TYR A 108 -26.15 2.83 -25.31
CA TYR A 108 -25.83 4.08 -24.62
C TYR A 108 -24.89 4.80 -25.57
N TRP A 109 -24.93 6.12 -25.61
CA TRP A 109 -24.05 6.85 -26.50
C TRP A 109 -23.47 8.09 -25.86
N SER A 110 -22.24 8.42 -26.25
CA SER A 110 -21.53 9.57 -25.72
C SER A 110 -21.01 10.45 -26.83
N THR A 111 -21.09 11.76 -26.63
CA THR A 111 -20.60 12.71 -27.62
C THR A 111 -19.35 13.41 -27.12
N ASP A 112 -18.90 13.07 -25.94
CA ASP A 112 -17.69 13.69 -25.39
C ASP A 112 -16.50 12.73 -25.25
N GLY A 113 -16.45 11.74 -26.11
CA GLY A 113 -15.34 10.79 -26.07
C GLY A 113 -15.46 9.68 -25.05
N GLY A 114 -16.67 9.42 -24.58
CA GLY A 114 -16.86 8.35 -23.62
C GLY A 114 -16.79 8.74 -22.15
N PHE A 115 -16.96 10.02 -21.84
CA PHE A 115 -16.91 10.46 -20.46
C PHE A 115 -18.28 10.53 -19.80
N THR A 116 -19.30 10.78 -20.61
CA THR A 116 -20.69 10.82 -20.12
C THR A 116 -21.54 10.13 -21.17
N PHE A 117 -22.46 9.29 -20.73
CA PHE A 117 -23.32 8.58 -21.66
C PHE A 117 -24.78 8.84 -21.39
N THR A 118 -25.56 8.86 -22.46
CA THR A 118 -26.99 9.04 -22.41
C THR A 118 -27.58 7.69 -22.80
N ALA A 119 -28.70 7.31 -22.21
CA ALA A 119 -29.27 6.01 -22.53
C ALA A 119 -30.42 6.04 -23.52
N LEU A 120 -30.46 5.02 -24.37
CA LEU A 120 -31.54 4.85 -25.35
C LEU A 120 -32.43 3.86 -24.62
N PRO A 121 -33.66 4.27 -24.26
CA PRO A 121 -34.64 3.46 -23.53
C PRO A 121 -35.05 2.10 -24.08
N ASP A 122 -35.07 1.93 -25.39
CA ASP A 122 -35.46 0.65 -25.95
C ASP A 122 -34.26 -0.20 -26.38
N PRO A 123 -34.18 -1.45 -25.89
CA PRO A 123 -33.09 -2.36 -26.22
C PRO A 123 -32.97 -2.60 -27.72
N VAL A 124 -31.75 -2.65 -28.22
CA VAL A 124 -31.51 -2.84 -29.64
C VAL A 124 -31.50 -4.30 -30.09
N ILE A 125 -31.45 -5.21 -29.13
CA ILE A 125 -31.48 -6.64 -29.42
C ILE A 125 -32.29 -7.26 -28.28
N VAL A 126 -33.55 -7.54 -28.57
CA VAL A 126 -34.47 -8.10 -27.58
C VAL A 126 -34.28 -9.59 -27.31
N ASN A 127 -34.48 -9.98 -26.06
CA ASN A 127 -34.35 -11.38 -25.70
C ASN A 127 -35.71 -12.04 -25.96
N THR A 128 -35.95 -12.38 -27.21
CA THR A 128 -37.21 -13.00 -27.59
C THR A 128 -37.44 -14.31 -26.88
N ASP A 129 -36.41 -15.16 -26.82
CA ASP A 129 -36.52 -16.46 -26.16
C ASP A 129 -37.08 -16.35 -24.76
N GLY A 130 -36.63 -15.33 -24.03
CA GLY A 130 -37.08 -15.14 -22.66
C GLY A 130 -38.58 -15.15 -22.47
N ARG A 131 -39.28 -14.30 -23.22
CA ARG A 131 -40.73 -14.22 -23.09
C ARG A 131 -41.45 -15.50 -23.49
N ALA A 132 -40.79 -16.34 -24.29
CA ALA A 132 -41.39 -17.59 -24.72
C ALA A 132 -40.97 -18.75 -23.83
N ALA A 133 -39.88 -18.57 -23.09
CA ALA A 133 -39.38 -19.61 -22.21
C ALA A 133 -40.43 -20.05 -21.20
N THR A 134 -40.56 -21.36 -21.04
CA THR A 134 -41.50 -21.94 -20.08
C THR A 134 -40.83 -23.14 -19.39
N THR A 135 -40.27 -24.04 -20.19
CA THR A 135 -39.60 -25.22 -19.67
C THR A 135 -38.33 -24.80 -18.94
N PRO A 136 -37.87 -25.63 -17.99
CA PRO A 136 -36.65 -25.31 -17.23
C PRO A 136 -35.41 -25.26 -18.12
N ALA A 137 -35.55 -25.73 -19.36
CA ALA A 137 -34.44 -25.72 -20.29
C ALA A 137 -34.42 -24.40 -21.05
N GLU A 138 -35.61 -23.96 -21.44
CA GLU A 138 -35.75 -22.73 -22.19
C GLU A 138 -35.40 -21.49 -21.39
N ILE A 139 -35.74 -21.47 -20.10
CA ILE A 139 -35.42 -20.30 -19.30
C ILE A 139 -33.94 -20.24 -18.98
N GLU A 140 -33.29 -21.39 -18.89
CA GLU A 140 -31.86 -21.43 -18.61
C GLU A 140 -31.15 -20.85 -19.83
N ASN A 141 -31.69 -21.14 -21.01
CA ASN A 141 -31.12 -20.64 -22.24
C ASN A 141 -31.36 -19.14 -22.32
N ALA A 142 -32.55 -18.72 -21.94
CA ALA A 142 -32.92 -17.31 -21.98
C ALA A 142 -32.15 -16.50 -20.94
N GLU A 143 -31.59 -17.17 -19.95
CA GLU A 143 -30.85 -16.49 -18.92
C GLU A 143 -29.36 -16.40 -19.21
N TRP A 144 -28.99 -16.67 -20.46
CA TRP A 144 -27.61 -16.59 -20.90
C TRP A 144 -27.63 -16.03 -22.31
N PHE A 145 -27.66 -14.71 -22.38
CA PHE A 145 -27.72 -13.97 -23.63
C PHE A 145 -27.08 -12.62 -23.27
N ARG A 146 -25.77 -12.63 -23.05
CA ARG A 146 -25.05 -11.43 -22.62
C ARG A 146 -23.64 -11.20 -23.17
N ASP A 147 -23.12 -10.01 -22.88
CA ASP A 147 -21.77 -9.59 -23.25
C ASP A 147 -21.51 -9.28 -24.73
N PRO A 148 -22.36 -8.43 -25.34
CA PRO A 148 -22.16 -8.09 -26.75
C PRO A 148 -20.79 -7.45 -27.07
N LYS A 149 -20.05 -8.07 -27.99
CA LYS A 149 -18.74 -7.57 -28.41
C LYS A 149 -18.92 -7.10 -29.84
N ILE A 150 -18.80 -5.79 -30.06
CA ILE A 150 -18.99 -5.19 -31.38
C ILE A 150 -17.69 -4.99 -32.16
N HIS A 151 -17.73 -5.31 -33.46
CA HIS A 151 -16.57 -5.19 -34.34
C HIS A 151 -16.99 -4.67 -35.71
N TRP A 152 -16.23 -3.75 -36.26
CA TRP A 152 -16.56 -3.24 -37.58
C TRP A 152 -15.90 -4.13 -38.64
N ASP A 153 -16.73 -4.79 -39.45
CA ASP A 153 -16.24 -5.66 -40.51
C ASP A 153 -15.88 -4.82 -41.73
N THR A 154 -14.60 -4.49 -41.84
CA THR A 154 -14.12 -3.66 -42.94
C THR A 154 -14.43 -4.18 -44.33
N ALA A 155 -14.38 -5.50 -44.50
CA ALA A 155 -14.65 -6.13 -45.78
C ALA A 155 -16.08 -5.96 -46.28
N ARG A 156 -17.05 -6.14 -45.38
CA ARG A 156 -18.44 -6.02 -45.76
C ARG A 156 -19.05 -4.64 -45.47
N GLY A 157 -18.35 -3.82 -44.70
CA GLY A 157 -18.84 -2.49 -44.37
C GLY A 157 -20.11 -2.48 -43.53
N GLU A 158 -20.09 -3.22 -42.44
CA GLU A 158 -21.22 -3.30 -41.53
C GLU A 158 -20.72 -3.72 -40.17
N TRP A 159 -21.57 -3.59 -39.15
CA TRP A 159 -21.18 -3.99 -37.82
C TRP A 159 -21.56 -5.44 -37.59
N VAL A 160 -20.73 -6.15 -36.86
CA VAL A 160 -21.04 -7.52 -36.52
C VAL A 160 -20.91 -7.56 -35.00
N CYS A 161 -21.77 -8.32 -34.34
CA CYS A 161 -21.76 -8.41 -32.89
C CYS A 161 -21.93 -9.85 -32.39
N VAL A 162 -21.09 -10.27 -31.46
CA VAL A 162 -21.18 -11.61 -30.91
C VAL A 162 -21.66 -11.55 -29.47
N ILE A 163 -22.58 -12.44 -29.12
CA ILE A 163 -23.14 -12.49 -27.79
C ILE A 163 -22.95 -13.88 -27.18
N GLY A 164 -22.61 -13.92 -25.90
CA GLY A 164 -22.40 -15.18 -25.22
C GLY A 164 -23.69 -15.83 -24.76
N ARG A 165 -23.83 -17.11 -25.07
CA ARG A 165 -25.00 -17.90 -24.72
C ARG A 165 -24.52 -19.14 -23.98
N LEU A 166 -25.44 -20.03 -23.61
CA LEU A 166 -25.05 -21.25 -22.90
C LEU A 166 -24.38 -22.27 -23.82
N ARG A 167 -23.08 -22.41 -23.65
CA ARG A 167 -22.28 -23.35 -24.43
C ARG A 167 -22.29 -23.09 -25.94
N TYR A 168 -22.51 -21.83 -26.32
CA TYR A 168 -22.50 -21.45 -27.72
C TYR A 168 -22.55 -19.93 -27.82
N ALA A 169 -22.33 -19.39 -29.01
CA ALA A 169 -22.34 -17.95 -29.21
C ALA A 169 -23.22 -17.53 -30.39
N ALA A 170 -23.89 -16.38 -30.25
CA ALA A 170 -24.77 -15.88 -31.31
C ALA A 170 -24.20 -14.67 -32.02
N PHE A 171 -24.53 -14.51 -33.30
CA PHE A 171 -24.04 -13.39 -34.09
C PHE A 171 -25.16 -12.56 -34.71
N TYR A 172 -24.90 -11.26 -34.82
CA TYR A 172 -25.83 -10.29 -35.39
C TYR A 172 -25.07 -9.25 -36.21
N THR A 173 -25.68 -8.78 -37.28
CA THR A 173 -25.06 -7.77 -38.11
C THR A 173 -25.96 -6.55 -38.11
N SER A 174 -25.39 -5.40 -38.44
CA SER A 174 -26.15 -4.16 -38.42
C SER A 174 -25.42 -3.06 -39.16
N PRO A 175 -26.17 -2.18 -39.82
CA PRO A 175 -25.56 -1.09 -40.54
C PRO A 175 -25.47 0.17 -39.68
N ASN A 176 -26.22 0.18 -38.57
CA ASN A 176 -26.28 1.36 -37.72
C ASN A 176 -26.21 1.16 -36.20
N LEU A 177 -25.76 0.01 -35.75
CA LEU A 177 -25.65 -0.27 -34.31
C LEU A 177 -27.00 -0.34 -33.59
N ARG A 178 -28.07 0.01 -34.29
CA ARG A 178 -29.40 -0.02 -33.70
C ARG A 178 -30.26 -1.19 -34.18
N ASP A 179 -30.35 -1.37 -35.49
CA ASP A 179 -31.14 -2.45 -36.06
C ASP A 179 -30.29 -3.68 -36.32
N TRP A 180 -30.51 -4.74 -35.56
CA TRP A 180 -29.71 -5.95 -35.72
C TRP A 180 -30.42 -7.12 -36.37
N THR A 181 -29.69 -7.81 -37.26
CA THR A 181 -30.22 -8.96 -37.97
C THR A 181 -29.50 -10.23 -37.47
N LEU A 182 -30.27 -11.20 -36.99
CA LEU A 182 -29.72 -12.44 -36.47
C LEU A 182 -29.01 -13.32 -37.50
N ARG A 183 -27.81 -13.79 -37.17
CA ARG A 183 -27.06 -14.65 -38.07
C ARG A 183 -26.95 -16.05 -37.48
N ARG A 184 -26.07 -16.86 -38.03
CA ARG A 184 -25.91 -18.23 -37.55
C ARG A 184 -25.00 -18.31 -36.34
N ASN A 185 -25.31 -19.25 -35.45
CA ASN A 185 -24.52 -19.44 -34.23
C ASN A 185 -23.19 -20.10 -34.47
N PHE A 186 -22.37 -20.08 -33.43
CA PHE A 186 -21.09 -20.73 -33.48
C PHE A 186 -21.17 -21.84 -32.45
N ASP A 187 -21.06 -23.08 -32.90
CA ASP A 187 -21.10 -24.20 -31.98
C ASP A 187 -19.75 -24.86 -31.94
N TYR A 188 -19.44 -25.51 -30.84
CA TYR A 188 -18.19 -26.21 -30.69
C TYR A 188 -18.49 -27.54 -29.99
N PRO A 189 -17.73 -28.58 -30.35
CA PRO A 189 -17.87 -29.94 -29.81
C PRO A 189 -17.74 -30.18 -28.32
N ASN A 190 -16.66 -29.70 -27.72
CA ASN A 190 -16.43 -29.94 -26.30
C ASN A 190 -17.11 -28.98 -25.33
N HIS A 191 -18.35 -29.28 -24.97
CA HIS A 191 -19.09 -28.43 -24.05
C HIS A 191 -18.55 -28.42 -22.63
N ALA A 192 -17.61 -29.32 -22.36
CA ALA A 192 -17.00 -29.40 -21.04
C ALA A 192 -15.92 -28.32 -20.93
N LEU A 193 -15.88 -27.46 -21.93
CA LEU A 193 -14.91 -26.38 -22.01
C LEU A 193 -15.36 -25.11 -21.27
N GLY A 194 -16.51 -24.58 -21.67
CA GLY A 194 -17.01 -23.37 -21.05
C GLY A 194 -18.23 -22.91 -21.83
N GLY A 195 -19.04 -22.07 -21.22
CA GLY A 195 -20.26 -21.64 -21.88
C GLY A 195 -20.26 -20.31 -22.58
N ILE A 196 -19.10 -19.76 -22.84
CA ILE A 196 -19.03 -18.48 -23.54
C ILE A 196 -19.56 -17.24 -22.80
N GLU A 197 -18.67 -16.56 -22.09
CA GLU A 197 -18.99 -15.33 -21.42
C GLU A 197 -17.96 -14.36 -21.98
N CYS A 198 -18.30 -13.08 -22.02
CA CYS A 198 -17.38 -12.05 -22.52
C CYS A 198 -16.66 -12.48 -23.79
N PRO A 199 -17.40 -12.80 -24.84
CA PRO A 199 -16.77 -13.23 -26.09
C PRO A 199 -15.98 -12.09 -26.69
N ASP A 200 -14.99 -12.43 -27.50
CA ASP A 200 -14.18 -11.42 -28.15
C ASP A 200 -14.23 -11.72 -29.64
N LEU A 201 -14.19 -10.68 -30.44
CA LEU A 201 -14.21 -10.84 -31.89
C LEU A 201 -13.36 -9.73 -32.49
N PHE A 202 -12.41 -10.13 -33.33
CA PHE A 202 -11.54 -9.15 -33.97
C PHE A 202 -10.75 -9.71 -35.13
N GLU A 203 -10.10 -8.81 -35.85
CA GLU A 203 -9.26 -9.16 -36.97
C GLU A 203 -7.84 -8.73 -36.63
N ILE A 204 -6.85 -9.50 -37.07
CA ILE A 204 -5.46 -9.16 -36.80
C ILE A 204 -4.57 -9.66 -37.93
N THR A 205 -3.45 -8.99 -38.16
CA THR A 205 -2.53 -9.40 -39.21
C THR A 205 -1.35 -10.09 -38.53
N ALA A 206 -0.95 -11.25 -39.07
CA ALA A 206 0.15 -12.03 -38.50
C ALA A 206 1.50 -11.55 -38.99
N ASP A 207 2.55 -12.21 -38.52
CA ASP A 207 3.90 -11.84 -38.90
C ASP A 207 4.20 -12.15 -40.36
N ASP A 208 3.28 -12.85 -41.04
CA ASP A 208 3.50 -13.16 -42.44
C ASP A 208 2.63 -12.27 -43.34
N GLY A 209 1.92 -11.32 -42.72
CA GLY A 209 1.08 -10.41 -43.47
C GLY A 209 -0.34 -10.85 -43.78
N THR A 210 -0.68 -12.07 -43.40
CA THR A 210 -2.02 -12.57 -43.66
C THR A 210 -3.03 -12.12 -42.61
N ARG A 211 -4.26 -11.85 -43.06
CA ARG A 211 -5.34 -11.40 -42.17
C ARG A 211 -6.07 -12.60 -41.61
N HIS A 212 -6.56 -12.45 -40.39
CA HIS A 212 -7.26 -13.55 -39.73
C HIS A 212 -8.25 -13.03 -38.72
N TRP A 213 -9.34 -13.78 -38.53
CA TRP A 213 -10.31 -13.41 -37.55
C TRP A 213 -10.04 -14.27 -36.32
N VAL A 214 -10.51 -13.81 -35.18
CA VAL A 214 -10.35 -14.54 -33.94
C VAL A 214 -11.63 -14.40 -33.15
N LEU A 215 -12.14 -15.53 -32.67
CA LEU A 215 -13.32 -15.55 -31.84
C LEU A 215 -12.82 -16.17 -30.55
N ALA A 216 -13.06 -15.49 -29.43
CA ALA A 216 -12.60 -16.00 -28.14
C ALA A 216 -13.66 -15.78 -27.05
N ALA A 217 -13.39 -16.27 -25.85
CA ALA A 217 -14.32 -16.10 -24.76
C ALA A 217 -13.77 -16.65 -23.45
N SER A 218 -14.39 -16.25 -22.35
CA SER A 218 -13.98 -16.73 -21.04
C SER A 218 -14.66 -18.08 -20.89
N MET A 219 -13.91 -19.04 -20.39
CA MET A 219 -14.42 -20.38 -20.25
C MET A 219 -14.29 -20.90 -18.83
N ASP A 220 -14.62 -22.18 -18.67
CA ASP A 220 -14.53 -22.86 -17.38
C ASP A 220 -14.28 -24.33 -17.73
N ALA A 221 -13.03 -24.68 -17.99
CA ALA A 221 -12.67 -26.04 -18.37
C ALA A 221 -11.96 -26.80 -17.26
N TYR A 222 -12.20 -26.37 -16.03
CA TYR A 222 -11.59 -26.98 -14.86
C TYR A 222 -11.91 -28.47 -14.76
N GLY A 223 -13.17 -28.81 -15.02
CA GLY A 223 -13.61 -30.19 -14.95
C GLY A 223 -12.80 -31.15 -15.80
N ILE A 224 -12.27 -30.68 -16.93
CA ILE A 224 -11.47 -31.55 -17.77
C ILE A 224 -9.98 -31.21 -17.73
N GLY A 225 -9.54 -30.67 -16.61
CA GLY A 225 -8.13 -30.31 -16.44
C GLY A 225 -7.60 -29.08 -17.16
N LEU A 226 -8.47 -28.32 -17.82
CA LEU A 226 -8.01 -27.13 -18.52
C LEU A 226 -8.31 -25.82 -17.76
N PRO A 227 -7.75 -24.70 -18.22
CA PRO A 227 -7.97 -23.41 -17.56
C PRO A 227 -9.39 -22.87 -17.52
N MET A 228 -9.60 -21.86 -16.69
CA MET A 228 -10.88 -21.21 -16.53
C MET A 228 -10.65 -19.75 -16.93
N THR A 229 -9.83 -19.56 -17.95
CA THR A 229 -9.48 -18.22 -18.40
C THR A 229 -10.06 -17.80 -19.76
N TYR A 230 -9.19 -17.65 -20.75
CA TYR A 230 -9.60 -17.18 -22.07
C TYR A 230 -9.09 -18.11 -23.17
N ALA A 231 -10.02 -18.56 -24.01
CA ALA A 231 -9.69 -19.45 -25.12
C ALA A 231 -10.18 -18.86 -26.44
N TYR A 232 -9.39 -19.06 -27.49
CA TYR A 232 -9.74 -18.50 -28.78
C TYR A 232 -9.64 -19.48 -29.96
N TRP A 233 -10.40 -19.18 -31.01
CA TRP A 233 -10.43 -19.95 -32.25
C TRP A 233 -10.10 -19.01 -33.40
N THR A 234 -8.98 -19.20 -34.08
CA THR A 234 -8.68 -18.35 -35.23
C THR A 234 -9.66 -18.78 -36.32
N GLY A 235 -9.89 -17.94 -37.31
CA GLY A 235 -10.81 -18.31 -38.38
C GLY A 235 -11.27 -17.13 -39.22
N THR A 236 -12.45 -17.26 -39.81
CA THR A 236 -13.00 -16.19 -40.65
C THR A 236 -14.49 -16.03 -40.43
N TRP A 237 -14.98 -14.81 -40.62
CA TRP A 237 -16.39 -14.47 -40.50
C TRP A 237 -16.80 -14.01 -41.87
N ASP A 238 -17.80 -14.67 -42.45
CA ASP A 238 -18.25 -14.31 -43.80
C ASP A 238 -19.50 -13.44 -43.83
N GLY A 239 -19.99 -13.04 -42.66
CA GLY A 239 -21.17 -12.19 -42.63
C GLY A 239 -22.41 -12.95 -42.25
N GLU A 240 -22.28 -14.25 -42.02
CA GLU A 240 -23.43 -15.06 -41.63
C GLU A 240 -23.04 -16.08 -40.57
N GLN A 241 -21.79 -16.54 -40.60
CA GLN A 241 -21.32 -17.51 -39.62
C GLN A 241 -19.80 -17.49 -39.48
N PHE A 242 -19.31 -17.98 -38.34
CA PHE A 242 -17.90 -18.01 -38.08
C PHE A 242 -17.31 -19.39 -38.35
N HIS A 243 -16.24 -19.43 -39.14
CA HIS A 243 -15.57 -20.68 -39.48
C HIS A 243 -14.26 -20.82 -38.73
N ALA A 244 -14.23 -21.68 -37.72
CA ALA A 244 -13.02 -21.90 -36.95
C ALA A 244 -12.05 -22.80 -37.72
N ASP A 245 -10.77 -22.44 -37.70
CA ASP A 245 -9.78 -23.24 -38.40
C ASP A 245 -9.66 -24.60 -37.75
N ASP A 246 -10.02 -24.67 -36.48
CA ASP A 246 -9.99 -25.90 -35.70
C ASP A 246 -10.97 -25.67 -34.57
N LEU A 247 -11.84 -26.65 -34.32
CA LEU A 247 -12.84 -26.50 -33.27
C LEU A 247 -12.30 -26.60 -31.85
N THR A 248 -11.04 -27.03 -31.71
CA THR A 248 -10.41 -27.13 -30.40
C THR A 248 -9.68 -25.80 -30.23
N PRO A 249 -10.12 -24.98 -29.27
CA PRO A 249 -9.52 -23.68 -29.01
C PRO A 249 -8.15 -23.67 -28.35
N GLN A 250 -7.46 -22.55 -28.48
CA GLN A 250 -6.16 -22.35 -27.88
C GLN A 250 -6.33 -21.48 -26.64
N TRP A 251 -5.49 -21.65 -25.64
CA TRP A 251 -5.59 -20.84 -24.42
C TRP A 251 -4.61 -19.69 -24.36
N LEU A 252 -5.05 -18.58 -23.78
CA LEU A 252 -4.21 -17.39 -23.65
C LEU A 252 -3.56 -17.26 -22.27
N ASP A 253 -4.07 -18.00 -21.27
CA ASP A 253 -3.49 -17.97 -19.93
C ASP A 253 -3.79 -19.30 -19.22
N TRP A 254 -2.81 -19.80 -18.50
CA TRP A 254 -2.96 -21.07 -17.79
C TRP A 254 -3.00 -20.90 -16.29
N GLY A 255 -3.04 -19.65 -15.84
CA GLY A 255 -3.09 -19.37 -14.42
C GLY A 255 -4.52 -19.42 -13.90
N TRP A 256 -4.69 -19.17 -12.60
CA TRP A 256 -6.02 -19.19 -11.96
C TRP A 256 -6.87 -17.95 -12.16
N ASP A 257 -6.22 -16.79 -12.26
CA ASP A 257 -6.96 -15.53 -12.36
C ASP A 257 -6.66 -14.67 -13.57
N TRP A 258 -7.52 -14.80 -14.56
CA TRP A 258 -7.41 -14.04 -15.80
C TRP A 258 -8.75 -14.27 -16.48
N TYR A 259 -9.80 -13.78 -15.85
CA TYR A 259 -11.14 -13.95 -16.33
C TYR A 259 -11.69 -12.69 -16.96
N ALA A 260 -12.72 -12.85 -17.79
CA ALA A 260 -13.37 -11.73 -18.47
C ALA A 260 -12.39 -10.89 -19.28
N ALA A 261 -11.32 -11.51 -19.76
CA ALA A 261 -10.30 -10.81 -20.54
C ALA A 261 -10.85 -10.16 -21.81
N VAL A 262 -10.29 -9.00 -22.14
CA VAL A 262 -10.68 -8.26 -23.36
C VAL A 262 -9.42 -7.81 -24.09
N THR A 263 -9.56 -7.55 -25.39
CA THR A 263 -8.42 -7.10 -26.17
C THR A 263 -8.83 -5.87 -26.97
N TRP A 264 -7.86 -5.03 -27.30
CA TRP A 264 -8.13 -3.85 -28.09
C TRP A 264 -6.92 -3.54 -28.93
N PRO A 265 -7.12 -2.88 -30.07
CA PRO A 265 -6.01 -2.54 -30.97
C PRO A 265 -5.13 -1.46 -30.36
N SER A 266 -3.82 -1.61 -30.50
CA SER A 266 -2.90 -0.62 -29.97
C SER A 266 -2.96 0.59 -30.89
N ILE A 267 -2.70 1.76 -30.32
CA ILE A 267 -2.75 2.98 -31.10
C ILE A 267 -1.66 3.02 -32.17
N ASP A 268 -0.45 2.63 -31.82
CA ASP A 268 0.71 2.64 -32.72
C ASP A 268 0.75 1.61 -33.85
N ALA A 269 0.11 0.46 -33.67
CA ALA A 269 0.11 -0.58 -34.70
C ALA A 269 -1.16 -1.41 -34.53
N PRO A 270 -2.33 -0.79 -34.78
CA PRO A 270 -3.65 -1.39 -34.67
C PRO A 270 -3.94 -2.71 -35.37
N GLU A 271 -3.26 -2.99 -36.48
CA GLU A 271 -3.52 -4.22 -37.22
C GLU A 271 -2.71 -5.44 -36.77
N THR A 272 -1.50 -5.21 -36.24
CA THR A 272 -0.63 -6.30 -35.82
C THR A 272 -0.43 -6.49 -34.32
N LYS A 273 -0.61 -5.41 -33.55
CA LYS A 273 -0.40 -5.49 -32.11
C LYS A 273 -1.65 -5.13 -31.32
N ARG A 274 -2.12 -6.05 -30.50
CA ARG A 274 -3.28 -5.76 -29.69
C ARG A 274 -2.89 -5.74 -28.22
N LEU A 275 -3.70 -5.07 -27.41
CA LEU A 275 -3.45 -5.00 -25.99
C LEU A 275 -4.53 -5.80 -25.32
N ALA A 276 -4.24 -6.33 -24.14
CA ALA A 276 -5.23 -7.13 -23.44
C ALA A 276 -5.07 -6.97 -21.95
N ILE A 277 -6.18 -7.09 -21.24
CA ILE A 277 -6.21 -6.97 -19.80
C ILE A 277 -7.36 -7.81 -19.28
N ALA A 278 -7.18 -8.39 -18.11
CA ALA A 278 -8.22 -9.23 -17.52
C ALA A 278 -8.42 -8.97 -16.05
N TRP A 279 -9.54 -9.46 -15.53
CA TRP A 279 -9.87 -9.33 -14.12
C TRP A 279 -9.14 -10.47 -13.42
N MET A 280 -8.26 -10.14 -12.47
CA MET A 280 -7.52 -11.18 -11.78
C MET A 280 -8.35 -11.77 -10.65
N ASN A 281 -9.28 -12.64 -11.04
CA ASN A 281 -10.14 -13.28 -10.09
C ASN A 281 -10.75 -14.52 -10.74
N ASN A 282 -11.40 -15.34 -9.94
CA ASN A 282 -12.02 -16.56 -10.42
C ASN A 282 -13.31 -16.75 -9.64
N TRP A 283 -14.40 -17.03 -10.36
CA TRP A 283 -15.69 -17.19 -9.73
C TRP A 283 -15.81 -18.38 -8.76
N LYS A 284 -14.79 -19.24 -8.73
CA LYS A 284 -14.83 -20.36 -7.79
C LYS A 284 -14.79 -19.79 -6.39
N TYR A 285 -14.26 -18.58 -6.25
CA TYR A 285 -14.13 -17.94 -4.95
C TYR A 285 -14.20 -16.40 -4.98
N ALA A 286 -14.56 -15.83 -6.13
CA ALA A 286 -14.63 -14.39 -6.28
C ALA A 286 -15.57 -13.69 -5.30
N ALA A 287 -16.73 -14.28 -5.04
CA ALA A 287 -17.71 -13.69 -4.12
C ALA A 287 -17.27 -13.90 -2.68
N ARG A 288 -16.45 -12.99 -2.18
CA ARG A 288 -15.93 -13.09 -0.82
C ARG A 288 -15.16 -11.81 -0.51
N ASP A 289 -14.69 -11.71 0.72
CA ASP A 289 -13.90 -10.56 1.12
C ASP A 289 -12.43 -10.93 0.96
N VAL A 290 -11.63 -9.97 0.51
CA VAL A 290 -10.21 -10.18 0.32
C VAL A 290 -9.45 -9.26 1.27
N PRO A 291 -8.14 -9.48 1.41
CA PRO A 291 -7.32 -8.65 2.30
C PRO A 291 -7.48 -7.15 2.12
N THR A 292 -7.53 -6.67 0.89
CA THR A 292 -7.67 -5.24 0.65
C THR A 292 -8.99 -4.64 1.11
N ASP A 293 -10.00 -5.47 1.36
CA ASP A 293 -11.28 -4.96 1.83
C ASP A 293 -11.16 -4.30 3.20
N ALA A 294 -10.59 -5.04 4.15
CA ALA A 294 -10.42 -4.53 5.50
C ALA A 294 -9.32 -3.49 5.60
N SER A 295 -8.31 -3.61 4.75
CA SER A 295 -7.20 -2.68 4.79
C SER A 295 -7.39 -1.44 3.92
N ASP A 296 -8.23 -1.53 2.90
CA ASP A 296 -8.44 -0.39 2.02
C ASP A 296 -9.84 -0.17 1.47
N GLY A 297 -10.77 -1.08 1.78
CA GLY A 297 -12.13 -0.89 1.31
C GLY A 297 -12.45 -1.18 -0.14
N TYR A 298 -11.55 -1.88 -0.85
CA TYR A 298 -11.82 -2.24 -2.23
C TYR A 298 -11.53 -3.71 -2.42
N ASN A 299 -12.15 -4.31 -3.43
CA ASN A 299 -11.97 -5.71 -3.71
C ASN A 299 -11.74 -5.94 -5.20
N GLY A 300 -10.54 -6.40 -5.56
CA GLY A 300 -10.24 -6.68 -6.95
C GLY A 300 -9.22 -5.84 -7.70
N GLN A 301 -8.48 -6.49 -8.61
CA GLN A 301 -7.48 -5.81 -9.44
C GLN A 301 -7.43 -6.47 -10.80
N ASN A 302 -6.96 -5.72 -11.79
CA ASN A 302 -6.82 -6.26 -13.13
C ASN A 302 -5.38 -6.75 -13.28
N SER A 303 -5.15 -7.55 -14.29
CA SER A 303 -3.82 -8.09 -14.53
C SER A 303 -2.99 -7.00 -15.17
N ILE A 304 -1.72 -7.29 -15.41
CA ILE A 304 -0.86 -6.33 -16.09
C ILE A 304 -1.41 -6.32 -17.52
N VAL A 305 -1.19 -5.24 -18.26
CA VAL A 305 -1.66 -5.20 -19.64
C VAL A 305 -0.61 -5.92 -20.48
N ARG A 306 -1.05 -6.82 -21.34
CA ARG A 306 -0.11 -7.56 -22.18
C ARG A 306 -0.32 -7.17 -23.64
N GLU A 307 0.73 -7.39 -24.43
CA GLU A 307 0.70 -7.12 -25.86
C GLU A 307 0.52 -8.46 -26.55
N LEU A 308 -0.31 -8.48 -27.58
CA LEU A 308 -0.55 -9.72 -28.32
C LEU A 308 -0.17 -9.58 -29.78
N ARG A 309 0.35 -10.65 -30.36
CA ARG A 309 0.69 -10.68 -31.78
C ARG A 309 0.40 -12.08 -32.28
N LEU A 310 0.08 -12.21 -33.57
CA LEU A 310 -0.25 -13.49 -34.16
C LEU A 310 0.91 -14.01 -35.00
N ALA A 311 1.41 -15.19 -34.66
CA ALA A 311 2.53 -15.77 -35.38
C ALA A 311 2.19 -17.06 -36.12
N ARG A 312 2.61 -17.13 -37.37
CA ARG A 312 2.36 -18.31 -38.19
C ARG A 312 3.17 -19.48 -37.64
N GLN A 313 2.60 -20.68 -37.69
CA GLN A 313 3.29 -21.87 -37.22
C GLN A 313 3.42 -22.85 -38.37
N PRO A 314 4.36 -23.80 -38.27
CA PRO A 314 4.53 -24.77 -39.36
C PRO A 314 3.23 -25.54 -39.53
N GLY A 315 2.80 -25.71 -40.77
CA GLY A 315 1.57 -26.43 -41.02
C GLY A 315 0.49 -25.45 -41.43
N GLY A 316 0.81 -24.16 -41.33
CA GLY A 316 -0.14 -23.14 -41.72
C GLY A 316 -1.19 -22.71 -40.70
N TRP A 317 -0.92 -22.92 -39.42
CA TRP A 317 -1.86 -22.49 -38.38
C TRP A 317 -1.25 -21.29 -37.65
N TYR A 318 -2.07 -20.62 -36.85
CA TYR A 318 -1.62 -19.43 -36.13
C TYR A 318 -1.84 -19.44 -34.62
N THR A 319 -0.92 -18.84 -33.89
CA THR A 319 -1.04 -18.81 -32.44
C THR A 319 -0.70 -17.41 -31.92
N LEU A 320 -1.19 -17.07 -30.74
CA LEU A 320 -0.92 -15.76 -30.14
C LEU A 320 0.29 -15.82 -29.21
N LEU A 321 0.98 -14.70 -29.08
CA LEU A 321 2.15 -14.61 -28.21
C LEU A 321 1.96 -13.40 -27.30
N SER A 322 2.24 -13.58 -26.01
CA SER A 322 2.07 -12.51 -25.02
C SER A 322 3.39 -12.02 -24.45
N THR A 323 3.38 -10.77 -24.01
CA THR A 323 4.53 -10.14 -23.38
C THR A 323 4.02 -8.90 -22.66
N PRO A 324 4.62 -8.59 -21.49
CA PRO A 324 4.19 -7.41 -20.72
C PRO A 324 4.17 -6.16 -21.57
N VAL A 325 3.25 -5.25 -21.27
CA VAL A 325 3.16 -4.00 -22.01
C VAL A 325 4.52 -3.33 -21.92
N ALA A 326 5.03 -2.90 -23.07
CA ALA A 326 6.35 -2.27 -23.14
C ALA A 326 6.60 -1.12 -22.17
N ALA A 327 5.61 -0.25 -21.98
CA ALA A 327 5.79 0.90 -21.10
C ALA A 327 6.11 0.59 -19.63
N LEU A 328 5.92 -0.66 -19.21
CA LEU A 328 6.21 -1.02 -17.82
C LEU A 328 7.67 -0.70 -17.48
N THR A 329 8.51 -0.68 -18.49
CA THR A 329 9.92 -0.39 -18.32
C THR A 329 10.16 1.01 -17.76
N ASN A 330 9.21 1.92 -17.97
CA ASN A 330 9.35 3.28 -17.48
C ASN A 330 9.06 3.40 -16.00
N TYR A 331 8.56 2.33 -15.38
CA TYR A 331 8.25 2.38 -13.97
C TYR A 331 9.31 1.67 -13.13
N VAL A 332 10.38 1.22 -13.79
CA VAL A 332 11.47 0.54 -13.10
C VAL A 332 12.29 1.57 -12.34
N THR A 333 12.50 1.34 -11.05
CA THR A 333 13.24 2.28 -10.22
C THR A 333 14.62 1.77 -9.81
N ALA A 334 14.90 0.52 -10.11
CA ALA A 334 16.18 -0.08 -9.77
C ALA A 334 16.33 -1.41 -10.49
N THR A 335 17.53 -1.67 -11.01
CA THR A 335 17.82 -2.89 -11.72
C THR A 335 18.98 -3.59 -11.04
N THR A 336 18.72 -4.75 -10.47
CA THR A 336 19.75 -5.49 -9.76
C THR A 336 20.10 -6.79 -10.45
N THR A 337 21.39 -6.99 -10.68
CA THR A 337 21.88 -8.19 -11.31
C THR A 337 22.62 -9.03 -10.29
N LEU A 338 22.34 -10.33 -10.27
CA LEU A 338 23.00 -11.24 -9.35
C LEU A 338 23.81 -12.26 -10.15
N PRO A 339 25.07 -12.47 -9.76
CA PRO A 339 25.96 -13.42 -10.44
C PRO A 339 25.37 -14.80 -10.69
N ASP A 340 25.74 -15.40 -11.83
CA ASP A 340 25.24 -16.73 -12.18
C ASP A 340 25.67 -17.70 -11.09
N ARG A 341 24.89 -18.75 -10.90
CA ARG A 341 25.22 -19.72 -9.87
C ARG A 341 24.61 -21.08 -10.10
N THR A 342 25.26 -22.09 -9.55
CA THR A 342 24.79 -23.45 -9.65
C THR A 342 24.23 -23.81 -8.29
N VAL A 343 23.06 -24.43 -8.27
CA VAL A 343 22.47 -24.81 -7.00
C VAL A 343 22.01 -26.25 -7.02
N ASP A 344 22.29 -26.96 -5.94
CA ASP A 344 21.88 -28.36 -5.80
C ASP A 344 21.20 -28.43 -4.45
N GLY A 345 19.88 -28.27 -4.48
CA GLY A 345 19.12 -28.29 -3.24
C GLY A 345 18.38 -26.97 -3.08
N SER A 346 18.99 -26.03 -2.37
CA SER A 346 18.34 -24.73 -2.16
C SER A 346 19.32 -23.63 -1.82
N ALA A 347 18.99 -22.41 -2.22
CA ALA A 347 19.82 -21.24 -1.95
C ALA A 347 18.94 -20.00 -1.95
N VAL A 348 19.19 -19.11 -0.99
CA VAL A 348 18.42 -17.89 -0.86
C VAL A 348 19.16 -16.71 -1.48
N LEU A 349 18.50 -16.02 -2.41
CA LEU A 349 19.08 -14.85 -3.07
C LEU A 349 19.12 -13.65 -2.14
N PRO A 350 20.16 -12.82 -2.23
CA PRO A 350 20.26 -11.64 -1.38
C PRO A 350 19.47 -10.47 -1.95
N TRP A 351 18.15 -10.60 -2.00
CA TRP A 351 17.29 -9.55 -2.53
C TRP A 351 15.90 -9.66 -1.90
N ASN A 352 15.31 -8.52 -1.57
CA ASN A 352 13.96 -8.52 -0.98
C ASN A 352 13.09 -7.39 -1.55
N GLY A 353 11.83 -7.69 -1.81
CA GLY A 353 10.93 -6.68 -2.34
C GLY A 353 9.53 -7.22 -2.53
N ARG A 354 8.56 -6.35 -2.82
CA ARG A 354 7.16 -6.75 -3.01
C ARG A 354 6.62 -6.50 -4.43
N ALA A 355 7.24 -5.59 -5.15
CA ALA A 355 6.80 -5.25 -6.50
C ALA A 355 8.00 -5.18 -7.42
N TYR A 356 8.12 -6.18 -8.28
CA TYR A 356 9.25 -6.23 -9.17
C TYR A 356 9.04 -7.25 -10.27
N GLU A 357 10.00 -7.28 -11.17
CA GLU A 357 10.01 -8.23 -12.28
C GLU A 357 11.33 -8.96 -12.14
N ILE A 358 11.30 -10.29 -12.23
CA ILE A 358 12.54 -11.05 -12.16
C ILE A 358 12.67 -11.92 -13.42
N GLU A 359 13.81 -11.83 -14.09
CA GLU A 359 14.09 -12.62 -15.29
C GLU A 359 15.28 -13.52 -15.05
N LEU A 360 15.19 -14.76 -15.50
CA LEU A 360 16.29 -15.69 -15.33
C LEU A 360 16.17 -16.91 -16.24
N ASP A 361 17.28 -17.63 -16.36
CA ASP A 361 17.35 -18.85 -17.14
C ASP A 361 17.72 -19.97 -16.21
N ILE A 362 17.22 -21.17 -16.48
CA ILE A 362 17.52 -22.33 -15.67
C ILE A 362 17.90 -23.48 -16.61
N ALA A 363 19.07 -24.05 -16.37
CA ALA A 363 19.56 -25.16 -17.19
C ALA A 363 19.92 -26.31 -16.27
N TRP A 364 19.51 -27.52 -16.64
CA TRP A 364 19.79 -28.68 -15.81
C TRP A 364 19.97 -29.93 -16.67
N ASP A 365 20.19 -31.06 -16.01
CA ASP A 365 20.37 -32.33 -16.71
C ASP A 365 19.59 -33.47 -16.06
N THR A 366 20.07 -33.96 -14.92
CA THR A 366 19.41 -35.06 -14.24
C THR A 366 18.28 -34.60 -13.31
N ALA A 367 18.33 -33.34 -12.87
CA ALA A 367 17.32 -32.80 -11.97
C ALA A 367 15.91 -33.05 -12.47
N THR A 368 15.03 -33.45 -11.56
CA THR A 368 13.63 -33.72 -11.91
C THR A 368 12.74 -32.54 -11.56
N ASN A 369 13.27 -31.64 -10.75
CA ASN A 369 12.52 -30.47 -10.36
C ASN A 369 13.47 -29.30 -10.19
N VAL A 370 13.15 -28.19 -10.87
CA VAL A 370 13.94 -26.97 -10.76
C VAL A 370 12.94 -25.84 -10.59
N GLY A 371 13.35 -24.78 -9.91
CA GLY A 371 12.43 -23.68 -9.73
C GLY A 371 12.90 -22.53 -8.88
N ILE A 372 12.04 -21.55 -8.76
CA ILE A 372 12.31 -20.36 -7.98
C ILE A 372 11.12 -20.13 -7.07
N SER A 373 11.38 -19.63 -5.86
CA SER A 373 10.30 -19.33 -4.93
C SER A 373 10.26 -17.83 -4.69
N VAL A 374 9.09 -17.22 -4.86
CA VAL A 374 8.95 -15.78 -4.63
C VAL A 374 8.06 -15.50 -3.42
N GLY A 375 8.17 -14.31 -2.86
CA GLY A 375 7.37 -13.96 -1.70
C GLY A 375 7.71 -14.85 -0.53
N ARG A 376 8.98 -15.19 -0.40
CA ARG A 376 9.45 -16.05 0.66
C ARG A 376 9.62 -15.30 1.98
N SER A 377 8.99 -15.82 3.03
CA SER A 377 9.11 -15.22 4.36
C SER A 377 10.35 -15.82 5.00
N PRO A 378 11.08 -15.03 5.80
CA PRO A 378 12.28 -15.57 6.43
C PRO A 378 12.03 -16.71 7.43
N ASP A 379 10.78 -16.90 7.87
CA ASP A 379 10.53 -18.00 8.80
C ASP A 379 10.46 -19.29 8.00
N GLY A 380 10.61 -19.14 6.68
CA GLY A 380 10.60 -20.28 5.78
C GLY A 380 9.29 -20.98 5.50
N THR A 381 8.20 -20.50 6.08
CA THR A 381 6.90 -21.13 5.89
C THR A 381 6.09 -20.68 4.69
N ARG A 382 6.27 -19.44 4.26
CA ARG A 382 5.47 -18.96 3.14
C ARG A 382 6.26 -18.68 1.88
N HIS A 383 5.69 -19.06 0.74
CA HIS A 383 6.32 -18.86 -0.56
C HIS A 383 5.46 -19.38 -1.71
N THR A 384 5.70 -18.84 -2.90
CA THR A 384 4.99 -19.27 -4.09
C THR A 384 6.04 -19.86 -5.00
N ASN A 385 5.83 -21.11 -5.41
CA ASN A 385 6.79 -21.80 -6.25
C ASN A 385 6.53 -21.77 -7.76
N ILE A 386 7.53 -21.33 -8.52
CA ILE A 386 7.46 -21.31 -9.98
C ILE A 386 8.53 -22.28 -10.47
N GLY A 387 8.13 -23.35 -11.13
CA GLY A 387 9.12 -24.31 -11.60
C GLY A 387 8.70 -25.25 -12.72
N LYS A 388 9.62 -26.13 -13.12
CA LYS A 388 9.34 -27.09 -14.17
C LYS A 388 9.46 -28.49 -13.61
N TYR A 389 8.43 -29.28 -13.86
CA TYR A 389 8.36 -30.66 -13.39
C TYR A 389 7.58 -31.49 -14.42
N GLY A 390 8.18 -32.57 -14.88
CA GLY A 390 7.51 -33.39 -15.87
C GLY A 390 7.22 -32.57 -17.11
N ALA A 391 5.97 -32.51 -17.52
CA ALA A 391 5.57 -31.74 -18.69
C ALA A 391 4.91 -30.44 -18.28
N ASP A 392 5.07 -30.09 -17.01
CA ASP A 392 4.47 -28.88 -16.47
C ASP A 392 5.40 -27.74 -16.13
N LEU A 393 4.95 -26.52 -16.42
CA LEU A 393 5.67 -25.34 -16.02
C LEU A 393 4.64 -24.87 -15.02
N TYR A 394 4.90 -25.12 -13.75
CA TYR A 394 3.94 -24.81 -12.70
C TYR A 394 4.15 -23.59 -11.83
N VAL A 395 3.04 -23.11 -11.29
CA VAL A 395 3.03 -21.99 -10.37
C VAL A 395 2.17 -22.51 -9.21
N ASP A 396 2.80 -22.72 -8.07
CA ASP A 396 2.10 -23.25 -6.90
C ASP A 396 2.05 -22.22 -5.80
N ARG A 397 0.88 -21.63 -5.63
CA ARG A 397 0.68 -20.61 -4.61
C ARG A 397 0.25 -21.24 -3.30
N GLY A 398 0.27 -22.57 -3.26
CA GLY A 398 -0.14 -23.30 -2.08
C GLY A 398 0.49 -22.85 -0.77
N PRO A 399 1.83 -22.80 -0.68
CA PRO A 399 2.51 -22.38 0.55
C PRO A 399 2.33 -20.91 0.87
N SER A 400 1.48 -20.24 0.09
CA SER A 400 1.20 -18.84 0.31
C SER A 400 -0.23 -18.62 0.78
N ASP A 401 -0.95 -19.71 1.04
CA ASP A 401 -2.33 -19.59 1.52
C ASP A 401 -2.39 -18.69 2.74
N LEU A 402 -3.41 -17.83 2.79
CA LEU A 402 -3.57 -16.89 3.89
C LEU A 402 -4.76 -17.19 4.76
N ALA A 403 -4.51 -17.37 6.05
CA ALA A 403 -5.53 -17.65 7.05
C ALA A 403 -6.76 -16.77 6.90
N GLY A 404 -7.91 -17.40 6.62
CA GLY A 404 -9.14 -16.64 6.47
C GLY A 404 -9.36 -16.11 5.06
N TYR A 405 -8.43 -16.40 4.17
CA TYR A 405 -8.53 -15.96 2.78
C TYR A 405 -7.93 -17.03 1.87
N SER A 406 -7.79 -18.23 2.43
CA SER A 406 -7.23 -19.37 1.72
C SER A 406 -7.82 -19.56 0.32
N LEU A 407 -6.96 -19.92 -0.63
CA LEU A 407 -7.40 -20.17 -2.01
C LEU A 407 -7.52 -21.66 -2.28
N ALA A 408 -7.25 -22.49 -1.27
CA ALA A 408 -7.34 -23.93 -1.44
C ALA A 408 -8.73 -24.28 -1.97
N PRO A 409 -8.85 -25.32 -2.78
CA PRO A 409 -7.81 -26.23 -3.27
C PRO A 409 -7.10 -25.80 -4.56
N TYR A 410 -7.43 -24.64 -5.09
CA TYR A 410 -6.82 -24.15 -6.32
C TYR A 410 -5.46 -23.54 -6.05
N SER A 411 -4.47 -24.41 -5.86
CA SER A 411 -3.12 -23.97 -5.52
C SER A 411 -2.07 -24.09 -6.62
N ARG A 412 -2.11 -25.20 -7.34
CA ARG A 412 -1.12 -25.46 -8.38
C ARG A 412 -1.65 -25.32 -9.78
N ALA A 413 -1.23 -24.26 -10.46
CA ALA A 413 -1.64 -24.04 -11.83
C ALA A 413 -0.45 -24.53 -12.66
N ALA A 414 -0.71 -24.94 -13.90
CA ALA A 414 0.37 -25.42 -14.74
C ALA A 414 0.07 -25.20 -16.21
N ALA A 415 1.13 -24.94 -16.96
CA ALA A 415 1.03 -24.75 -18.40
C ALA A 415 1.84 -25.87 -19.01
N PRO A 416 1.45 -26.32 -20.20
CA PRO A 416 2.21 -27.40 -20.83
C PRO A 416 3.59 -26.93 -21.29
N ILE A 417 4.57 -27.80 -21.14
CA ILE A 417 5.94 -27.51 -21.57
C ILE A 417 6.58 -28.83 -21.98
N ASP A 418 7.41 -28.79 -23.01
CA ASP A 418 8.07 -29.99 -23.51
C ASP A 418 8.83 -30.67 -22.37
N PRO A 419 8.40 -31.88 -21.98
CA PRO A 419 9.06 -32.60 -20.91
C PRO A 419 10.53 -32.90 -21.21
N GLY A 420 10.89 -32.80 -22.48
CA GLY A 420 12.27 -33.04 -22.87
C GLY A 420 13.17 -31.82 -22.73
N ALA A 421 12.57 -30.67 -22.41
CA ALA A 421 13.34 -29.45 -22.26
C ALA A 421 14.28 -29.56 -21.05
N ARG A 422 15.50 -29.05 -21.21
CA ARG A 422 16.49 -29.10 -20.14
C ARG A 422 16.89 -27.69 -19.70
N SER A 423 16.11 -26.71 -20.13
CA SER A 423 16.33 -25.32 -19.77
C SER A 423 15.08 -24.54 -20.12
N VAL A 424 14.92 -23.38 -19.51
CA VAL A 424 13.75 -22.55 -19.74
C VAL A 424 14.05 -21.13 -19.31
N HIS A 425 13.39 -20.18 -19.95
CA HIS A 425 13.55 -18.79 -19.62
C HIS A 425 12.28 -18.37 -18.90
N LEU A 426 12.42 -17.56 -17.86
CA LEU A 426 11.25 -17.10 -17.13
C LEU A 426 11.29 -15.60 -16.86
N ARG A 427 10.14 -14.97 -17.05
CA ARG A 427 9.99 -13.55 -16.79
C ARG A 427 8.83 -13.49 -15.82
N ILE A 428 9.11 -13.15 -14.58
CA ILE A 428 8.10 -13.15 -13.54
C ILE A 428 7.77 -11.78 -12.91
N LEU A 429 6.50 -11.40 -12.98
CA LEU A 429 6.03 -10.13 -12.41
C LEU A 429 5.36 -10.37 -11.05
N VAL A 430 5.96 -9.81 -10.01
CA VAL A 430 5.44 -9.93 -8.66
C VAL A 430 4.93 -8.59 -8.17
N ASP A 431 3.73 -8.59 -7.59
CA ASP A 431 3.14 -7.39 -7.04
C ASP A 431 2.56 -7.81 -5.69
N THR A 432 2.12 -6.86 -4.87
CA THR A 432 1.62 -7.16 -3.54
C THR A 432 0.54 -8.22 -3.38
N GLN A 433 -0.24 -8.47 -4.42
CA GLN A 433 -1.30 -9.47 -4.33
C GLN A 433 -1.35 -10.34 -5.59
N SER A 434 -0.23 -10.47 -6.30
CA SER A 434 -0.24 -11.27 -7.51
C SER A 434 1.12 -11.74 -8.05
N VAL A 435 1.04 -12.74 -8.92
CA VAL A 435 2.19 -13.30 -9.58
C VAL A 435 1.76 -13.62 -11.01
N GLU A 436 2.53 -13.15 -11.98
CA GLU A 436 2.24 -13.41 -13.40
C GLU A 436 3.52 -13.91 -14.05
N VAL A 437 3.47 -15.13 -14.55
CA VAL A 437 4.64 -15.76 -15.18
C VAL A 437 4.56 -15.86 -16.70
N PHE A 438 5.50 -15.20 -17.38
CA PHE A 438 5.58 -15.25 -18.85
C PHE A 438 6.71 -16.22 -19.18
N VAL A 439 6.35 -17.38 -19.69
CA VAL A 439 7.31 -18.43 -19.99
C VAL A 439 7.91 -18.39 -21.42
N ASN A 440 9.23 -18.53 -21.49
CA ASN A 440 9.93 -18.52 -22.76
C ASN A 440 9.62 -17.31 -23.63
N ALA A 441 9.07 -17.57 -24.81
CA ALA A 441 8.76 -16.49 -25.73
C ALA A 441 7.32 -15.99 -25.59
N GLY A 442 6.68 -16.30 -24.48
CA GLY A 442 5.33 -15.83 -24.26
C GLY A 442 4.16 -16.61 -24.83
N HIS A 443 4.39 -17.84 -25.30
CA HIS A 443 3.29 -18.61 -25.83
C HIS A 443 2.41 -19.07 -24.67
N THR A 444 3.02 -19.24 -23.50
CA THR A 444 2.28 -19.65 -22.32
C THR A 444 2.52 -18.69 -21.17
N VAL A 445 1.43 -18.28 -20.53
CA VAL A 445 1.47 -17.35 -19.41
C VAL A 445 0.59 -17.93 -18.30
N LEU A 446 0.94 -17.65 -17.05
CA LEU A 446 0.15 -18.09 -15.91
C LEU A 446 -0.04 -16.90 -14.99
N SER A 447 -1.28 -16.49 -14.80
CA SER A 447 -1.61 -15.34 -13.96
C SER A 447 -2.45 -15.77 -12.77
N GLN A 448 -2.06 -15.32 -11.57
CA GLN A 448 -2.79 -15.68 -10.37
C GLN A 448 -2.67 -14.65 -9.25
N GLN A 449 -3.74 -14.52 -8.49
CA GLN A 449 -3.70 -13.63 -7.36
C GLN A 449 -3.08 -14.49 -6.27
N VAL A 450 -2.25 -13.87 -5.44
CA VAL A 450 -1.59 -14.55 -4.32
C VAL A 450 -1.67 -13.56 -3.16
N HIS A 451 -2.12 -14.02 -2.00
CA HIS A 451 -2.26 -13.13 -0.84
C HIS A 451 -1.00 -13.05 0.00
N PHE A 452 -0.01 -12.31 -0.48
CA PHE A 452 1.25 -12.15 0.23
C PHE A 452 1.11 -11.39 1.54
N ALA A 453 1.95 -11.74 2.50
CA ALA A 453 1.95 -11.07 3.78
C ALA A 453 3.04 -10.01 3.70
N GLU A 454 3.09 -9.12 4.68
CA GLU A 454 4.10 -8.05 4.69
C GLU A 454 5.53 -8.55 4.64
N GLY A 455 5.80 -9.68 5.31
CA GLY A 455 7.14 -10.21 5.34
C GLY A 455 7.49 -11.15 4.20
N ASP A 456 6.56 -11.40 3.29
CA ASP A 456 6.81 -12.30 2.15
C ASP A 456 7.58 -11.54 1.07
N THR A 457 8.86 -11.31 1.32
CA THR A 457 9.68 -10.54 0.39
C THR A 457 10.92 -11.25 -0.17
N GLY A 458 11.17 -12.47 0.26
CA GLY A 458 12.35 -13.16 -0.21
C GLY A 458 12.23 -13.92 -1.53
N ILE A 459 13.35 -14.44 -1.98
CA ILE A 459 13.40 -15.22 -3.21
C ILE A 459 14.45 -16.31 -3.01
N SER A 460 14.11 -17.54 -3.35
CA SER A 460 15.05 -18.64 -3.22
C SER A 460 15.01 -19.49 -4.49
N LEU A 461 16.09 -20.21 -4.75
CA LEU A 461 16.21 -21.08 -5.92
C LEU A 461 16.24 -22.53 -5.43
N TYR A 462 15.69 -23.45 -6.21
CA TYR A 462 15.70 -24.85 -5.79
C TYR A 462 15.73 -25.86 -6.93
N THR A 463 16.35 -27.00 -6.65
CA THR A 463 16.44 -28.11 -7.60
C THR A 463 16.23 -29.38 -6.80
N ASP A 464 15.73 -30.41 -7.46
CA ASP A 464 15.48 -31.67 -6.80
C ASP A 464 15.97 -32.80 -7.71
N GLY A 465 16.99 -33.51 -7.26
CA GLY A 465 17.54 -34.62 -8.02
C GLY A 465 18.77 -34.30 -8.86
N GLY A 466 19.32 -33.11 -8.69
CA GLY A 466 20.49 -32.76 -9.47
C GLY A 466 20.68 -31.25 -9.48
N PRO A 467 21.87 -30.78 -9.88
CA PRO A 467 22.15 -29.34 -9.91
C PRO A 467 21.54 -28.65 -11.12
N ALA A 468 21.39 -27.33 -11.02
CA ALA A 468 20.85 -26.53 -12.09
C ALA A 468 21.63 -25.23 -12.11
N HIS A 469 21.84 -24.70 -13.32
CA HIS A 469 22.56 -23.44 -13.49
C HIS A 469 21.53 -22.34 -13.65
N PHE A 470 21.56 -21.37 -12.74
CA PHE A 470 20.66 -20.23 -12.75
C PHE A 470 21.48 -19.07 -13.27
N THR A 471 21.13 -18.61 -14.46
CA THR A 471 21.86 -17.52 -15.12
C THR A 471 20.97 -16.35 -15.56
N GLY A 472 21.64 -15.28 -15.98
CA GLY A 472 20.94 -14.09 -16.43
C GLY A 472 19.93 -13.59 -15.43
N ILE A 473 20.23 -13.74 -14.14
CA ILE A 473 19.32 -13.29 -13.11
C ILE A 473 19.31 -11.77 -13.01
N VAL A 474 18.15 -11.17 -13.24
CA VAL A 474 18.02 -9.73 -13.14
C VAL A 474 16.67 -9.41 -12.50
N VAL A 475 16.71 -8.56 -11.48
CA VAL A 475 15.51 -8.17 -10.76
C VAL A 475 15.25 -6.68 -10.92
N ARG A 476 14.09 -6.34 -11.47
CA ARG A 476 13.73 -4.94 -11.69
C ARG A 476 12.64 -4.48 -10.74
N GLU A 477 12.99 -3.59 -9.83
CA GLU A 477 12.02 -3.05 -8.87
C GLU A 477 11.08 -2.13 -9.63
N ILE A 478 9.78 -2.28 -9.41
CA ILE A 478 8.81 -1.44 -10.08
C ILE A 478 8.23 -0.45 -9.09
N GLY A 479 8.06 0.80 -9.54
CA GLY A 479 7.53 1.83 -8.66
C GLY A 479 6.22 2.43 -9.14
N GLN A 480 5.64 3.31 -8.33
CA GLN A 480 4.38 3.95 -8.65
C GLN A 480 4.37 4.72 -9.98
N ALA A 481 5.46 5.42 -10.28
CA ALA A 481 5.55 6.17 -11.53
C ALA A 481 7.00 6.38 -11.97
N ALA B 2 -31.99 40.80 -25.90
CA ALA B 2 -32.52 41.36 -24.62
C ALA B 2 -31.39 41.71 -23.65
N VAL B 3 -31.43 42.93 -23.12
CA VAL B 3 -30.41 43.38 -22.19
C VAL B 3 -30.53 42.77 -20.80
N TYR B 4 -31.75 42.64 -20.28
CA TYR B 4 -31.88 42.07 -18.94
C TYR B 4 -32.95 40.99 -18.77
N HIS B 5 -33.28 40.31 -19.85
CA HIS B 5 -34.23 39.21 -19.81
C HIS B 5 -33.46 37.96 -20.19
N MET B 6 -33.79 36.83 -19.61
CA MET B 6 -33.07 35.60 -19.93
C MET B 6 -33.43 35.08 -21.32
N THR B 7 -32.41 34.67 -22.07
CA THR B 7 -32.58 34.12 -23.41
C THR B 7 -31.62 32.96 -23.55
N PRO B 8 -31.96 31.98 -24.40
CA PRO B 8 -31.05 30.84 -24.56
C PRO B 8 -29.83 31.24 -25.37
N PRO B 9 -28.68 30.61 -25.10
CA PRO B 9 -27.48 30.96 -25.86
C PRO B 9 -27.76 30.80 -27.35
N SER B 10 -28.51 29.75 -27.67
CA SER B 10 -28.88 29.45 -29.04
C SER B 10 -30.11 28.56 -29.05
N GLY B 11 -30.81 28.53 -30.18
CA GLY B 11 -31.98 27.68 -30.28
C GLY B 11 -33.30 28.23 -29.79
N TRP B 12 -34.23 27.30 -29.58
CA TRP B 12 -35.58 27.59 -29.16
C TRP B 12 -35.80 27.44 -27.65
N LEU B 13 -36.42 28.46 -27.06
CA LEU B 13 -36.72 28.45 -25.64
C LEU B 13 -38.23 28.28 -25.47
N CYS B 14 -38.62 27.51 -24.45
CA CYS B 14 -40.03 27.28 -24.18
C CYS B 14 -40.28 27.24 -22.67
N ASN B 15 -41.39 26.64 -22.24
CA ASN B 15 -41.76 26.56 -20.82
C ASN B 15 -40.63 26.47 -19.80
N PRO B 16 -40.62 27.38 -18.82
CA PRO B 16 -39.58 27.32 -17.80
C PRO B 16 -40.07 26.29 -16.80
N GLN B 17 -39.17 25.69 -16.05
CA GLN B 17 -39.56 24.70 -15.05
C GLN B 17 -39.29 25.36 -13.70
N ARG B 18 -40.13 25.07 -12.71
CA ARG B 18 -39.97 25.66 -11.40
C ARG B 18 -38.58 25.47 -10.82
N PRO B 19 -37.92 26.58 -10.46
CA PRO B 19 -36.57 26.53 -9.89
C PRO B 19 -36.55 25.77 -8.57
N VAL B 20 -35.38 25.22 -8.23
CA VAL B 20 -35.18 24.54 -6.96
C VAL B 20 -33.98 25.26 -6.40
N THR B 21 -33.81 25.24 -5.09
CA THR B 21 -32.68 25.94 -4.48
C THR B 21 -31.59 25.00 -3.99
N THR B 22 -30.41 25.11 -4.59
CA THR B 22 -29.26 24.31 -4.19
C THR B 22 -27.99 25.08 -4.49
N HIS B 23 -26.91 24.74 -3.80
CA HIS B 23 -25.64 25.39 -3.98
C HIS B 23 -25.75 26.91 -3.89
N GLY B 24 -26.52 27.38 -2.92
CA GLY B 24 -26.70 28.80 -2.71
C GLY B 24 -27.33 29.60 -3.83
N ALA B 25 -27.96 28.94 -4.78
CA ALA B 25 -28.57 29.65 -5.89
C ALA B 25 -29.84 28.98 -6.38
N TYR B 26 -30.54 29.65 -7.28
CA TYR B 26 -31.75 29.09 -7.85
C TYR B 26 -31.38 28.34 -9.11
N GLN B 27 -31.79 27.08 -9.21
CA GLN B 27 -31.49 26.30 -10.41
C GLN B 27 -32.74 26.26 -11.28
N LEU B 28 -32.75 27.04 -12.35
CA LEU B 28 -33.89 27.09 -13.25
C LEU B 28 -33.69 26.13 -14.41
N TYR B 29 -34.76 25.46 -14.81
CA TYR B 29 -34.70 24.56 -15.94
C TYR B 29 -35.74 25.10 -16.92
N TYR B 30 -35.56 24.82 -18.21
CA TYR B 30 -36.51 25.28 -19.21
C TYR B 30 -36.47 24.39 -20.44
N LEU B 31 -37.60 24.29 -21.13
CA LEU B 31 -37.67 23.48 -22.33
C LEU B 31 -36.85 24.17 -23.39
N HIS B 32 -36.07 23.39 -24.11
CA HIS B 32 -35.22 23.92 -25.17
C HIS B 32 -35.11 22.93 -26.32
N SER B 33 -35.02 23.46 -27.53
CA SER B 33 -34.89 22.65 -28.73
C SER B 33 -33.94 23.38 -29.67
N ASP B 34 -33.32 22.66 -30.60
CA ASP B 34 -32.42 23.27 -31.55
C ASP B 34 -33.28 23.87 -32.66
N GLN B 35 -34.44 23.28 -32.86
CA GLN B 35 -35.40 23.72 -33.88
C GLN B 35 -36.62 24.40 -33.28
N ASN B 36 -37.01 25.55 -33.82
CA ASN B 36 -38.16 26.27 -33.31
C ASN B 36 -39.38 25.37 -33.23
N ASN B 37 -39.95 25.29 -32.02
CA ASN B 37 -41.10 24.44 -31.76
C ASN B 37 -40.81 22.99 -32.12
N GLY B 38 -39.54 22.60 -32.01
CA GLY B 38 -39.15 21.25 -32.32
C GLY B 38 -38.99 20.41 -31.08
N PRO B 39 -38.76 19.10 -31.21
CA PRO B 39 -38.60 18.26 -30.03
C PRO B 39 -37.39 18.69 -29.21
N GLY B 40 -37.46 18.50 -27.90
CA GLY B 40 -36.35 18.87 -27.05
C GLY B 40 -36.35 18.22 -25.68
N GLY B 41 -35.70 18.88 -24.73
CA GLY B 41 -35.61 18.37 -23.37
C GLY B 41 -35.36 19.55 -22.45
N TRP B 42 -34.88 19.28 -21.24
CA TRP B 42 -34.61 20.33 -20.26
C TRP B 42 -33.18 20.83 -20.29
N ASP B 43 -33.03 22.15 -20.30
CA ASP B 43 -31.72 22.78 -20.24
C ASP B 43 -31.63 23.43 -18.86
N HIS B 44 -30.43 23.78 -18.45
CA HIS B 44 -30.19 24.32 -17.11
C HIS B 44 -29.54 25.70 -17.06
N ALA B 45 -29.99 26.52 -16.11
CA ALA B 45 -29.44 27.85 -15.92
C ALA B 45 -29.59 28.21 -14.45
N SER B 46 -28.55 28.78 -13.86
CA SER B 46 -28.63 29.15 -12.47
C SER B 46 -28.61 30.67 -12.29
N THR B 47 -29.19 31.14 -11.21
CA THR B 47 -29.23 32.57 -10.92
C THR B 47 -29.18 32.76 -9.40
N THR B 48 -28.40 33.72 -8.95
CA THR B 48 -28.31 33.97 -7.51
C THR B 48 -29.20 35.14 -7.12
N ASP B 49 -29.44 36.05 -8.05
CA ASP B 49 -30.30 37.20 -7.74
C ASP B 49 -31.63 37.21 -8.50
N GLY B 50 -31.79 36.30 -9.46
CA GLY B 50 -33.03 36.27 -10.20
C GLY B 50 -33.02 37.21 -11.39
N VAL B 51 -31.87 37.82 -11.65
CA VAL B 51 -31.73 38.73 -12.78
C VAL B 51 -30.74 38.16 -13.79
N ALA B 52 -29.52 37.86 -13.34
CA ALA B 52 -28.50 37.30 -14.22
C ALA B 52 -28.53 35.78 -14.18
N PHE B 53 -28.37 35.17 -15.34
CA PHE B 53 -28.41 33.72 -15.45
C PHE B 53 -27.16 33.14 -16.08
N THR B 54 -26.74 31.99 -15.56
CA THR B 54 -25.58 31.30 -16.11
C THR B 54 -26.10 30.00 -16.67
N HIS B 55 -25.95 29.82 -17.97
CA HIS B 55 -26.42 28.62 -18.65
C HIS B 55 -25.43 27.47 -18.56
N HIS B 56 -25.95 26.27 -18.31
CA HIS B 56 -25.12 25.09 -18.17
C HIS B 56 -25.39 24.01 -19.21
N GLY B 57 -26.32 24.27 -20.12
CA GLY B 57 -26.63 23.27 -21.15
C GLY B 57 -27.72 22.28 -20.80
N THR B 58 -27.88 21.26 -21.63
CA THR B 58 -28.89 20.23 -21.43
C THR B 58 -28.68 19.37 -20.20
N VAL B 59 -29.77 19.05 -19.51
CA VAL B 59 -29.69 18.23 -18.31
C VAL B 59 -30.55 16.96 -18.46
N MET B 60 -31.67 17.08 -19.15
CA MET B 60 -32.58 15.97 -19.43
C MET B 60 -32.86 16.05 -20.92
N PRO B 61 -31.89 15.59 -21.73
CA PRO B 61 -31.89 15.57 -23.20
C PRO B 61 -32.98 14.83 -23.94
N LEU B 62 -33.22 15.31 -25.16
CA LEU B 62 -34.17 14.70 -26.05
C LEU B 62 -33.53 13.38 -26.46
N ARG B 63 -34.34 12.38 -26.72
CA ARG B 63 -33.83 11.08 -27.17
C ARG B 63 -34.72 10.66 -28.33
N PRO B 64 -34.24 9.72 -29.16
CA PRO B 64 -35.01 9.25 -30.32
C PRO B 64 -36.50 9.12 -30.08
N ASP B 65 -37.26 10.02 -30.70
CA ASP B 65 -38.70 10.03 -30.57
C ASP B 65 -39.14 9.98 -29.12
N PHE B 66 -38.38 10.65 -28.27
CA PHE B 66 -38.69 10.65 -26.85
C PHE B 66 -38.29 12.01 -26.25
N PRO B 67 -38.99 13.08 -26.65
CA PRO B 67 -38.70 14.42 -26.14
C PRO B 67 -39.08 14.50 -24.65
N VAL B 68 -38.69 15.60 -24.01
CA VAL B 68 -39.02 15.78 -22.61
C VAL B 68 -39.84 17.04 -22.49
N TRP B 69 -41.04 16.93 -21.93
CA TRP B 69 -41.90 18.09 -21.76
C TRP B 69 -41.82 18.61 -20.32
N SER B 70 -42.77 19.46 -19.94
CA SER B 70 -42.77 20.06 -18.61
C SER B 70 -42.98 19.13 -17.42
N GLY B 71 -42.53 19.60 -16.27
CA GLY B 71 -42.67 18.84 -15.03
C GLY B 71 -42.27 19.74 -13.87
N SER B 72 -41.63 19.16 -12.87
CA SER B 72 -41.17 19.94 -11.72
C SER B 72 -40.14 19.15 -10.96
N ALA B 73 -39.39 19.82 -10.10
CA ALA B 73 -38.36 19.15 -9.32
C ALA B 73 -38.38 19.61 -7.86
N VAL B 74 -37.92 18.74 -6.96
CA VAL B 74 -37.88 19.07 -5.55
C VAL B 74 -36.58 18.58 -4.93
N VAL B 75 -36.18 19.23 -3.85
CA VAL B 75 -34.98 18.82 -3.14
C VAL B 75 -35.51 17.86 -2.10
N ASP B 76 -35.17 16.58 -2.23
CA ASP B 76 -35.65 15.57 -1.30
C ASP B 76 -34.69 15.49 -0.12
N THR B 77 -34.70 16.54 0.68
CA THR B 77 -33.83 16.66 1.84
C THR B 77 -33.96 15.48 2.81
N ALA B 78 -35.17 14.99 3.02
CA ALA B 78 -35.39 13.88 3.94
C ALA B 78 -35.12 12.51 3.31
N ASN B 79 -34.78 12.49 2.02
CA ASN B 79 -34.51 11.24 1.31
C ASN B 79 -35.67 10.25 1.38
N THR B 80 -36.86 10.74 1.03
CA THR B 80 -38.08 9.92 1.02
C THR B 80 -38.12 9.03 -0.22
N ALA B 81 -37.49 9.47 -1.29
CA ALA B 81 -37.48 8.71 -2.53
C ALA B 81 -36.46 7.57 -2.49
N GLY B 82 -35.42 7.75 -1.69
CA GLY B 82 -34.40 6.72 -1.58
C GLY B 82 -33.25 6.88 -2.55
N PHE B 83 -33.04 8.09 -3.05
CA PHE B 83 -31.96 8.36 -3.99
C PHE B 83 -30.85 9.13 -3.28
N GLY B 84 -31.01 9.31 -1.96
CA GLY B 84 -30.03 10.04 -1.18
C GLY B 84 -30.59 11.33 -0.63
N ALA B 85 -30.24 11.66 0.60
CA ALA B 85 -30.72 12.88 1.22
C ALA B 85 -30.20 14.09 0.46
N GLY B 86 -31.09 15.04 0.16
CA GLY B 86 -30.68 16.23 -0.56
C GLY B 86 -30.66 16.05 -2.06
N ALA B 87 -31.17 14.93 -2.54
CA ALA B 87 -31.21 14.69 -3.97
C ALA B 87 -32.32 15.49 -4.60
N VAL B 88 -32.11 15.93 -5.83
CA VAL B 88 -33.11 16.68 -6.55
C VAL B 88 -33.87 15.66 -7.38
N VAL B 89 -35.15 15.50 -7.11
CA VAL B 89 -35.97 14.55 -7.84
C VAL B 89 -36.95 15.30 -8.74
N ALA B 90 -36.91 14.99 -10.03
CA ALA B 90 -37.78 15.63 -10.99
C ALA B 90 -38.73 14.67 -11.68
N LEU B 91 -39.89 15.18 -12.06
CA LEU B 91 -40.91 14.41 -12.77
C LEU B 91 -41.18 15.20 -14.03
N ALA B 92 -41.31 14.51 -15.16
CA ALA B 92 -41.57 15.19 -16.42
C ALA B 92 -42.40 14.30 -17.31
N THR B 93 -43.18 14.93 -18.18
CA THR B 93 -44.03 14.20 -19.10
C THR B 93 -43.26 13.88 -20.37
N GLN B 94 -43.37 12.64 -20.81
CA GLN B 94 -42.71 12.20 -22.03
C GLN B 94 -43.63 11.24 -22.73
N PRO B 95 -43.80 11.39 -24.05
CA PRO B 95 -44.68 10.49 -24.78
C PRO B 95 -43.98 9.16 -25.07
N THR B 96 -44.33 8.14 -24.31
CA THR B 96 -43.73 6.82 -24.48
C THR B 96 -43.90 6.35 -25.92
N ASP B 97 -42.86 5.73 -26.46
CA ASP B 97 -42.85 5.24 -27.85
C ASP B 97 -43.19 6.35 -28.83
N GLY B 98 -43.16 7.59 -28.37
CA GLY B 98 -43.47 8.71 -29.24
C GLY B 98 -44.96 8.87 -29.49
N VAL B 99 -45.77 8.14 -28.72
CA VAL B 99 -47.20 8.20 -28.87
C VAL B 99 -47.79 9.25 -27.93
N ARG B 100 -48.43 10.26 -28.52
CA ARG B 100 -49.02 11.34 -27.75
C ARG B 100 -50.01 10.87 -26.70
N LYS B 101 -50.88 9.91 -27.03
CA LYS B 101 -51.86 9.44 -26.06
C LYS B 101 -51.25 8.65 -24.92
N TYR B 102 -49.96 8.34 -25.02
CA TYR B 102 -49.29 7.60 -23.94
C TYR B 102 -48.43 8.52 -23.08
N GLN B 103 -48.57 9.83 -23.25
CA GLN B 103 -47.78 10.76 -22.46
C GLN B 103 -47.96 10.45 -20.97
N GLU B 104 -46.83 10.32 -20.28
CA GLU B 104 -46.85 10.01 -18.85
C GLU B 104 -45.66 10.58 -18.11
N GLN B 105 -45.67 10.45 -16.80
CA GLN B 105 -44.64 11.01 -15.94
C GLN B 105 -43.44 10.13 -15.62
N TYR B 106 -42.28 10.58 -16.10
CA TYR B 106 -41.02 9.87 -15.87
C TYR B 106 -40.20 10.60 -14.82
N LEU B 107 -39.51 9.83 -13.99
CA LEU B 107 -38.71 10.41 -12.92
C LEU B 107 -37.23 10.47 -13.26
N TYR B 108 -36.58 11.55 -12.82
CA TYR B 108 -35.16 11.76 -13.02
C TYR B 108 -34.66 12.19 -11.65
N TRP B 109 -33.38 11.99 -11.36
CA TRP B 109 -32.88 12.41 -10.07
C TRP B 109 -31.42 12.84 -10.14
N SER B 110 -31.04 13.73 -9.24
CA SER B 110 -29.70 14.26 -9.21
C SER B 110 -29.11 14.23 -7.80
N THR B 111 -27.82 13.90 -7.70
CA THR B 111 -27.13 13.86 -6.42
C THR B 111 -26.08 14.96 -6.37
N ASP B 112 -26.05 15.79 -7.40
CA ASP B 112 -25.09 16.88 -7.46
C ASP B 112 -25.79 18.22 -7.48
N GLY B 113 -26.92 18.30 -6.78
CA GLY B 113 -27.66 19.55 -6.71
C GLY B 113 -28.37 19.95 -7.99
N GLY B 114 -28.69 18.99 -8.83
CA GLY B 114 -29.40 19.29 -10.07
C GLY B 114 -28.57 19.74 -11.25
N PHE B 115 -27.30 19.34 -11.30
CA PHE B 115 -26.43 19.72 -12.42
C PHE B 115 -26.31 18.56 -13.38
N THR B 116 -26.59 17.35 -12.88
CA THR B 116 -26.56 16.14 -13.68
C THR B 116 -27.73 15.27 -13.23
N PHE B 117 -28.40 14.62 -14.15
CA PHE B 117 -29.54 13.77 -13.80
C PHE B 117 -29.49 12.38 -14.43
N THR B 118 -30.06 11.41 -13.72
CA THR B 118 -30.15 10.03 -14.20
C THR B 118 -31.64 9.71 -14.34
N ALA B 119 -31.96 8.97 -15.39
CA ALA B 119 -33.34 8.62 -15.69
C ALA B 119 -33.81 7.32 -15.06
N LEU B 120 -35.05 7.32 -14.58
CA LEU B 120 -35.64 6.12 -14.01
C LEU B 120 -36.39 5.50 -15.17
N PRO B 121 -35.98 4.30 -15.60
CA PRO B 121 -36.60 3.59 -16.72
C PRO B 121 -38.13 3.55 -16.77
N ASP B 122 -38.75 3.11 -15.67
CA ASP B 122 -40.20 3.00 -15.62
C ASP B 122 -40.92 4.20 -15.02
N PRO B 123 -41.87 4.78 -15.76
CA PRO B 123 -42.67 5.94 -15.34
C PRO B 123 -43.40 5.72 -14.02
N VAL B 124 -43.37 6.73 -13.15
CA VAL B 124 -44.01 6.64 -11.83
C VAL B 124 -45.52 6.86 -11.87
N ILE B 125 -46.01 7.52 -12.90
CA ILE B 125 -47.45 7.77 -13.04
C ILE B 125 -47.81 7.42 -14.48
N VAL B 126 -48.45 6.28 -14.65
CA VAL B 126 -48.82 5.82 -15.98
C VAL B 126 -50.13 6.40 -16.53
N ASN B 127 -50.15 6.60 -17.84
CA ASN B 127 -51.32 7.11 -18.53
C ASN B 127 -52.23 5.95 -18.88
N THR B 128 -52.91 5.42 -17.86
CA THR B 128 -53.81 4.29 -18.06
C THR B 128 -54.86 4.60 -19.12
N ASP B 129 -55.38 5.82 -19.13
CA ASP B 129 -56.40 6.21 -20.09
C ASP B 129 -55.98 5.98 -21.54
N GLY B 130 -54.76 6.39 -21.87
CA GLY B 130 -54.27 6.26 -23.23
C GLY B 130 -54.30 4.84 -23.77
N ARG B 131 -53.89 3.89 -22.92
CA ARG B 131 -53.87 2.49 -23.32
C ARG B 131 -55.27 1.98 -23.66
N ALA B 132 -56.28 2.48 -22.95
CA ALA B 132 -57.66 2.05 -23.19
C ALA B 132 -58.51 3.00 -24.04
N ALA B 133 -57.92 4.07 -24.55
CA ALA B 133 -58.67 5.02 -25.38
C ALA B 133 -58.90 4.50 -26.80
N THR B 134 -60.07 4.79 -27.36
CA THR B 134 -60.39 4.35 -28.71
C THR B 134 -61.23 5.38 -29.47
N THR B 135 -62.20 5.95 -28.80
CA THR B 135 -63.07 6.96 -29.41
C THR B 135 -62.33 8.30 -29.48
N PRO B 136 -62.84 9.23 -30.31
CA PRO B 136 -62.20 10.54 -30.45
C PRO B 136 -62.00 11.24 -29.10
N ALA B 137 -63.08 11.37 -28.35
CA ALA B 137 -63.03 12.04 -27.06
C ALA B 137 -62.03 11.41 -26.10
N GLU B 138 -62.07 10.09 -25.97
CA GLU B 138 -61.16 9.39 -25.08
C GLU B 138 -59.70 9.65 -25.43
N ILE B 139 -59.39 9.62 -26.73
CA ILE B 139 -58.02 9.86 -27.16
C ILE B 139 -57.59 11.26 -26.79
N GLU B 140 -58.48 12.23 -27.03
CA GLU B 140 -58.19 13.62 -26.73
C GLU B 140 -57.86 13.81 -25.25
N ASN B 141 -58.59 13.13 -24.39
CA ASN B 141 -58.36 13.23 -22.95
C ASN B 141 -57.03 12.60 -22.57
N ALA B 142 -56.71 11.47 -23.21
CA ALA B 142 -55.48 10.77 -22.92
C ALA B 142 -54.30 11.56 -23.46
N GLU B 143 -54.58 12.39 -24.46
CA GLU B 143 -53.55 13.21 -25.08
C GLU B 143 -53.33 14.53 -24.33
N TRP B 144 -53.83 14.59 -23.10
CA TRP B 144 -53.66 15.76 -22.26
C TRP B 144 -53.58 15.26 -20.83
N PHE B 145 -52.35 14.97 -20.42
CA PHE B 145 -52.06 14.44 -19.08
C PHE B 145 -50.59 14.78 -18.88
N ARG B 146 -50.32 16.01 -18.47
CA ARG B 146 -48.93 16.45 -18.33
C ARG B 146 -48.67 17.62 -17.37
N ASP B 147 -47.38 17.99 -17.29
CA ASP B 147 -46.90 19.09 -16.46
C ASP B 147 -47.04 18.88 -14.96
N PRO B 148 -46.55 17.74 -14.44
CA PRO B 148 -46.65 17.46 -13.00
C PRO B 148 -45.96 18.47 -12.09
N LYS B 149 -46.72 19.06 -11.17
CA LYS B 149 -46.16 20.03 -10.23
C LYS B 149 -46.22 19.41 -8.84
N ILE B 150 -45.04 19.17 -8.25
CA ILE B 150 -44.92 18.53 -6.95
C ILE B 150 -44.82 19.46 -5.76
N HIS B 151 -45.59 19.18 -4.73
CA HIS B 151 -45.58 19.99 -3.52
C HIS B 151 -45.49 19.11 -2.30
N TRP B 152 -44.70 19.53 -1.31
CA TRP B 152 -44.61 18.76 -0.10
C TRP B 152 -45.68 19.30 0.85
N ASP B 153 -46.65 18.46 1.20
CA ASP B 153 -47.73 18.85 2.10
C ASP B 153 -47.21 18.70 3.52
N THR B 154 -46.81 19.82 4.12
CA THR B 154 -46.27 19.80 5.46
C THR B 154 -47.24 19.23 6.49
N ALA B 155 -48.50 19.65 6.41
CA ALA B 155 -49.52 19.21 7.35
C ALA B 155 -49.75 17.70 7.33
N ARG B 156 -49.71 17.09 6.15
CA ARG B 156 -49.96 15.66 6.03
C ARG B 156 -48.68 14.83 5.96
N GLY B 157 -47.55 15.49 5.78
CA GLY B 157 -46.29 14.77 5.69
C GLY B 157 -46.26 13.80 4.53
N GLU B 158 -46.49 14.32 3.33
CA GLU B 158 -46.47 13.49 2.15
C GLU B 158 -46.36 14.40 0.93
N TRP B 159 -46.18 13.80 -0.24
CA TRP B 159 -46.05 14.57 -1.47
C TRP B 159 -47.38 14.64 -2.20
N VAL B 160 -47.67 15.80 -2.78
CA VAL B 160 -48.89 15.96 -3.56
C VAL B 160 -48.44 16.48 -4.91
N CYS B 161 -49.07 15.97 -5.97
CA CYS B 161 -48.72 16.34 -7.32
C CYS B 161 -49.97 16.63 -8.13
N VAL B 162 -49.97 17.74 -8.85
CA VAL B 162 -51.12 18.11 -9.67
C VAL B 162 -50.72 18.06 -11.14
N ILE B 163 -51.55 17.40 -11.94
CA ILE B 163 -51.28 17.20 -13.36
C ILE B 163 -52.32 17.87 -14.26
N GLY B 164 -51.83 18.47 -15.34
CA GLY B 164 -52.70 19.15 -16.27
C GLY B 164 -53.49 18.21 -17.17
N ARG B 165 -54.78 18.49 -17.28
CA ARG B 165 -55.66 17.68 -18.10
C ARG B 165 -56.51 18.62 -18.93
N LEU B 166 -57.34 18.05 -19.81
CA LEU B 166 -58.20 18.87 -20.65
C LEU B 166 -59.35 19.45 -19.83
N ARG B 167 -59.27 20.75 -19.55
CA ARG B 167 -60.28 21.47 -18.80
C ARG B 167 -60.50 21.01 -17.36
N TYR B 168 -59.45 20.47 -16.76
CA TYR B 168 -59.49 20.03 -15.38
C TYR B 168 -58.08 19.64 -14.93
N ALA B 169 -57.92 19.43 -13.63
CA ALA B 169 -56.62 19.07 -13.08
C ALA B 169 -56.74 17.84 -12.22
N ALA B 170 -55.81 16.90 -12.38
CA ALA B 170 -55.82 15.67 -11.61
C ALA B 170 -54.80 15.73 -10.49
N PHE B 171 -55.10 15.06 -9.38
CA PHE B 171 -54.20 15.04 -8.23
C PHE B 171 -53.74 13.65 -7.82
N TYR B 172 -52.54 13.60 -7.25
CA TYR B 172 -51.93 12.36 -6.78
C TYR B 172 -51.09 12.65 -5.53
N THR B 173 -51.07 11.72 -4.59
CA THR B 173 -50.25 11.88 -3.39
C THR B 173 -49.27 10.71 -3.35
N SER B 174 -48.18 10.88 -2.60
CA SER B 174 -47.17 9.84 -2.51
C SER B 174 -46.20 10.08 -1.36
N PRO B 175 -45.76 9.01 -0.71
CA PRO B 175 -44.82 9.15 0.40
C PRO B 175 -43.36 9.13 -0.05
N ASN B 176 -43.13 8.81 -1.31
CA ASN B 176 -41.76 8.70 -1.80
C ASN B 176 -41.48 9.15 -3.24
N LEU B 177 -42.41 9.88 -3.84
CA LEU B 177 -42.23 10.38 -5.21
C LEU B 177 -42.22 9.30 -6.30
N ARG B 178 -42.39 8.04 -5.92
CA ARG B 178 -42.40 6.95 -6.89
C ARG B 178 -43.73 6.22 -6.94
N ASP B 179 -44.33 6.02 -5.76
CA ASP B 179 -45.62 5.34 -5.64
C ASP B 179 -46.72 6.38 -5.49
N TRP B 180 -47.45 6.63 -6.56
CA TRP B 180 -48.49 7.64 -6.51
C TRP B 180 -49.90 7.08 -6.38
N THR B 181 -50.73 7.78 -5.63
CA THR B 181 -52.10 7.38 -5.40
C THR B 181 -53.07 8.45 -5.90
N LEU B 182 -53.88 8.07 -6.88
CA LEU B 182 -54.86 8.98 -7.47
C LEU B 182 -55.87 9.53 -6.45
N ARG B 183 -56.17 10.82 -6.55
CA ARG B 183 -57.14 11.45 -5.67
C ARG B 183 -58.25 12.05 -6.54
N ARG B 184 -59.01 13.00 -6.01
CA ARG B 184 -60.10 13.60 -6.77
C ARG B 184 -59.63 14.71 -7.68
N ASN B 185 -60.24 14.83 -8.85
CA ASN B 185 -59.86 15.88 -9.78
C ASN B 185 -60.39 17.21 -9.30
N PHE B 186 -59.90 18.28 -9.91
CA PHE B 186 -60.37 19.62 -9.60
C PHE B 186 -61.10 20.08 -10.83
N ASP B 187 -62.40 20.36 -10.69
CA ASP B 187 -63.17 20.82 -11.83
C ASP B 187 -63.63 22.26 -11.59
N TYR B 188 -63.75 23.01 -12.68
CA TYR B 188 -64.22 24.39 -12.63
C TYR B 188 -65.27 24.57 -13.72
N PRO B 189 -66.26 25.41 -13.48
CA PRO B 189 -67.37 25.70 -14.39
C PRO B 189 -67.13 26.33 -15.77
N ASN B 190 -66.59 27.54 -15.80
CA ASN B 190 -66.39 28.26 -17.06
C ASN B 190 -65.27 27.70 -17.96
N HIS B 191 -65.54 26.59 -18.65
CA HIS B 191 -64.54 25.94 -19.51
C HIS B 191 -63.95 26.82 -20.60
N ALA B 192 -64.66 27.87 -20.99
CA ALA B 192 -64.18 28.78 -22.02
C ALA B 192 -62.90 29.46 -21.54
N LEU B 193 -62.56 29.21 -20.28
CA LEU B 193 -61.39 29.79 -19.63
C LEU B 193 -60.04 29.23 -20.09
N GLY B 194 -59.98 27.93 -20.35
CA GLY B 194 -58.72 27.33 -20.75
C GLY B 194 -58.67 25.99 -20.06
N GLY B 195 -57.83 25.08 -20.57
CA GLY B 195 -57.78 23.73 -20.04
C GLY B 195 -56.66 23.23 -19.16
N ILE B 196 -56.04 24.10 -18.39
CA ILE B 196 -54.98 23.64 -17.48
C ILE B 196 -53.69 23.06 -18.07
N GLU B 197 -52.70 23.92 -18.25
CA GLU B 197 -51.40 23.51 -18.71
C GLU B 197 -50.45 24.08 -17.66
N CYS B 198 -49.36 23.39 -17.38
CA CYS B 198 -48.38 23.87 -16.40
C CYS B 198 -49.01 24.33 -15.09
N PRO B 199 -49.76 23.45 -14.41
CA PRO B 199 -50.40 23.81 -13.15
C PRO B 199 -49.40 24.14 -12.06
N ASP B 200 -49.84 25.00 -11.14
CA ASP B 200 -49.02 25.42 -10.02
C ASP B 200 -49.81 25.06 -8.76
N LEU B 201 -49.10 24.61 -7.73
CA LEU B 201 -49.73 24.24 -6.47
C LEU B 201 -48.75 24.61 -5.38
N PHE B 202 -49.17 25.45 -4.45
CA PHE B 202 -48.29 25.83 -3.37
C PHE B 202 -49.01 26.39 -2.17
N GLU B 203 -48.25 26.67 -1.12
CA GLU B 203 -48.80 27.24 0.11
C GLU B 203 -48.09 28.55 0.37
N ILE B 204 -48.84 29.57 0.77
CA ILE B 204 -48.24 30.86 1.05
C ILE B 204 -48.92 31.56 2.22
N THR B 205 -48.12 32.21 3.06
CA THR B 205 -48.65 32.93 4.20
C THR B 205 -48.96 34.36 3.80
N ALA B 206 -50.17 34.81 4.11
CA ALA B 206 -50.64 36.15 3.75
C ALA B 206 -50.14 37.22 4.71
N ASP B 207 -50.48 38.47 4.41
CA ASP B 207 -50.06 39.59 5.23
C ASP B 207 -50.75 39.68 6.57
N ASP B 208 -51.77 38.85 6.80
CA ASP B 208 -52.43 38.86 8.09
C ASP B 208 -51.92 37.64 8.86
N GLY B 209 -51.01 36.91 8.23
CA GLY B 209 -50.45 35.74 8.88
C GLY B 209 -51.17 34.42 8.62
N THR B 210 -52.34 34.47 8.00
CA THR B 210 -53.06 33.24 7.73
C THR B 210 -52.40 32.48 6.58
N ARG B 211 -52.48 31.16 6.65
CA ARG B 211 -51.87 30.25 5.66
C ARG B 211 -52.90 29.91 4.59
N HIS B 212 -52.45 29.72 3.34
CA HIS B 212 -53.37 29.41 2.26
C HIS B 212 -52.76 28.53 1.16
N TRP B 213 -53.61 27.85 0.41
CA TRP B 213 -53.15 27.03 -0.70
C TRP B 213 -53.55 27.76 -1.98
N VAL B 214 -52.79 27.55 -3.03
CA VAL B 214 -53.10 28.18 -4.31
C VAL B 214 -52.95 27.15 -5.41
N LEU B 215 -53.89 27.15 -6.33
CA LEU B 215 -53.87 26.24 -7.47
C LEU B 215 -54.02 27.12 -8.69
N ALA B 216 -53.00 27.12 -9.55
CA ALA B 216 -53.03 27.94 -10.75
C ALA B 216 -52.69 27.11 -11.97
N ALA B 217 -52.72 27.76 -13.13
CA ALA B 217 -52.41 27.08 -14.37
C ALA B 217 -52.41 28.10 -15.49
N SER B 218 -51.85 27.74 -16.63
CA SER B 218 -51.86 28.65 -17.76
C SER B 218 -53.17 28.35 -18.45
N MET B 219 -53.80 29.40 -18.98
CA MET B 219 -55.09 29.26 -19.62
C MET B 219 -55.12 29.82 -21.02
N ASP B 220 -56.33 29.95 -21.55
CA ASP B 220 -56.61 30.49 -22.87
C ASP B 220 -58.07 30.91 -22.87
N ALA B 221 -58.34 32.03 -22.24
CA ALA B 221 -59.69 32.55 -22.12
C ALA B 221 -59.93 33.69 -23.11
N TYR B 222 -59.18 33.68 -24.20
CA TYR B 222 -59.30 34.72 -25.20
C TYR B 222 -60.74 34.86 -25.70
N GLY B 223 -61.39 33.72 -25.91
CA GLY B 223 -62.75 33.70 -26.40
C GLY B 223 -63.73 34.53 -25.60
N ILE B 224 -63.53 34.60 -24.29
CA ILE B 224 -64.44 35.39 -23.47
C ILE B 224 -63.78 36.67 -22.95
N GLY B 225 -62.90 37.24 -23.76
CA GLY B 225 -62.23 38.48 -23.39
C GLY B 225 -61.30 38.45 -22.19
N LEU B 226 -60.85 37.27 -21.78
CA LEU B 226 -59.93 37.17 -20.64
C LEU B 226 -58.52 36.79 -21.12
N PRO B 227 -57.51 36.89 -20.25
CA PRO B 227 -56.13 36.56 -20.63
C PRO B 227 -55.81 35.11 -21.02
N MET B 228 -54.65 34.95 -21.63
CA MET B 228 -54.15 33.64 -22.06
C MET B 228 -52.87 33.44 -21.26
N THR B 229 -52.90 33.88 -20.02
CA THR B 229 -51.73 33.78 -19.16
C THR B 229 -51.83 32.79 -18.01
N TYR B 230 -51.89 33.29 -16.79
CA TYR B 230 -51.92 32.45 -15.60
C TYR B 230 -53.03 32.86 -14.65
N ALA B 231 -53.93 31.92 -14.36
CA ALA B 231 -55.06 32.16 -13.46
C ALA B 231 -54.89 31.31 -12.22
N TYR B 232 -55.34 31.80 -11.06
CA TYR B 232 -55.18 31.05 -9.82
C TYR B 232 -56.42 31.01 -8.92
N TRP B 233 -56.58 29.91 -8.20
CA TRP B 233 -57.68 29.70 -7.26
C TRP B 233 -57.12 29.55 -5.85
N THR B 234 -57.42 30.49 -4.95
CA THR B 234 -56.96 30.34 -3.57
C THR B 234 -57.85 29.25 -2.99
N GLY B 235 -57.40 28.57 -1.95
CA GLY B 235 -58.21 27.53 -1.36
C GLY B 235 -57.47 26.64 -0.38
N THR B 236 -57.86 25.38 -0.33
CA THR B 236 -57.26 24.42 0.57
C THR B 236 -57.15 23.03 -0.05
N TRP B 237 -56.12 22.29 0.35
CA TRP B 237 -55.94 20.93 -0.12
C TRP B 237 -56.01 20.09 1.14
N ASP B 238 -56.85 19.06 1.14
CA ASP B 238 -57.02 18.23 2.32
C ASP B 238 -56.49 16.82 2.18
N GLY B 239 -55.83 16.52 1.06
CA GLY B 239 -55.27 15.19 0.86
C GLY B 239 -56.06 14.33 -0.11
N GLU B 240 -57.25 14.79 -0.48
CA GLU B 240 -58.08 14.03 -1.41
C GLU B 240 -58.64 14.92 -2.50
N GLN B 241 -58.82 16.20 -2.19
CA GLN B 241 -59.35 17.12 -3.18
C GLN B 241 -59.02 18.56 -2.83
N PHE B 242 -59.04 19.42 -3.84
CA PHE B 242 -58.75 20.83 -3.64
C PHE B 242 -60.06 21.61 -3.56
N HIS B 243 -60.23 22.37 -2.48
CA HIS B 243 -61.43 23.18 -2.27
C HIS B 243 -61.15 24.63 -2.61
N ALA B 244 -61.66 25.08 -3.74
CA ALA B 244 -61.46 26.46 -4.16
C ALA B 244 -62.34 27.39 -3.34
N ASP B 245 -61.82 28.56 -2.99
CA ASP B 245 -62.62 29.51 -2.24
C ASP B 245 -63.69 30.07 -3.16
N ASP B 246 -63.31 30.27 -4.42
CA ASP B 246 -64.23 30.79 -5.42
C ASP B 246 -63.83 30.13 -6.74
N LEU B 247 -64.81 29.55 -7.44
CA LEU B 247 -64.53 28.87 -8.70
C LEU B 247 -64.22 29.80 -9.87
N THR B 248 -64.37 31.10 -9.65
CA THR B 248 -64.05 32.08 -10.68
C THR B 248 -62.64 32.54 -10.30
N PRO B 249 -61.63 32.14 -11.10
CA PRO B 249 -60.22 32.48 -10.88
C PRO B 249 -59.78 33.93 -11.03
N GLN B 250 -58.63 34.23 -10.42
CA GLN B 250 -58.02 35.56 -10.49
C GLN B 250 -56.85 35.46 -11.48
N TRP B 251 -56.39 36.60 -12.00
CA TRP B 251 -55.29 36.60 -12.98
C TRP B 251 -54.02 37.33 -12.54
N LEU B 252 -52.88 36.79 -12.96
CA LEU B 252 -51.59 37.37 -12.60
C LEU B 252 -51.00 38.30 -13.66
N ASP B 253 -51.49 38.18 -14.90
CA ASP B 253 -51.01 39.05 -15.98
C ASP B 253 -52.11 39.26 -17.01
N TRP B 254 -52.17 40.47 -17.55
CA TRP B 254 -53.19 40.81 -18.54
C TRP B 254 -52.59 41.08 -19.92
N GLY B 255 -51.28 40.82 -20.07
CA GLY B 255 -50.64 41.05 -21.34
C GLY B 255 -50.77 39.84 -22.26
N TRP B 256 -50.12 39.88 -23.41
CA TRP B 256 -50.18 38.79 -24.37
C TRP B 256 -49.19 37.67 -24.09
N ASP B 257 -48.02 38.03 -23.55
CA ASP B 257 -46.96 37.07 -23.34
C ASP B 257 -46.46 36.80 -21.93
N TRP B 258 -47.06 35.81 -21.28
CA TRP B 258 -46.68 35.41 -19.95
C TRP B 258 -47.30 34.05 -19.78
N TYR B 259 -46.80 33.10 -20.57
CA TYR B 259 -47.32 31.75 -20.56
C TYR B 259 -46.41 30.77 -19.82
N ALA B 260 -46.98 29.65 -19.41
CA ALA B 260 -46.26 28.60 -18.70
C ALA B 260 -45.55 29.08 -17.44
N ALA B 261 -46.00 30.22 -16.91
CA ALA B 261 -45.39 30.79 -15.72
C ALA B 261 -45.27 29.80 -14.56
N VAL B 262 -44.22 29.98 -13.77
CA VAL B 262 -43.97 29.14 -12.61
C VAL B 262 -43.57 30.01 -11.43
N THR B 263 -43.83 29.53 -10.22
CA THR B 263 -43.47 30.26 -9.02
C THR B 263 -42.63 29.36 -8.12
N TRP B 264 -41.82 29.97 -7.26
CA TRP B 264 -40.98 29.24 -6.32
C TRP B 264 -40.70 30.11 -5.11
N PRO B 265 -40.53 29.50 -3.94
CA PRO B 265 -40.27 30.30 -2.73
C PRO B 265 -38.91 30.99 -2.77
N SER B 266 -38.86 32.23 -2.30
CA SER B 266 -37.61 32.99 -2.27
C SER B 266 -36.76 32.39 -1.15
N ILE B 267 -35.45 32.52 -1.27
CA ILE B 267 -34.58 31.97 -0.25
C ILE B 267 -34.74 32.75 1.07
N ASP B 268 -34.89 34.06 0.94
CA ASP B 268 -35.02 34.95 2.10
C ASP B 268 -36.31 34.88 2.94
N ALA B 269 -37.43 34.56 2.30
CA ALA B 269 -38.71 34.48 3.01
C ALA B 269 -39.60 33.55 2.19
N PRO B 270 -39.30 32.24 2.24
CA PRO B 270 -40.03 31.18 1.52
C PRO B 270 -41.52 31.03 1.77
N GLU B 271 -41.98 31.45 2.95
CA GLU B 271 -43.38 31.32 3.31
C GLU B 271 -44.29 32.47 2.89
N THR B 272 -43.75 33.68 2.85
CA THR B 272 -44.54 34.85 2.52
C THR B 272 -44.23 35.49 1.16
N LYS B 273 -43.04 35.22 0.63
CA LYS B 273 -42.66 35.80 -0.65
C LYS B 273 -42.17 34.80 -1.66
N ARG B 274 -42.83 34.76 -2.80
CA ARG B 274 -42.45 33.85 -3.87
C ARG B 274 -41.93 34.65 -5.07
N LEU B 275 -41.23 33.95 -5.96
CA LEU B 275 -40.69 34.57 -7.15
C LEU B 275 -41.39 33.90 -8.30
N ALA B 276 -41.43 34.56 -9.44
CA ALA B 276 -42.09 33.97 -10.57
C ALA B 276 -41.48 34.44 -11.88
N ILE B 277 -41.56 33.58 -12.88
CA ILE B 277 -41.04 33.88 -14.20
C ILE B 277 -41.91 33.10 -15.19
N ALA B 278 -42.02 33.61 -16.41
CA ALA B 278 -42.83 32.95 -17.41
C ALA B 278 -42.18 33.12 -18.77
N TRP B 279 -42.64 32.31 -19.72
CA TRP B 279 -42.15 32.35 -21.08
C TRP B 279 -42.91 33.50 -21.77
N MET B 280 -42.18 34.47 -22.32
CA MET B 280 -42.81 35.60 -22.97
C MET B 280 -43.16 35.23 -24.40
N ASN B 281 -44.24 34.49 -24.55
CA ASN B 281 -44.68 34.06 -25.87
C ASN B 281 -46.13 33.64 -25.74
N ASN B 282 -46.79 33.47 -26.88
CA ASN B 282 -48.19 33.07 -26.92
C ASN B 282 -48.34 32.04 -28.02
N TRP B 283 -48.94 30.89 -27.71
CA TRP B 283 -49.11 29.86 -28.70
C TRP B 283 -49.96 30.23 -29.91
N LYS B 284 -50.55 31.41 -29.91
CA LYS B 284 -51.34 31.84 -31.05
C LYS B 284 -50.36 32.12 -32.18
N TYR B 285 -49.09 32.31 -31.83
CA TYR B 285 -48.07 32.62 -32.82
C TYR B 285 -46.63 32.24 -32.46
N ALA B 286 -46.44 31.41 -31.44
CA ALA B 286 -45.11 31.02 -31.02
C ALA B 286 -44.31 30.28 -32.10
N ALA B 287 -44.95 29.35 -32.79
CA ALA B 287 -44.30 28.57 -33.84
C ALA B 287 -44.03 29.41 -35.08
N ARG B 288 -42.97 30.21 -35.02
CA ARG B 288 -42.60 31.08 -36.12
C ARG B 288 -41.19 31.57 -35.84
N ASP B 289 -40.59 32.20 -36.84
CA ASP B 289 -39.27 32.77 -36.68
C ASP B 289 -39.44 34.18 -36.15
N VAL B 290 -38.56 34.58 -35.25
CA VAL B 290 -38.62 35.91 -34.68
C VAL B 290 -37.34 36.62 -35.10
N PRO B 291 -37.28 37.95 -34.93
CA PRO B 291 -36.10 38.72 -35.31
C PRO B 291 -34.76 38.13 -34.85
N THR B 292 -34.68 37.70 -33.60
CA THR B 292 -33.43 37.17 -33.06
C THR B 292 -32.96 35.86 -33.70
N ASP B 293 -33.83 35.20 -34.46
CA ASP B 293 -33.43 33.97 -35.14
C ASP B 293 -32.34 34.31 -36.16
N ALA B 294 -32.63 35.30 -36.99
CA ALA B 294 -31.70 35.72 -38.03
C ALA B 294 -30.51 36.51 -37.51
N SER B 295 -30.72 37.32 -36.48
CA SER B 295 -29.64 38.12 -35.94
C SER B 295 -28.75 37.41 -34.93
N ASP B 296 -29.29 36.42 -34.22
CA ASP B 296 -28.51 35.74 -33.21
C ASP B 296 -28.72 34.23 -33.07
N GLY B 297 -29.57 33.66 -33.90
CA GLY B 297 -29.79 32.23 -33.84
C GLY B 297 -30.56 31.68 -32.65
N TYR B 298 -31.41 32.48 -32.03
CA TYR B 298 -32.22 32.00 -30.91
C TYR B 298 -33.61 32.59 -30.97
N ASN B 299 -34.57 31.85 -30.43
CA ASN B 299 -35.96 32.26 -30.44
C ASN B 299 -36.57 32.09 -29.04
N GLY B 300 -36.94 33.20 -28.41
CA GLY B 300 -37.54 33.14 -27.09
C GLY B 300 -36.79 33.78 -25.95
N GLN B 301 -37.55 34.40 -25.05
CA GLN B 301 -37.00 35.03 -23.86
C GLN B 301 -37.99 34.87 -22.74
N ASN B 302 -37.50 34.87 -21.50
CA ASN B 302 -38.36 34.74 -20.33
C ASN B 302 -38.73 36.13 -19.86
N SER B 303 -39.81 36.23 -19.10
CA SER B 303 -40.23 37.53 -18.57
C SER B 303 -39.24 37.92 -17.47
N ILE B 304 -39.39 39.13 -16.97
CA ILE B 304 -38.56 39.60 -15.88
C ILE B 304 -39.01 38.75 -14.71
N VAL B 305 -38.21 38.68 -13.65
CA VAL B 305 -38.61 37.90 -12.49
C VAL B 305 -39.39 38.82 -11.57
N ARG B 306 -40.54 38.36 -11.09
CA ARG B 306 -41.35 39.17 -10.21
C ARG B 306 -41.49 38.53 -8.84
N GLU B 307 -41.79 39.38 -7.87
CA GLU B 307 -42.01 38.94 -6.50
C GLU B 307 -43.52 38.89 -6.31
N LEU B 308 -43.99 37.93 -5.51
CA LEU B 308 -45.42 37.79 -5.26
C LEU B 308 -45.67 37.68 -3.77
N ARG B 309 -46.77 38.29 -3.32
CA ARG B 309 -47.17 38.24 -1.91
C ARG B 309 -48.70 38.18 -1.89
N LEU B 310 -49.25 37.49 -0.90
CA LEU B 310 -50.71 37.35 -0.78
C LEU B 310 -51.27 38.37 0.21
N ALA B 311 -52.16 39.24 -0.24
CA ALA B 311 -52.74 40.26 0.62
C ALA B 311 -54.22 40.05 0.84
N ARG B 312 -54.67 40.26 2.07
CA ARG B 312 -56.08 40.08 2.39
C ARG B 312 -56.89 41.26 1.84
N GLN B 313 -58.10 40.98 1.40
CA GLN B 313 -58.97 42.02 0.87
C GLN B 313 -60.20 42.09 1.76
N PRO B 314 -60.88 43.25 1.80
CA PRO B 314 -62.09 43.38 2.62
C PRO B 314 -63.06 42.27 2.28
N GLY B 315 -63.65 41.64 3.28
CA GLY B 315 -64.57 40.57 2.99
C GLY B 315 -63.94 39.22 3.28
N GLY B 316 -62.63 39.21 3.49
CA GLY B 316 -61.96 37.96 3.79
C GLY B 316 -61.39 37.14 2.65
N TRP B 317 -61.33 37.66 1.45
CA TRP B 317 -60.74 36.91 0.34
C TRP B 317 -59.30 37.42 0.19
N TYR B 318 -58.49 36.73 -0.61
CA TYR B 318 -57.09 37.11 -0.79
C TYR B 318 -56.67 37.20 -2.25
N THR B 319 -55.71 38.08 -2.53
CA THR B 319 -55.22 38.26 -3.89
C THR B 319 -53.70 38.41 -3.90
N LEU B 320 -53.07 38.07 -5.02
CA LEU B 320 -51.62 38.18 -5.17
C LEU B 320 -51.25 39.55 -5.70
N LEU B 321 -50.09 40.05 -5.28
CA LEU B 321 -49.60 41.34 -5.73
C LEU B 321 -48.22 41.11 -6.32
N SER B 322 -47.96 41.75 -7.45
CA SER B 322 -46.69 41.60 -8.15
C SER B 322 -45.83 42.84 -8.16
N THR B 323 -44.52 42.63 -8.12
CA THR B 323 -43.55 43.72 -8.18
C THR B 323 -42.27 43.10 -8.78
N PRO B 324 -41.58 43.83 -9.65
CA PRO B 324 -40.37 43.28 -10.24
C PRO B 324 -39.31 42.96 -9.18
N VAL B 325 -38.55 41.89 -9.40
CA VAL B 325 -37.53 41.49 -8.43
C VAL B 325 -36.67 42.68 -8.00
N ALA B 326 -36.49 42.80 -6.69
CA ALA B 326 -35.76 43.89 -6.06
C ALA B 326 -34.31 44.06 -6.55
N ALA B 327 -33.64 42.95 -6.79
CA ALA B 327 -32.25 42.99 -7.25
C ALA B 327 -32.02 43.69 -8.59
N LEU B 328 -33.08 43.93 -9.34
CA LEU B 328 -32.92 44.59 -10.65
C LEU B 328 -32.34 45.99 -10.46
N THR B 329 -32.48 46.53 -9.26
CA THR B 329 -31.96 47.84 -8.91
C THR B 329 -30.43 47.86 -9.02
N ASN B 330 -29.81 46.70 -8.89
CA ASN B 330 -28.35 46.63 -8.96
C ASN B 330 -27.81 46.71 -10.37
N TYR B 331 -28.70 46.67 -11.35
CA TYR B 331 -28.28 46.73 -12.74
C TYR B 331 -28.55 48.09 -13.37
N VAL B 332 -28.92 49.06 -12.54
CA VAL B 332 -29.20 50.40 -13.04
C VAL B 332 -27.88 51.13 -13.26
N THR B 333 -27.66 51.60 -14.48
CA THR B 333 -26.44 52.30 -14.83
C THR B 333 -26.58 53.82 -14.80
N ALA B 334 -27.81 54.30 -14.73
CA ALA B 334 -28.04 55.74 -14.71
C ALA B 334 -29.48 56.05 -14.32
N THR B 335 -29.68 57.19 -13.67
CA THR B 335 -31.01 57.56 -13.25
C THR B 335 -31.34 58.97 -13.70
N THR B 336 -32.40 59.10 -14.48
CA THR B 336 -32.80 60.40 -15.01
C THR B 336 -34.16 60.88 -14.55
N THR B 337 -34.21 62.07 -14.00
CA THR B 337 -35.45 62.65 -13.56
C THR B 337 -35.74 63.78 -14.52
N LEU B 338 -36.99 63.87 -14.96
CA LEU B 338 -37.44 64.90 -15.87
C LEU B 338 -38.48 65.70 -15.10
N PRO B 339 -38.48 67.03 -15.26
CA PRO B 339 -39.42 67.93 -14.58
C PRO B 339 -40.88 67.57 -14.80
N ASP B 340 -41.71 67.78 -13.78
CA ASP B 340 -43.13 67.49 -13.91
C ASP B 340 -43.63 68.35 -15.06
N ARG B 341 -44.65 67.88 -15.77
CA ARG B 341 -45.18 68.68 -16.86
C ARG B 341 -46.63 68.43 -17.19
N THR B 342 -47.27 69.47 -17.69
CA THR B 342 -48.65 69.40 -18.09
C THR B 342 -48.64 69.35 -19.61
N VAL B 343 -49.31 68.36 -20.19
CA VAL B 343 -49.37 68.27 -21.64
C VAL B 343 -50.81 68.05 -22.07
N ASP B 344 -51.19 68.72 -23.15
CA ASP B 344 -52.54 68.63 -23.70
C ASP B 344 -52.38 68.35 -25.18
N GLY B 345 -52.24 67.07 -25.52
CA GLY B 345 -52.06 66.68 -26.90
C GLY B 345 -50.95 65.65 -26.92
N SER B 346 -49.72 66.13 -27.08
CA SER B 346 -48.58 65.23 -27.10
C SER B 346 -47.29 66.01 -26.92
N ALA B 347 -46.28 65.33 -26.40
CA ALA B 347 -44.97 65.92 -26.17
C ALA B 347 -43.93 64.81 -26.12
N VAL B 348 -42.78 65.07 -26.71
CA VAL B 348 -41.69 64.11 -26.74
C VAL B 348 -40.76 64.41 -25.56
N LEU B 349 -40.34 63.38 -24.84
CA LEU B 349 -39.43 63.58 -23.70
C LEU B 349 -37.99 63.67 -24.22
N PRO B 350 -37.16 64.47 -23.56
CA PRO B 350 -35.77 64.60 -24.01
C PRO B 350 -34.89 63.49 -23.45
N TRP B 351 -35.16 62.27 -23.89
CA TRP B 351 -34.40 61.11 -23.43
C TRP B 351 -34.64 59.98 -24.41
N ASN B 352 -33.61 59.15 -24.61
CA ASN B 352 -33.70 58.02 -25.54
C ASN B 352 -32.98 56.81 -24.97
N GLY B 353 -33.48 55.62 -25.27
CA GLY B 353 -32.85 54.40 -24.78
C GLY B 353 -33.62 53.19 -25.23
N ARG B 354 -33.07 52.00 -24.98
CA ARG B 354 -33.74 50.77 -25.37
C ARG B 354 -33.94 49.79 -24.21
N ALA B 355 -33.19 49.98 -23.14
CA ALA B 355 -33.27 49.11 -21.98
C ALA B 355 -33.35 49.96 -20.73
N TYR B 356 -34.55 50.05 -20.18
CA TYR B 356 -34.76 50.87 -19.00
C TYR B 356 -36.10 50.62 -18.33
N GLU B 357 -36.28 51.31 -17.21
CA GLU B 357 -37.50 51.24 -16.44
C GLU B 357 -37.92 52.69 -16.28
N ILE B 358 -39.18 53.00 -16.60
CA ILE B 358 -39.64 54.36 -16.40
C ILE B 358 -40.82 54.36 -15.46
N GLU B 359 -40.76 55.26 -14.47
CA GLU B 359 -41.83 55.39 -13.48
C GLU B 359 -42.41 56.79 -13.59
N LEU B 360 -43.71 56.91 -13.35
CA LEU B 360 -44.37 58.20 -13.41
C LEU B 360 -45.82 58.11 -12.97
N ASP B 361 -46.40 59.28 -12.69
CA ASP B 361 -47.79 59.39 -12.30
C ASP B 361 -48.47 60.29 -13.33
N ILE B 362 -49.75 60.02 -13.57
CA ILE B 362 -50.53 60.80 -14.52
C ILE B 362 -51.83 61.16 -13.81
N ALA B 363 -52.23 62.41 -13.90
CA ALA B 363 -53.45 62.87 -13.27
C ALA B 363 -54.21 63.74 -14.26
N TRP B 364 -55.51 63.51 -14.39
CA TRP B 364 -56.30 64.31 -15.33
C TRP B 364 -57.71 64.56 -14.83
N ASP B 365 -58.49 65.28 -15.63
CA ASP B 365 -59.87 65.59 -15.26
C ASP B 365 -60.84 65.18 -16.38
N THR B 366 -60.97 66.03 -17.40
CA THR B 366 -61.88 65.75 -18.49
C THR B 366 -61.30 64.86 -19.60
N ALA B 367 -59.98 64.72 -19.66
CA ALA B 367 -59.35 63.91 -20.69
C ALA B 367 -59.98 62.51 -20.73
N THR B 368 -60.26 62.00 -21.92
CA THR B 368 -60.86 60.68 -22.05
C THR B 368 -59.81 59.61 -22.39
N ASN B 369 -58.57 60.04 -22.56
CA ASN B 369 -57.49 59.12 -22.87
C ASN B 369 -56.19 59.82 -22.50
N VAL B 370 -55.34 59.09 -21.80
CA VAL B 370 -54.04 59.59 -21.40
C VAL B 370 -53.10 58.42 -21.52
N GLY B 371 -51.82 58.69 -21.74
CA GLY B 371 -50.87 57.62 -21.87
C GLY B 371 -49.46 58.07 -22.15
N ILE B 372 -48.60 57.08 -22.36
CA ILE B 372 -47.21 57.34 -22.65
C ILE B 372 -46.81 56.36 -23.75
N SER B 373 -45.99 56.82 -24.70
CA SER B 373 -45.54 55.95 -25.79
C SER B 373 -44.07 55.65 -25.65
N VAL B 374 -43.70 54.38 -25.75
CA VAL B 374 -42.30 53.97 -25.66
C VAL B 374 -41.90 53.30 -26.97
N GLY B 375 -40.60 53.22 -27.23
CA GLY B 375 -40.12 52.62 -28.46
C GLY B 375 -40.55 53.51 -29.61
N ARG B 376 -40.52 54.81 -29.37
CA ARG B 376 -40.91 55.79 -30.36
C ARG B 376 -39.85 56.11 -31.39
N SER B 377 -40.09 55.75 -32.64
CA SER B 377 -39.14 56.03 -33.70
C SER B 377 -39.26 57.50 -34.05
N PRO B 378 -38.14 58.17 -34.31
CA PRO B 378 -38.21 59.59 -34.65
C PRO B 378 -39.02 59.94 -35.89
N ASP B 379 -39.29 58.96 -36.76
CA ASP B 379 -40.09 59.25 -37.95
C ASP B 379 -41.58 59.27 -37.60
N GLY B 380 -41.86 59.12 -36.31
CA GLY B 380 -43.23 59.14 -35.81
C GLY B 380 -44.16 58.01 -36.20
N THR B 381 -43.65 56.99 -36.87
CA THR B 381 -44.49 55.88 -37.30
C THR B 381 -44.61 54.71 -36.33
N ARG B 382 -43.60 54.50 -35.50
CA ARG B 382 -43.61 53.37 -34.60
C ARG B 382 -43.61 53.74 -33.13
N HIS B 383 -44.33 52.95 -32.32
CA HIS B 383 -44.42 53.17 -30.89
C HIS B 383 -45.45 52.26 -30.24
N THR B 384 -45.27 52.00 -28.96
CA THR B 384 -46.20 51.17 -28.21
C THR B 384 -46.82 52.08 -27.17
N ASN B 385 -48.15 52.13 -27.13
CA ASN B 385 -48.83 53.01 -26.20
C ASN B 385 -49.35 52.36 -24.93
N ILE B 386 -48.97 52.95 -23.79
CA ILE B 386 -49.43 52.46 -22.50
C ILE B 386 -50.36 53.55 -21.98
N GLY B 387 -51.63 53.22 -21.79
CA GLY B 387 -52.55 54.24 -21.31
C GLY B 387 -53.78 53.78 -20.56
N LYS B 388 -54.62 54.76 -20.24
CA LYS B 388 -55.86 54.54 -19.50
C LYS B 388 -57.01 55.13 -20.30
N TYR B 389 -57.97 54.29 -20.65
CA TYR B 389 -59.14 54.73 -21.38
C TYR B 389 -60.35 53.98 -20.88
N GLY B 390 -61.39 54.71 -20.51
CA GLY B 390 -62.58 54.08 -19.99
C GLY B 390 -62.24 53.26 -18.77
N ALA B 391 -62.58 51.98 -18.82
CA ALA B 391 -62.31 51.06 -17.71
C ALA B 391 -61.07 50.23 -18.04
N ASP B 392 -60.29 50.73 -18.99
CA ASP B 392 -59.09 50.02 -19.43
C ASP B 392 -57.76 50.69 -19.19
N LEU B 393 -56.81 49.89 -18.75
CA LEU B 393 -55.43 50.31 -18.57
C LEU B 393 -54.87 49.42 -19.67
N TYR B 394 -54.61 49.99 -20.83
CA TYR B 394 -54.15 49.23 -21.97
C TYR B 394 -52.69 49.36 -22.35
N VAL B 395 -52.24 48.41 -23.15
CA VAL B 395 -50.88 48.38 -23.69
C VAL B 395 -51.14 48.00 -25.14
N ASP B 396 -50.91 48.95 -26.04
CA ASP B 396 -51.16 48.73 -27.46
C ASP B 396 -49.87 48.73 -28.26
N ARG B 397 -49.44 47.53 -28.66
CA ARG B 397 -48.21 47.37 -29.42
C ARG B 397 -48.47 47.44 -30.92
N GLY B 398 -49.74 47.59 -31.29
CA GLY B 398 -50.09 47.68 -32.70
C GLY B 398 -49.16 48.56 -33.52
N PRO B 399 -48.90 49.80 -33.09
CA PRO B 399 -48.01 50.68 -33.86
C PRO B 399 -46.53 50.28 -33.86
N SER B 400 -46.20 49.16 -33.22
CA SER B 400 -44.83 48.67 -33.19
C SER B 400 -44.73 47.42 -34.06
N ASP B 401 -45.83 47.09 -34.69
CA ASP B 401 -45.89 45.92 -35.56
C ASP B 401 -44.74 45.98 -36.57
N LEU B 402 -44.05 44.86 -36.75
CA LEU B 402 -42.91 44.79 -37.65
C LEU B 402 -43.17 43.87 -38.84
N ALA B 403 -42.84 44.37 -40.02
CA ALA B 403 -43.01 43.65 -41.28
C ALA B 403 -42.32 42.28 -41.25
N GLY B 404 -43.09 41.23 -41.50
CA GLY B 404 -42.53 39.90 -41.49
C GLY B 404 -42.53 39.27 -40.11
N TYR B 405 -43.02 40.02 -39.12
CA TYR B 405 -43.07 39.53 -37.75
C TYR B 405 -44.29 40.06 -37.00
N SER B 406 -45.21 40.65 -37.73
CA SER B 406 -46.43 41.23 -37.16
C SER B 406 -47.13 40.35 -36.13
N LEU B 407 -47.61 40.97 -35.06
CA LEU B 407 -48.33 40.27 -34.01
C LEU B 407 -49.85 40.44 -34.17
N ALA B 408 -50.27 41.16 -35.20
CA ALA B 408 -51.69 41.38 -35.43
C ALA B 408 -52.37 40.03 -35.52
N PRO B 409 -53.63 39.95 -35.07
CA PRO B 409 -54.48 40.99 -34.50
C PRO B 409 -54.44 41.10 -32.98
N TYR B 410 -53.37 40.60 -32.36
CA TYR B 410 -53.25 40.66 -30.91
C TYR B 410 -52.38 41.86 -30.59
N SER B 411 -52.97 43.05 -30.72
CA SER B 411 -52.27 44.29 -30.52
C SER B 411 -52.58 45.06 -29.25
N ARG B 412 -53.86 45.13 -28.89
CA ARG B 412 -54.27 45.89 -27.71
C ARG B 412 -54.66 45.03 -26.52
N ALA B 413 -53.77 44.97 -25.52
CA ALA B 413 -54.05 44.20 -24.32
C ALA B 413 -54.53 45.18 -23.27
N ALA B 414 -55.42 44.73 -22.39
CA ALA B 414 -55.93 45.63 -21.37
C ALA B 414 -56.15 44.97 -20.02
N ALA B 415 -55.88 45.74 -18.96
CA ALA B 415 -56.09 45.28 -17.60
C ALA B 415 -57.22 46.16 -17.12
N PRO B 416 -58.13 45.61 -16.31
CA PRO B 416 -59.24 46.44 -15.84
C PRO B 416 -58.77 47.45 -14.80
N ILE B 417 -59.33 48.66 -14.86
CA ILE B 417 -59.02 49.70 -13.90
C ILE B 417 -60.32 50.46 -13.65
N ASP B 418 -60.46 51.06 -12.48
CA ASP B 418 -61.69 51.77 -12.14
C ASP B 418 -61.94 52.90 -13.15
N PRO B 419 -63.08 52.85 -13.84
CA PRO B 419 -63.36 53.90 -14.81
C PRO B 419 -63.43 55.31 -14.23
N GLY B 420 -63.61 55.40 -12.91
CA GLY B 420 -63.68 56.70 -12.27
C GLY B 420 -62.31 57.24 -11.89
N ALA B 421 -61.25 56.47 -12.14
CA ALA B 421 -59.91 56.90 -11.79
C ALA B 421 -59.48 58.13 -12.58
N ARG B 422 -58.76 59.03 -11.92
CA ARG B 422 -58.28 60.24 -12.57
C ARG B 422 -56.77 60.45 -12.38
N SER B 423 -56.11 59.39 -11.94
CA SER B 423 -54.67 59.39 -11.76
C SER B 423 -54.27 57.91 -11.72
N VAL B 424 -53.02 57.61 -12.05
CA VAL B 424 -52.55 56.23 -12.04
C VAL B 424 -51.05 56.25 -11.99
N HIS B 425 -50.47 55.28 -11.30
CA HIS B 425 -49.02 55.17 -11.20
C HIS B 425 -48.57 54.05 -12.10
N LEU B 426 -47.57 54.31 -12.93
CA LEU B 426 -47.09 53.27 -13.82
C LEU B 426 -45.63 52.99 -13.60
N ARG B 427 -45.27 51.71 -13.74
CA ARG B 427 -43.90 51.28 -13.63
C ARG B 427 -43.70 50.43 -14.87
N ILE B 428 -42.96 50.97 -15.83
CA ILE B 428 -42.78 50.27 -17.10
C ILE B 428 -41.37 49.80 -17.39
N LEU B 429 -41.25 48.50 -17.67
CA LEU B 429 -39.97 47.88 -18.00
C LEU B 429 -39.90 47.69 -19.51
N VAL B 430 -38.94 48.37 -20.13
CA VAL B 430 -38.74 48.29 -21.56
C VAL B 430 -37.40 47.65 -21.89
N ASP B 431 -37.40 46.65 -22.77
CA ASP B 431 -36.16 46.01 -23.20
C ASP B 431 -36.23 45.87 -24.72
N THR B 432 -35.18 45.35 -25.34
CA THR B 432 -35.13 45.23 -26.79
C THR B 432 -36.29 44.53 -27.49
N GLN B 433 -36.89 43.54 -26.85
CA GLN B 433 -38.00 42.83 -27.49
C GLN B 433 -39.21 42.69 -26.56
N SER B 434 -39.41 43.65 -25.67
CA SER B 434 -40.53 43.55 -24.74
C SER B 434 -40.89 44.79 -23.94
N VAL B 435 -42.10 44.76 -23.38
CA VAL B 435 -42.62 45.82 -22.53
C VAL B 435 -43.41 45.13 -21.43
N GLU B 436 -43.12 45.49 -20.17
CA GLU B 436 -43.81 44.91 -19.02
C GLU B 436 -44.28 46.07 -18.14
N VAL B 437 -45.59 46.16 -17.98
CA VAL B 437 -46.21 47.24 -17.21
C VAL B 437 -46.82 46.79 -15.88
N PHE B 438 -46.31 47.37 -14.78
CA PHE B 438 -46.81 47.08 -13.45
C PHE B 438 -47.63 48.31 -13.05
N VAL B 439 -48.94 48.12 -12.97
CA VAL B 439 -49.85 49.21 -12.64
C VAL B 439 -50.07 49.39 -11.14
N ASN B 440 -50.09 50.65 -10.71
CA ASN B 440 -50.31 51.00 -9.32
C ASN B 440 -49.53 50.17 -8.31
N ALA B 441 -50.22 49.45 -7.43
CA ALA B 441 -49.51 48.65 -6.43
C ALA B 441 -49.25 47.21 -6.85
N GLY B 442 -49.21 46.99 -8.16
CA GLY B 442 -48.91 45.68 -8.68
C GLY B 442 -50.01 44.62 -8.72
N HIS B 443 -51.26 45.03 -8.58
CA HIS B 443 -52.33 44.05 -8.63
C HIS B 443 -52.57 43.63 -10.08
N THR B 444 -52.38 44.56 -11.00
CA THR B 444 -52.55 44.29 -12.42
C THR B 444 -51.24 44.54 -13.13
N VAL B 445 -50.86 43.58 -13.97
CA VAL B 445 -49.62 43.64 -14.70
C VAL B 445 -49.85 43.20 -16.15
N LEU B 446 -49.17 43.82 -17.09
CA LEU B 446 -49.31 43.46 -18.50
C LEU B 446 -47.94 43.21 -19.10
N SER B 447 -47.73 42.00 -19.59
CA SER B 447 -46.47 41.61 -20.19
C SER B 447 -46.68 41.22 -21.63
N GLN B 448 -45.84 41.73 -22.51
CA GLN B 448 -45.92 41.39 -23.92
C GLN B 448 -44.61 41.63 -24.63
N GLN B 449 -44.33 40.80 -25.62
CA GLN B 449 -43.12 40.97 -26.39
C GLN B 449 -43.46 42.03 -27.43
N VAL B 450 -42.48 42.82 -27.82
CA VAL B 450 -42.68 43.85 -28.81
C VAL B 450 -41.43 43.89 -29.68
N HIS B 451 -41.59 43.75 -31.00
CA HIS B 451 -40.44 43.74 -31.90
C HIS B 451 -39.97 45.14 -32.26
N PHE B 452 -39.22 45.74 -31.33
CA PHE B 452 -38.69 47.08 -31.54
C PHE B 452 -37.56 47.05 -32.57
N ALA B 453 -37.36 48.18 -33.23
CA ALA B 453 -36.30 48.32 -34.21
C ALA B 453 -35.20 49.12 -33.54
N GLU B 454 -34.02 49.16 -34.16
CA GLU B 454 -32.89 49.88 -33.59
C GLU B 454 -33.19 51.34 -33.28
N GLY B 455 -34.02 51.95 -34.11
CA GLY B 455 -34.36 53.35 -33.90
C GLY B 455 -35.57 53.66 -33.03
N ASP B 456 -36.22 52.63 -32.51
CA ASP B 456 -37.38 52.82 -31.65
C ASP B 456 -36.86 53.08 -30.23
N THR B 457 -36.46 54.33 -29.98
CA THR B 457 -35.88 54.68 -28.70
C THR B 457 -36.52 55.84 -27.95
N GLY B 458 -37.41 56.58 -28.60
CA GLY B 458 -38.01 57.72 -27.94
C GLY B 458 -39.16 57.43 -27.00
N ILE B 459 -39.60 58.48 -26.32
CA ILE B 459 -40.72 58.39 -25.38
C ILE B 459 -41.51 59.68 -25.50
N SER B 460 -42.82 59.58 -25.55
CA SER B 460 -43.66 60.77 -25.63
C SER B 460 -44.84 60.59 -24.68
N LEU B 461 -45.56 61.68 -24.44
CA LEU B 461 -46.73 61.66 -23.56
C LEU B 461 -47.91 62.22 -24.32
N TYR B 462 -49.10 61.66 -24.10
CA TYR B 462 -50.28 62.14 -24.81
C TYR B 462 -51.55 62.15 -23.98
N THR B 463 -52.49 62.96 -24.42
CA THR B 463 -53.78 63.11 -23.77
C THR B 463 -54.77 63.42 -24.86
N ASP B 464 -56.05 63.17 -24.58
CA ASP B 464 -57.11 63.43 -25.54
C ASP B 464 -58.32 63.92 -24.75
N GLY B 465 -58.86 65.07 -25.16
CA GLY B 465 -60.01 65.62 -24.48
C GLY B 465 -59.71 66.42 -23.23
N GLY B 466 -58.46 66.88 -23.10
CA GLY B 466 -58.08 67.65 -21.94
C GLY B 466 -56.63 67.46 -21.56
N PRO B 467 -56.09 68.30 -20.66
CA PRO B 467 -54.71 68.22 -20.22
C PRO B 467 -54.50 67.24 -19.06
N ALA B 468 -53.29 66.71 -18.96
CA ALA B 468 -52.96 65.78 -17.90
C ALA B 468 -51.61 66.17 -17.32
N HIS B 469 -51.44 65.94 -16.02
CA HIS B 469 -50.20 66.26 -15.34
C HIS B 469 -49.33 65.01 -15.22
N PHE B 470 -48.13 65.09 -15.79
CA PHE B 470 -47.18 63.98 -15.73
C PHE B 470 -46.15 64.39 -14.70
N THR B 471 -46.09 63.64 -13.60
CA THR B 471 -45.18 63.94 -12.51
C THR B 471 -44.35 62.76 -12.00
N GLY B 472 -43.30 63.08 -11.25
CA GLY B 472 -42.45 62.03 -10.70
C GLY B 472 -41.90 61.14 -11.80
N ILE B 473 -41.53 61.74 -12.91
CA ILE B 473 -40.99 61.00 -14.04
C ILE B 473 -39.54 60.63 -13.79
N VAL B 474 -39.26 59.35 -13.69
CA VAL B 474 -37.90 58.88 -13.47
C VAL B 474 -37.58 57.73 -14.40
N VAL B 475 -36.43 57.83 -15.08
CA VAL B 475 -36.00 56.81 -16.02
C VAL B 475 -34.69 56.19 -15.58
N ARG B 476 -34.72 54.89 -15.33
CA ARG B 476 -33.52 54.17 -14.90
C ARG B 476 -32.99 53.27 -15.99
N GLU B 477 -31.83 53.60 -16.54
CA GLU B 477 -31.24 52.78 -17.57
C GLU B 477 -30.71 51.48 -16.96
N ILE B 478 -30.94 50.37 -17.64
CA ILE B 478 -30.50 49.09 -17.14
C ILE B 478 -29.40 48.47 -18.01
N GLY B 479 -28.36 47.98 -17.35
CA GLY B 479 -27.24 47.33 -18.03
C GLY B 479 -26.95 46.08 -17.24
N GLN B 480 -25.69 45.66 -17.15
CA GLN B 480 -25.35 44.45 -16.39
C GLN B 480 -24.50 44.73 -15.14
N ALA B 481 -23.94 43.67 -14.57
CA ALA B 481 -23.11 43.75 -13.38
C ALA B 481 -23.92 44.26 -12.18
N ALA C 2 18.20 -14.86 24.72
CA ALA C 2 17.44 -14.83 26.00
C ALA C 2 18.38 -14.71 27.20
N VAL C 3 18.29 -13.58 27.91
CA VAL C 3 19.15 -13.33 29.05
C VAL C 3 18.93 -14.22 30.27
N TYR C 4 17.70 -14.60 30.57
CA TYR C 4 17.48 -15.44 31.74
C TYR C 4 16.43 -16.55 31.57
N HIS C 5 16.30 -17.06 30.34
CA HIS C 5 15.38 -18.14 30.06
C HIS C 5 16.25 -19.24 29.47
N MET C 6 15.94 -20.50 29.76
CA MET C 6 16.76 -21.58 29.24
C MET C 6 16.62 -21.79 27.74
N THR C 7 17.76 -21.87 27.06
CA THR C 7 17.79 -22.08 25.62
C THR C 7 18.80 -23.19 25.34
N PRO C 8 18.61 -23.95 24.25
CA PRO C 8 19.55 -25.02 23.94
C PRO C 8 20.85 -24.46 23.37
N PRO C 9 21.98 -25.10 23.66
CA PRO C 9 23.25 -24.60 23.13
C PRO C 9 23.11 -24.38 21.63
N SER C 10 22.44 -25.30 20.96
CA SER C 10 22.20 -25.21 19.53
C SER C 10 21.05 -26.12 19.19
N GLY C 11 20.54 -25.96 17.98
CA GLY C 11 19.44 -26.79 17.52
C GLY C 11 18.04 -26.47 17.97
N TRP C 12 17.20 -27.50 17.89
CA TRP C 12 15.79 -27.41 18.23
C TRP C 12 15.44 -27.89 19.63
N LEU C 13 14.71 -27.05 20.35
CA LEU C 13 14.24 -27.38 21.71
C LEU C 13 12.77 -27.76 21.61
N CYS C 14 12.37 -28.74 22.42
CA CYS C 14 10.98 -29.17 22.44
C CYS C 14 10.60 -29.52 23.88
N ASN C 15 9.59 -30.37 24.05
CA ASN C 15 9.07 -30.76 25.36
C ASN C 15 10.04 -31.00 26.52
N PRO C 16 9.89 -30.28 27.63
CA PRO C 16 10.81 -30.53 28.74
C PRO C 16 10.26 -31.78 29.42
N GLN C 17 11.09 -32.46 30.19
CA GLN C 17 10.66 -33.67 30.89
C GLN C 17 10.82 -33.37 32.37
N ARG C 18 9.87 -33.81 33.18
CA ARG C 18 9.91 -33.58 34.61
C ARG C 18 11.27 -33.86 35.22
N PRO C 19 11.83 -32.88 35.93
CA PRO C 19 13.14 -33.05 36.55
C PRO C 19 13.12 -34.01 37.74
N VAL C 20 14.27 -34.63 38.01
CA VAL C 20 14.41 -35.51 39.15
C VAL C 20 15.48 -34.82 39.99
N THR C 21 15.51 -35.10 41.28
CA THR C 21 16.51 -34.48 42.13
C THR C 21 17.57 -35.49 42.52
N THR C 22 18.81 -35.20 42.15
CA THR C 22 19.95 -36.06 42.48
C THR C 22 21.16 -35.16 42.52
N HIS C 23 22.13 -35.50 43.35
CA HIS C 23 23.36 -34.72 43.48
C HIS C 23 23.08 -33.29 43.93
N GLY C 24 22.10 -33.13 44.80
CA GLY C 24 21.76 -31.80 45.31
C GLY C 24 21.33 -30.79 44.26
N ALA C 25 20.73 -31.25 43.17
CA ALA C 25 20.28 -30.35 42.13
C ALA C 25 19.14 -30.96 41.34
N TYR C 26 18.55 -30.17 40.45
CA TYR C 26 17.46 -30.66 39.62
C TYR C 26 18.01 -31.11 38.28
N GLN C 27 17.72 -32.33 37.88
CA GLN C 27 18.20 -32.83 36.60
C GLN C 27 17.06 -32.69 35.59
N LEU C 28 17.15 -31.69 34.72
CA LEU C 28 16.12 -31.50 33.71
C LEU C 28 16.47 -32.25 32.43
N TYR C 29 15.46 -32.73 31.75
CA TYR C 29 15.66 -33.42 30.49
C TYR C 29 14.68 -32.76 29.54
N TYR C 30 15.02 -32.72 28.27
CA TYR C 30 14.12 -32.10 27.30
C TYR C 30 14.37 -32.67 25.92
N LEU C 31 13.33 -32.68 25.11
CA LEU C 31 13.44 -33.18 23.76
C LEU C 31 14.34 -32.22 22.99
N HIS C 32 15.26 -32.77 22.22
CA HIS C 32 16.16 -31.94 21.43
C HIS C 32 16.42 -32.54 20.06
N SER C 33 16.62 -31.69 19.06
CA SER C 33 16.89 -32.16 17.70
C SER C 33 17.83 -31.21 16.98
N ASP C 34 18.64 -31.76 16.09
CA ASP C 34 19.56 -30.95 15.33
C ASP C 34 18.76 -30.16 14.28
N GLN C 35 17.64 -30.72 13.84
CA GLN C 35 16.81 -30.05 12.85
C GLN C 35 15.49 -29.60 13.46
N ASN C 36 14.98 -28.45 13.01
CA ASN C 36 13.73 -27.95 13.55
C ASN C 36 12.62 -28.93 13.27
N ASN C 37 11.92 -29.33 14.34
CA ASN C 37 10.83 -30.29 14.26
C ASN C 37 11.31 -31.61 13.69
N GLY C 38 12.60 -31.91 13.86
CA GLY C 38 13.15 -33.15 13.36
C GLY C 38 13.20 -34.24 14.42
N PRO C 39 13.60 -35.45 14.03
CA PRO C 39 13.70 -36.59 14.94
C PRO C 39 14.72 -36.26 16.02
N GLY C 40 14.46 -36.65 17.26
CA GLY C 40 15.42 -36.36 18.30
C GLY C 40 15.39 -37.30 19.47
N GLY C 41 15.84 -36.81 20.62
CA GLY C 41 15.85 -37.63 21.81
C GLY C 41 15.84 -36.74 23.03
N TRP C 42 16.28 -37.28 24.16
CA TRP C 42 16.33 -36.55 25.41
C TRP C 42 17.70 -35.94 25.67
N ASP C 43 17.73 -34.65 25.98
CA ASP C 43 18.96 -33.98 26.32
C ASP C 43 18.87 -33.66 27.81
N HIS C 44 20.01 -33.41 28.44
CA HIS C 44 20.05 -33.19 29.88
C HIS C 44 20.69 -31.87 30.32
N ALA C 45 20.08 -31.22 31.30
CA ALA C 45 20.61 -29.98 31.84
C ALA C 45 20.41 -29.96 33.36
N SER C 46 21.38 -29.40 34.07
CA SER C 46 21.32 -29.30 35.52
C SER C 46 21.13 -27.86 35.98
N THR C 47 20.42 -27.68 37.08
CA THR C 47 20.18 -26.38 37.66
C THR C 47 20.02 -26.57 39.17
N THR C 48 20.69 -25.72 39.94
CA THR C 48 20.62 -25.78 41.39
C THR C 48 19.59 -24.80 41.97
N ASP C 49 19.30 -23.73 41.24
CA ASP C 49 18.34 -22.75 41.72
C ASP C 49 17.06 -22.60 40.90
N GLY C 50 17.01 -23.28 39.77
CA GLY C 50 15.83 -23.20 38.93
C GLY C 50 15.87 -22.02 37.97
N VAL C 51 17.00 -21.34 37.90
CA VAL C 51 17.15 -20.20 37.01
C VAL C 51 18.24 -20.47 35.97
N ALA C 52 19.46 -20.69 36.45
CA ALA C 52 20.59 -20.95 35.56
C ALA C 52 20.72 -22.45 35.33
N PHE C 53 20.94 -22.83 34.09
CA PHE C 53 21.08 -24.24 33.74
C PHE C 53 22.46 -24.58 33.18
N THR C 54 22.90 -25.80 33.41
CA THR C 54 24.19 -26.26 32.88
C THR C 54 23.84 -27.43 31.97
N HIS C 55 24.05 -27.25 30.67
CA HIS C 55 23.75 -28.27 29.67
C HIS C 55 24.82 -29.36 29.58
N HIS C 56 24.37 -30.60 29.69
CA HIS C 56 25.25 -31.76 29.66
C HIS C 56 25.21 -32.57 28.36
N GLY C 57 24.31 -32.24 27.46
CA GLY C 57 24.25 -32.98 26.21
C GLY C 57 23.18 -34.05 26.16
N THR C 58 23.33 -34.98 25.22
CA THR C 58 22.38 -36.06 25.03
C THR C 58 22.52 -37.21 26.02
N VAL C 59 21.38 -37.75 26.42
CA VAL C 59 21.31 -38.84 27.40
C VAL C 59 20.55 -40.05 26.85
N MET C 60 19.50 -39.80 26.09
CA MET C 60 18.71 -40.88 25.48
C MET C 60 18.60 -40.48 24.03
N PRO C 61 19.64 -40.79 23.25
CA PRO C 61 19.79 -40.49 21.83
C PRO C 61 18.77 -41.03 20.84
N LEU C 62 18.64 -40.28 19.77
CA LEU C 62 17.77 -40.63 18.66
C LEU C 62 18.55 -41.75 17.97
N ARG C 63 17.84 -42.68 17.35
CA ARG C 63 18.47 -43.74 16.61
C ARG C 63 17.72 -43.80 15.29
N PRO C 64 18.34 -44.38 14.26
CA PRO C 64 17.70 -44.47 12.94
C PRO C 64 16.22 -44.88 13.01
N ASP C 65 15.36 -44.02 12.48
CA ASP C 65 13.92 -44.25 12.45
C ASP C 65 13.37 -44.64 13.82
N PHE C 66 14.11 -44.28 14.86
CA PHE C 66 13.68 -44.61 16.21
C PHE C 66 13.96 -43.44 17.15
N PRO C 67 13.17 -42.37 17.03
CA PRO C 67 13.32 -41.17 17.86
C PRO C 67 12.79 -41.40 19.28
N VAL C 68 13.17 -40.53 20.20
CA VAL C 68 12.72 -40.62 21.57
C VAL C 68 11.76 -39.47 21.89
N TRP C 69 10.51 -39.80 22.24
CA TRP C 69 9.52 -38.79 22.57
C TRP C 69 9.39 -38.64 24.10
N SER C 70 8.44 -37.83 24.54
CA SER C 70 8.22 -37.57 25.96
C SER C 70 7.89 -38.76 26.86
N GLY C 71 8.11 -38.56 28.15
CA GLY C 71 7.87 -39.56 29.17
C GLY C 71 8.16 -38.93 30.52
N SER C 72 8.75 -39.70 31.43
CA SER C 72 9.10 -39.17 32.76
C SER C 72 10.08 -40.10 33.46
N ALA C 73 10.73 -39.58 34.50
CA ALA C 73 11.71 -40.37 35.25
C ALA C 73 11.48 -40.30 36.76
N VAL C 74 11.92 -41.33 37.47
CA VAL C 74 11.78 -41.39 38.91
C VAL C 74 13.04 -41.93 39.57
N VAL C 75 13.25 -41.58 40.82
CA VAL C 75 14.38 -42.07 41.58
C VAL C 75 13.80 -43.24 42.36
N ASP C 76 14.26 -44.44 42.00
CA ASP C 76 13.79 -45.68 42.62
C ASP C 76 14.59 -45.92 43.91
N THR C 77 14.32 -45.09 44.91
CA THR C 77 14.99 -45.15 46.19
C THR C 77 14.91 -46.53 46.87
N ALA C 78 13.76 -47.16 46.78
CA ALA C 78 13.57 -48.47 47.42
C ALA C 78 14.03 -49.64 46.56
N ASN C 79 14.51 -49.35 45.35
CA ASN C 79 14.99 -50.40 44.46
C ASN C 79 13.88 -51.39 44.10
N THR C 80 12.67 -50.88 43.87
CA THR C 80 11.54 -51.71 43.51
C THR C 80 11.67 -52.23 42.08
N ALA C 81 12.54 -51.60 41.29
CA ALA C 81 12.71 -52.00 39.89
C ALA C 81 13.83 -53.02 39.66
N GLY C 82 14.70 -53.18 40.65
CA GLY C 82 15.77 -54.14 40.49
C GLY C 82 17.00 -53.57 39.80
N PHE C 83 17.06 -52.25 39.66
CA PHE C 83 18.22 -51.65 39.01
C PHE C 83 19.16 -51.03 40.04
N GLY C 84 18.82 -51.17 41.31
CA GLY C 84 19.66 -50.60 42.36
C GLY C 84 18.98 -49.45 43.08
N ALA C 85 19.21 -49.36 44.39
CA ALA C 85 18.61 -48.30 45.19
C ALA C 85 19.04 -46.93 44.69
N GLY C 86 18.06 -46.05 44.51
CA GLY C 86 18.35 -44.71 44.04
C GLY C 86 18.61 -44.62 42.55
N ALA C 87 18.34 -45.70 41.82
CA ALA C 87 18.56 -45.64 40.39
C ALA C 87 17.50 -44.71 39.78
N VAL C 88 17.84 -44.08 38.66
CA VAL C 88 16.91 -43.21 37.97
C VAL C 88 16.28 -44.02 36.85
N VAL C 89 14.98 -44.25 36.95
CA VAL C 89 14.27 -45.04 35.95
C VAL C 89 13.33 -44.16 35.15
N ALA C 90 13.39 -44.27 33.83
CA ALA C 90 12.53 -43.47 32.97
C ALA C 90 11.80 -44.27 31.91
N LEU C 91 10.57 -43.86 31.62
CA LEU C 91 9.75 -44.48 30.59
C LEU C 91 9.57 -43.41 29.53
N ALA C 92 9.69 -43.78 28.26
CA ALA C 92 9.52 -42.82 27.18
C ALA C 92 8.94 -43.49 25.97
N THR C 93 8.05 -42.79 25.28
CA THR C 93 7.41 -43.32 24.10
C THR C 93 8.36 -43.30 22.91
N GLN C 94 8.31 -44.36 22.11
CA GLN C 94 9.14 -44.46 20.93
C GLN C 94 8.32 -45.19 19.88
N PRO C 95 8.41 -44.76 18.61
CA PRO C 95 7.65 -45.46 17.60
C PRO C 95 8.41 -46.68 17.12
N THR C 96 8.00 -47.85 17.60
CA THR C 96 8.66 -49.09 17.22
C THR C 96 8.64 -49.25 15.69
N ASP C 97 9.78 -49.65 15.13
CA ASP C 97 9.95 -49.82 13.69
C ASP C 97 9.67 -48.52 12.96
N GLY C 98 9.66 -47.41 13.68
CA GLY C 98 9.38 -46.13 13.05
C GLY C 98 7.94 -45.97 12.62
N VAL C 99 7.06 -46.81 13.16
CA VAL C 99 5.64 -46.74 12.82
C VAL C 99 4.85 -46.03 13.92
N ARG C 100 4.19 -44.96 13.56
CA ARG C 100 3.43 -44.17 14.52
C ARG C 100 2.39 -44.97 15.33
N LYS C 101 1.68 -45.87 14.67
CA LYS C 101 0.66 -46.68 15.34
C LYS C 101 1.23 -47.73 16.31
N TYR C 102 2.56 -47.83 16.38
CA TYR C 102 3.17 -48.77 17.31
C TYR C 102 3.91 -48.01 18.40
N GLN C 103 3.62 -46.72 18.57
CA GLN C 103 4.29 -45.96 19.62
C GLN C 103 3.97 -46.61 20.96
N GLU C 104 5.02 -47.05 21.66
CA GLU C 104 4.86 -47.69 22.95
C GLU C 104 5.92 -47.22 23.94
N GLN C 105 5.81 -47.67 25.18
CA GLN C 105 6.72 -47.23 26.23
C GLN C 105 7.98 -48.04 26.50
N TYR C 106 9.13 -47.38 26.33
CA TYR C 106 10.41 -48.02 26.57
C TYR C 106 11.05 -47.52 27.85
N LEU C 107 11.70 -48.43 28.57
CA LEU C 107 12.34 -48.11 29.83
C LEU C 107 13.83 -47.93 29.69
N TYR C 108 14.36 -46.96 30.44
CA TYR C 108 15.79 -46.64 30.46
C TYR C 108 16.10 -46.49 31.94
N TRP C 109 17.33 -46.82 32.35
CA TRP C 109 17.68 -46.68 33.75
C TRP C 109 19.10 -46.16 33.89
N SER C 110 19.33 -45.42 34.96
CA SER C 110 20.64 -44.83 35.25
C SER C 110 21.06 -45.12 36.68
N THR C 111 22.35 -45.44 36.86
CA THR C 111 22.86 -45.73 38.19
C THR C 111 23.79 -44.63 38.70
N ASP C 112 23.93 -43.56 37.93
CA ASP C 112 24.79 -42.46 38.34
C ASP C 112 24.06 -41.14 38.49
N GLY C 113 22.85 -41.17 39.04
CA GLY C 113 22.10 -39.95 39.25
C GLY C 113 21.44 -39.34 38.03
N GLY C 114 21.28 -40.12 36.97
CA GLY C 114 20.64 -39.61 35.76
C GLY C 114 21.53 -38.89 34.76
N PHE C 115 22.81 -39.27 34.70
CA PHE C 115 23.74 -38.63 33.76
C PHE C 115 24.03 -39.54 32.57
N THR C 116 23.86 -40.84 32.78
CA THR C 116 24.05 -41.82 31.72
C THR C 116 22.93 -42.84 31.86
N PHE C 117 22.33 -43.21 30.74
CA PHE C 117 21.25 -44.17 30.75
C PHE C 117 21.50 -45.40 29.89
N THR C 118 20.91 -46.51 30.30
CA THR C 118 21.01 -47.74 29.54
C THR C 118 19.59 -48.07 29.11
N ALA C 119 19.43 -48.52 27.88
CA ALA C 119 18.11 -48.85 27.37
C ALA C 119 17.72 -50.32 27.59
N LEU C 120 16.50 -50.55 28.01
CA LEU C 120 15.99 -51.91 28.19
C LEU C 120 15.33 -52.14 26.84
N PRO C 121 15.88 -53.06 26.05
CA PRO C 121 15.42 -53.43 24.70
C PRO C 121 13.94 -53.63 24.44
N ASP C 122 13.23 -54.28 25.36
CA ASP C 122 11.81 -54.52 25.14
C ASP C 122 10.88 -53.57 25.87
N PRO C 123 9.92 -52.99 25.14
CA PRO C 123 8.95 -52.05 25.71
C PRO C 123 8.19 -52.66 26.88
N VAL C 124 8.07 -51.91 27.98
CA VAL C 124 7.36 -52.39 29.16
C VAL C 124 5.84 -52.24 29.09
N ILE C 125 5.35 -51.48 28.13
CA ILE C 125 3.90 -51.32 27.93
C ILE C 125 3.74 -51.34 26.42
N VAL C 126 3.13 -52.39 25.90
CA VAL C 126 2.96 -52.54 24.47
C VAL C 126 1.72 -51.87 23.92
N ASN C 127 1.83 -51.28 22.74
CA ASN C 127 0.70 -50.64 22.09
C ASN C 127 -0.04 -51.71 21.31
N THR C 128 -0.92 -52.43 21.99
CA THR C 128 -1.67 -53.51 21.38
C THR C 128 -2.73 -53.05 20.39
N ASP C 129 -3.27 -51.85 20.58
CA ASP C 129 -4.27 -51.34 19.65
C ASP C 129 -3.63 -51.14 18.28
N GLY C 130 -2.34 -50.84 18.27
CA GLY C 130 -1.64 -50.63 17.02
C GLY C 130 -1.63 -51.83 16.09
N ARG C 131 -1.47 -53.03 16.66
CA ARG C 131 -1.44 -54.25 15.84
C ARG C 131 -2.82 -54.73 15.44
N ALA C 132 -3.84 -54.26 16.14
CA ALA C 132 -5.20 -54.66 15.85
C ALA C 132 -5.93 -53.66 14.95
N ALA C 133 -5.44 -52.42 14.92
CA ALA C 133 -6.04 -51.35 14.12
C ALA C 133 -6.10 -51.59 12.62
N THR C 134 -7.31 -51.49 12.07
CA THR C 134 -7.56 -51.69 10.65
C THR C 134 -8.03 -50.42 9.94
N THR C 135 -9.09 -49.82 10.46
CA THR C 135 -9.67 -48.61 9.88
C THR C 135 -8.87 -47.36 10.21
N PRO C 136 -9.10 -46.28 9.47
CA PRO C 136 -8.41 -45.01 9.71
C PRO C 136 -8.64 -44.52 11.15
N ALA C 137 -9.84 -44.74 11.65
CA ALA C 137 -10.16 -44.31 13.01
C ALA C 137 -9.38 -45.10 14.05
N GLU C 138 -9.45 -46.42 14.00
CA GLU C 138 -8.73 -47.25 14.96
C GLU C 138 -7.24 -46.93 14.92
N ILE C 139 -6.74 -46.57 13.74
CA ILE C 139 -5.34 -46.24 13.58
C ILE C 139 -5.01 -44.91 14.28
N GLU C 140 -5.87 -43.92 14.09
CA GLU C 140 -5.65 -42.63 14.72
C GLU C 140 -5.62 -42.83 16.24
N ASN C 141 -6.43 -43.75 16.75
CA ASN C 141 -6.45 -44.01 18.18
C ASN C 141 -5.12 -44.62 18.60
N ALA C 142 -4.59 -45.52 17.78
CA ALA C 142 -3.32 -46.16 18.10
C ALA C 142 -2.17 -45.19 17.92
N GLU C 143 -2.39 -44.12 17.17
CA GLU C 143 -1.34 -43.13 16.94
C GLU C 143 -1.26 -42.03 17.99
N TRP C 144 -1.87 -42.29 19.15
CA TRP C 144 -1.87 -41.36 20.28
C TRP C 144 -1.91 -42.24 21.54
N PHE C 145 -0.73 -42.49 22.08
CA PHE C 145 -0.55 -43.36 23.24
C PHE C 145 0.88 -43.04 23.65
N ARG C 146 1.06 -41.88 24.27
CA ARG C 146 2.40 -41.43 24.61
C ARG C 146 2.51 -40.55 25.89
N ASP C 147 3.74 -40.15 26.19
CA ASP C 147 4.09 -39.30 27.32
C ASP C 147 3.76 -39.87 28.70
N PRO C 148 4.26 -41.07 29.02
CA PRO C 148 3.97 -41.65 30.34
C PRO C 148 4.52 -40.83 31.49
N LYS C 149 3.67 -40.50 32.46
CA LYS C 149 4.10 -39.74 33.63
C LYS C 149 3.94 -40.67 34.85
N ILE C 150 5.05 -40.94 35.53
CA ILE C 150 5.04 -41.85 36.67
C ILE C 150 5.03 -41.21 38.06
N HIS C 151 4.17 -41.71 38.92
CA HIS C 151 4.01 -41.21 40.29
C HIS C 151 3.93 -42.33 41.32
N TRP C 152 4.63 -42.17 42.43
CA TRP C 152 4.58 -43.18 43.49
C TRP C 152 3.42 -42.90 44.44
N ASP C 153 2.38 -43.72 44.34
CA ASP C 153 1.20 -43.57 45.19
C ASP C 153 1.60 -44.05 46.59
N THR C 154 1.97 -43.10 47.45
CA THR C 154 2.41 -43.41 48.80
C THR C 154 1.40 -44.19 49.62
N ALA C 155 0.12 -43.88 49.44
CA ALA C 155 -0.94 -44.56 50.16
C ALA C 155 -1.00 -46.05 49.84
N ARG C 156 -1.06 -46.39 48.56
CA ARG C 156 -1.15 -47.78 48.14
C ARG C 156 0.21 -48.48 48.00
N GLY C 157 1.28 -47.72 48.12
CA GLY C 157 2.60 -48.33 47.99
C GLY C 157 2.84 -48.99 46.65
N GLU C 158 2.59 -48.27 45.56
CA GLU C 158 2.80 -48.82 44.23
C GLU C 158 3.00 -47.67 43.23
N TRP C 159 3.45 -48.00 42.02
CA TRP C 159 3.63 -46.99 41.00
C TRP C 159 2.37 -46.88 40.17
N VAL C 160 2.01 -45.64 39.83
CA VAL C 160 0.86 -45.38 38.97
C VAL C 160 1.40 -44.51 37.85
N CYS C 161 0.94 -44.78 36.63
CA CYS C 161 1.40 -44.06 35.45
C CYS C 161 0.26 -43.64 34.54
N VAL C 162 0.26 -42.39 34.10
CA VAL C 162 -0.79 -41.88 33.22
C VAL C 162 -0.22 -41.64 31.83
N ILE C 163 -0.96 -42.06 30.82
CA ILE C 163 -0.52 -41.94 29.43
C ILE C 163 -1.56 -41.18 28.63
N GLY C 164 -1.09 -40.20 27.86
CA GLY C 164 -1.98 -39.40 27.05
C GLY C 164 -2.52 -40.12 25.84
N ARG C 165 -3.80 -39.91 25.57
CA ARG C 165 -4.46 -40.55 24.44
C ARG C 165 -5.37 -39.56 23.73
N LEU C 166 -6.04 -40.02 22.68
CA LEU C 166 -6.92 -39.12 21.93
C LEU C 166 -8.15 -38.73 22.70
N ARG C 167 -8.09 -37.57 23.32
CA ARG C 167 -9.20 -37.05 24.10
C ARG C 167 -9.54 -37.87 25.34
N TYR C 168 -8.52 -38.46 25.96
CA TYR C 168 -8.71 -39.22 27.19
C TYR C 168 -7.38 -39.71 27.73
N ALA C 169 -7.33 -40.03 29.01
CA ALA C 169 -6.10 -40.49 29.64
C ALA C 169 -6.20 -41.95 30.06
N ALA C 170 -5.09 -42.68 29.98
CA ALA C 170 -5.06 -44.08 30.34
C ALA C 170 -4.16 -44.22 31.55
N PHE C 171 -4.52 -45.08 32.49
CA PHE C 171 -3.71 -45.29 33.68
C PHE C 171 -3.26 -46.73 33.83
N TYR C 172 -2.07 -46.91 34.40
CA TYR C 172 -1.49 -48.22 34.64
C TYR C 172 -0.81 -48.23 36.01
N THR C 173 -0.85 -49.39 36.67
CA THR C 173 -0.21 -49.52 37.97
C THR C 173 0.90 -50.57 37.87
N SER C 174 1.87 -50.47 38.76
CA SER C 174 2.96 -51.42 38.76
C SER C 174 3.77 -51.39 40.06
N PRO C 175 4.31 -52.54 40.46
CA PRO C 175 5.10 -52.62 41.69
C PRO C 175 6.60 -52.46 41.41
N ASN C 176 7.01 -52.64 40.15
CA ASN C 176 8.42 -52.57 39.83
C ASN C 176 8.82 -51.75 38.60
N LEU C 177 7.87 -51.03 38.01
CA LEU C 177 8.15 -50.20 36.84
C LEU C 177 8.34 -50.99 35.54
N ARG C 178 8.39 -52.32 35.67
CA ARG C 178 8.55 -53.21 34.53
C ARG C 178 7.20 -53.84 34.13
N ASP C 179 6.43 -54.28 35.11
CA ASP C 179 5.14 -54.91 34.83
C ASP C 179 3.97 -54.02 35.16
N TRP C 180 3.26 -53.60 34.12
CA TRP C 180 2.14 -52.69 34.33
C TRP C 180 0.77 -53.32 34.12
N THR C 181 -0.19 -52.89 34.94
CA THR C 181 -1.55 -53.39 34.85
C THR C 181 -2.48 -52.26 34.47
N LEU C 182 -3.22 -52.45 33.39
CA LEU C 182 -4.16 -51.46 32.90
C LEU C 182 -5.31 -51.18 33.86
N ARG C 183 -5.57 -49.91 34.12
CA ARG C 183 -6.68 -49.53 35.00
C ARG C 183 -7.71 -48.81 34.14
N ARG C 184 -8.59 -48.05 34.78
CA ARG C 184 -9.64 -47.36 34.04
C ARG C 184 -9.23 -45.99 33.48
N ASN C 185 -9.76 -45.67 32.30
CA ASN C 185 -9.47 -44.40 31.65
C ASN C 185 -10.15 -43.24 32.36
N PHE C 186 -9.59 -42.05 32.14
CA PHE C 186 -10.18 -40.82 32.67
C PHE C 186 -10.81 -40.20 31.45
N ASP C 187 -12.11 -39.97 31.48
CA ASP C 187 -12.81 -39.36 30.36
C ASP C 187 -13.41 -38.04 30.82
N TYR C 188 -13.50 -37.07 29.91
CA TYR C 188 -14.10 -35.78 30.21
C TYR C 188 -15.06 -35.43 29.09
N PRO C 189 -16.17 -34.75 29.42
CA PRO C 189 -17.21 -34.33 28.47
C PRO C 189 -16.89 -33.36 27.35
N ASN C 190 -16.02 -32.40 27.58
CA ASN C 190 -15.74 -31.43 26.54
C ASN C 190 -14.53 -31.75 25.67
N HIS C 191 -14.74 -32.56 24.64
CA HIS C 191 -13.64 -32.93 23.79
C HIS C 191 -13.08 -31.77 22.98
N ALA C 192 -13.79 -30.65 22.95
CA ALA C 192 -13.30 -29.49 22.21
C ALA C 192 -12.11 -28.89 22.98
N LEU C 193 -11.82 -29.44 24.15
CA LEU C 193 -10.72 -28.99 24.97
C LEU C 193 -9.37 -29.44 24.40
N GLY C 194 -9.39 -30.47 23.57
CA GLY C 194 -8.15 -30.97 23.00
C GLY C 194 -7.79 -32.30 23.64
N GLY C 195 -7.05 -33.13 22.92
CA GLY C 195 -6.66 -34.45 23.41
C GLY C 195 -5.75 -34.33 24.59
N ILE C 196 -5.16 -35.44 25.02
CA ILE C 196 -4.27 -35.42 26.17
C ILE C 196 -2.81 -35.66 25.79
N GLU C 197 -1.98 -34.63 25.93
CA GLU C 197 -0.55 -34.77 25.66
C GLU C 197 0.21 -34.36 26.93
N CYS C 198 1.39 -34.94 27.14
CA CYS C 198 2.20 -34.63 28.31
C CYS C 198 1.37 -34.53 29.60
N PRO C 199 0.62 -35.57 29.94
CA PRO C 199 -0.19 -35.53 31.16
C PRO C 199 0.66 -35.45 32.41
N ASP C 200 0.05 -34.94 33.48
CA ASP C 200 0.72 -34.79 34.77
C ASP C 200 -0.20 -35.42 35.83
N LEU C 201 0.43 -35.95 36.87
CA LEU C 201 -0.30 -36.57 37.96
C LEU C 201 0.61 -36.42 39.17
N PHE C 202 0.06 -35.96 40.28
CA PHE C 202 0.85 -35.79 41.48
C PHE C 202 -0.03 -35.55 42.68
N GLU C 203 0.57 -35.48 43.86
CA GLU C 203 -0.17 -35.22 45.07
C GLU C 203 0.43 -33.97 45.65
N ILE C 204 -0.40 -33.14 46.26
CA ILE C 204 0.07 -31.91 46.87
C ILE C 204 -0.82 -31.59 48.06
N THR C 205 -0.23 -31.03 49.11
CA THR C 205 -1.01 -30.65 50.28
C THR C 205 -1.33 -29.17 50.19
N ALA C 206 -2.59 -28.83 50.39
CA ALA C 206 -3.06 -27.44 50.33
C ALA C 206 -2.67 -26.62 51.56
N ASP C 207 -2.78 -25.31 51.45
CA ASP C 207 -2.43 -24.41 52.55
C ASP C 207 -3.28 -24.61 53.81
N ASP C 208 -4.37 -25.37 53.72
CA ASP C 208 -5.19 -25.63 54.90
C ASP C 208 -4.89 -27.04 55.41
N GLY C 209 -3.92 -27.70 54.81
CA GLY C 209 -3.53 -29.03 55.24
C GLY C 209 -4.21 -30.20 54.58
N THR C 210 -5.19 -29.94 53.71
CA THR C 210 -5.88 -31.02 53.02
C THR C 210 -5.01 -31.56 51.90
N ARG C 211 -5.08 -32.86 51.68
CA ARG C 211 -4.31 -33.55 50.66
C ARG C 211 -5.17 -33.74 49.40
N HIS C 212 -4.57 -33.53 48.23
CA HIS C 212 -5.28 -33.65 46.96
C HIS C 212 -4.42 -34.25 45.87
N TRP C 213 -5.07 -34.79 44.84
CA TRP C 213 -4.35 -35.32 43.70
C TRP C 213 -4.64 -34.31 42.59
N VAL C 214 -3.77 -34.27 41.60
CA VAL C 214 -3.99 -33.39 40.46
C VAL C 214 -3.68 -34.19 39.20
N LEU C 215 -4.61 -34.14 38.25
CA LEU C 215 -4.43 -34.79 36.95
C LEU C 215 -4.45 -33.63 35.97
N ALA C 216 -3.41 -33.48 35.18
CA ALA C 216 -3.34 -32.39 34.22
C ALA C 216 -2.75 -32.82 32.88
N ALA C 217 -2.79 -31.91 31.90
CA ALA C 217 -2.26 -32.20 30.58
C ALA C 217 -2.23 -30.97 29.68
N SER C 218 -1.47 -31.04 28.60
CA SER C 218 -1.39 -29.95 27.64
C SER C 218 -2.59 -30.14 26.72
N MET C 219 -3.33 -29.06 26.48
CA MET C 219 -4.55 -29.12 25.67
C MET C 219 -4.49 -28.27 24.40
N ASP C 220 -5.65 -28.08 23.80
CA ASP C 220 -5.82 -27.28 22.60
C ASP C 220 -7.30 -26.92 22.51
N ALA C 221 -7.69 -25.90 23.26
CA ALA C 221 -9.07 -25.46 23.30
C ALA C 221 -9.29 -24.12 22.60
N TYR C 222 -8.41 -23.78 21.67
CA TYR C 222 -8.54 -22.53 20.94
C TYR C 222 -9.89 -22.46 20.22
N GLY C 223 -10.32 -23.61 19.70
CA GLY C 223 -11.58 -23.68 18.99
C GLY C 223 -12.74 -23.16 19.81
N ILE C 224 -12.65 -23.24 21.14
CA ILE C 224 -13.71 -22.75 21.99
C ILE C 224 -13.29 -21.60 22.90
N GLY C 225 -12.39 -20.77 22.41
CA GLY C 225 -11.94 -19.62 23.17
C GLY C 225 -11.11 -19.85 24.42
N LEU C 226 -10.59 -21.06 24.61
CA LEU C 226 -9.76 -21.34 25.77
C LEU C 226 -8.30 -21.57 25.37
N PRO C 227 -7.39 -21.60 26.34
CA PRO C 227 -5.95 -21.81 26.10
C PRO C 227 -5.51 -23.09 25.38
N MET C 228 -4.25 -23.10 25.00
CA MET C 228 -3.62 -24.24 24.34
C MET C 228 -2.39 -24.51 25.21
N THR C 229 -2.61 -24.47 26.53
CA THR C 229 -1.53 -24.67 27.48
C THR C 229 -1.67 -25.87 28.42
N TYR C 230 -1.81 -25.59 29.71
CA TYR C 230 -1.89 -26.63 30.74
C TYR C 230 -3.19 -26.56 31.53
N ALA C 231 -4.03 -27.59 31.39
CA ALA C 231 -5.31 -27.65 32.10
C ALA C 231 -5.21 -28.71 33.17
N TYR C 232 -5.93 -28.55 34.27
CA TYR C 232 -5.86 -29.52 35.35
C TYR C 232 -7.15 -29.73 36.13
N TRP C 233 -7.32 -30.97 36.58
CA TRP C 233 -8.47 -31.40 37.37
C TRP C 233 -8.00 -31.85 38.75
N THR C 234 -8.40 -31.15 39.79
CA THR C 234 -8.02 -31.57 41.13
C THR C 234 -8.96 -32.74 41.40
N GLY C 235 -8.49 -33.71 42.17
CA GLY C 235 -9.34 -34.84 42.47
C GLY C 235 -8.64 -35.92 43.30
N THR C 236 -9.02 -37.17 43.07
CA THR C 236 -8.45 -38.29 43.79
C THR C 236 -8.21 -39.52 42.93
N TRP C 237 -7.10 -40.19 43.15
CA TRP C 237 -6.76 -41.41 42.44
C TRP C 237 -6.89 -42.54 43.48
N ASP C 238 -7.80 -43.48 43.24
CA ASP C 238 -8.01 -44.57 44.19
C ASP C 238 -7.30 -45.88 43.83
N GLY C 239 -6.43 -45.84 42.82
CA GLY C 239 -5.71 -47.03 42.41
C GLY C 239 -6.42 -47.76 41.29
N GLU C 240 -7.64 -47.31 41.02
CA GLU C 240 -8.48 -47.91 39.99
C GLU C 240 -8.83 -46.87 38.92
N GLN C 241 -9.22 -45.68 39.34
CA GLN C 241 -9.58 -44.61 38.40
C GLN C 241 -9.42 -43.24 39.05
N PHE C 242 -9.42 -42.18 38.24
CA PHE C 242 -9.27 -40.84 38.78
C PHE C 242 -10.62 -40.15 38.88
N HIS C 243 -10.93 -39.64 40.07
CA HIS C 243 -12.19 -38.95 40.28
C HIS C 243 -11.95 -37.46 40.30
N ALA C 244 -12.44 -36.75 39.29
CA ALA C 244 -12.26 -35.32 39.24
C ALA C 244 -13.33 -34.64 40.09
N ASP C 245 -12.94 -33.62 40.84
CA ASP C 245 -13.88 -32.89 41.66
C ASP C 245 -14.95 -32.25 40.79
N ASP C 246 -14.52 -31.73 39.65
CA ASP C 246 -15.41 -31.09 38.69
C ASP C 246 -14.88 -31.47 37.32
N LEU C 247 -15.77 -31.76 36.39
CA LEU C 247 -15.34 -32.17 35.06
C LEU C 247 -14.76 -31.07 34.19
N THR C 248 -15.03 -29.81 34.53
CA THR C 248 -14.50 -28.67 33.81
C THR C 248 -13.16 -28.33 34.45
N PRO C 249 -12.07 -28.43 33.70
CA PRO C 249 -10.73 -28.14 34.21
C PRO C 249 -10.42 -26.66 34.45
N GLN C 250 -9.33 -26.43 35.17
CA GLN C 250 -8.85 -25.07 35.44
C GLN C 250 -7.61 -24.94 34.56
N TRP C 251 -7.06 -23.74 34.42
CA TRP C 251 -5.88 -23.56 33.59
C TRP C 251 -4.73 -22.93 34.34
N LEU C 252 -3.52 -23.30 33.98
CA LEU C 252 -2.34 -22.80 34.64
C LEU C 252 -1.70 -21.61 33.91
N ASP C 253 -2.13 -21.38 32.67
CA ASP C 253 -1.62 -20.26 31.88
C ASP C 253 -2.62 -19.86 30.80
N TRP C 254 -2.79 -18.56 30.57
CA TRP C 254 -3.74 -18.10 29.56
C TRP C 254 -3.09 -17.45 28.36
N GLY C 255 -1.77 -17.60 28.27
CA GLY C 255 -1.04 -17.04 27.15
C GLY C 255 -0.98 -18.02 25.99
N TRP C 256 -0.17 -17.71 24.99
CA TRP C 256 -0.04 -18.56 23.82
C TRP C 256 1.06 -19.60 23.92
N ASP C 257 2.11 -19.28 24.65
CA ASP C 257 3.25 -20.19 24.70
C ASP C 257 3.67 -20.75 26.06
N TRP C 258 3.02 -21.83 26.45
CA TRP C 258 3.33 -22.51 27.70
C TRP C 258 2.86 -23.93 27.45
N TYR C 259 3.61 -24.65 26.63
CA TYR C 259 3.23 -26.00 26.24
C TYR C 259 4.07 -27.12 26.83
N ALA C 260 3.48 -28.30 26.93
CA ALA C 260 4.16 -29.49 27.45
C ALA C 260 4.74 -29.25 28.84
N ALA C 261 4.08 -28.42 29.62
CA ALA C 261 4.53 -28.10 30.97
C ALA C 261 4.64 -29.33 31.88
N VAL C 262 5.64 -29.30 32.75
CA VAL C 262 5.85 -30.36 33.71
C VAL C 262 6.03 -29.72 35.08
N THR C 263 5.70 -30.47 36.13
CA THR C 263 5.87 -29.97 37.49
C THR C 263 6.64 -30.99 38.31
N TRP C 264 7.38 -30.51 39.30
CA TRP C 264 8.15 -31.39 40.15
C TRP C 264 8.24 -30.81 41.55
N PRO C 265 8.32 -31.67 42.56
CA PRO C 265 8.40 -31.20 43.95
C PRO C 265 9.68 -30.44 44.26
N SER C 266 9.54 -29.32 44.97
CA SER C 266 10.69 -28.53 45.34
C SER C 266 11.44 -29.32 46.41
N ILE C 267 12.75 -29.11 46.51
CA ILE C 267 13.54 -29.83 47.48
C ILE C 267 13.30 -29.33 48.91
N ASP C 268 13.05 -28.05 49.05
CA ASP C 268 12.82 -27.43 50.36
C ASP C 268 11.46 -27.74 50.99
N ALA C 269 10.43 -27.91 50.18
CA ALA C 269 9.08 -28.22 50.68
C ALA C 269 8.33 -29.03 49.63
N PRO C 270 8.77 -30.27 49.40
CA PRO C 270 8.18 -31.20 48.43
C PRO C 270 6.68 -31.42 48.46
N GLU C 271 6.07 -31.37 49.64
CA GLU C 271 4.64 -31.62 49.77
C GLU C 271 3.69 -30.44 49.53
N THR C 272 4.19 -29.22 49.70
CA THR C 272 3.37 -28.02 49.54
C THR C 272 3.73 -27.14 48.36
N LYS C 273 4.99 -27.16 47.94
CA LYS C 273 5.43 -26.32 46.84
C LYS C 273 6.11 -27.10 45.71
N ARG C 274 5.56 -26.97 44.51
CA ARG C 274 6.12 -27.63 43.34
C ARG C 274 6.67 -26.55 42.44
N LEU C 275 7.59 -26.93 41.57
CA LEU C 275 8.17 -26.01 40.62
C LEU C 275 7.59 -26.46 39.28
N ALA C 276 7.55 -25.56 38.30
CA ALA C 276 7.02 -25.88 36.99
C ALA C 276 7.74 -25.13 35.89
N ILE C 277 7.87 -25.77 34.74
CA ILE C 277 8.54 -25.15 33.61
C ILE C 277 7.87 -25.69 32.37
N ALA C 278 7.81 -24.86 31.32
CA ALA C 278 7.16 -25.23 30.07
C ALA C 278 7.91 -24.77 28.85
N TRP C 279 7.57 -25.36 27.71
CA TRP C 279 8.16 -25.02 26.42
C TRP C 279 7.41 -23.79 25.94
N MET C 280 8.13 -22.69 25.70
CA MET C 280 7.44 -21.48 25.24
C MET C 280 7.22 -21.48 23.75
N ASN C 281 6.29 -22.31 23.31
CA ASN C 281 5.94 -22.43 21.90
C ASN C 281 4.50 -22.92 21.78
N ASN C 282 4.02 -22.96 20.55
CA ASN C 282 2.66 -23.42 20.26
C ASN C 282 2.73 -24.12 18.90
N TRP C 283 2.09 -25.28 18.80
CA TRP C 283 2.13 -26.03 17.56
C TRP C 283 1.41 -25.40 16.37
N LYS C 284 0.65 -24.34 16.62
CA LYS C 284 -0.02 -23.65 15.53
C LYS C 284 1.04 -23.08 14.60
N TYR C 285 2.25 -22.88 15.13
CA TYR C 285 3.34 -22.29 14.35
C TYR C 285 4.75 -22.71 14.77
N ALA C 286 4.86 -23.67 15.68
CA ALA C 286 6.17 -24.11 16.15
C ALA C 286 7.09 -24.62 15.04
N ALA C 287 6.54 -25.22 13.99
CA ALA C 287 7.35 -25.75 12.89
C ALA C 287 7.78 -24.67 11.91
N ARG C 288 8.83 -23.94 12.26
CA ARG C 288 9.32 -22.85 11.41
C ARG C 288 10.65 -22.40 11.95
N ASP C 289 11.31 -21.51 11.22
CA ASP C 289 12.57 -20.96 11.70
C ASP C 289 12.16 -19.68 12.43
N VAL C 290 12.89 -19.32 13.48
CA VAL C 290 12.60 -18.10 14.23
C VAL C 290 13.86 -17.24 14.16
N PRO C 291 13.77 -15.97 14.60
CA PRO C 291 14.94 -15.08 14.55
C PRO C 291 16.23 -15.65 15.12
N THR C 292 16.12 -16.45 16.18
CA THR C 292 17.31 -17.01 16.81
C THR C 292 18.00 -18.05 15.95
N ASP C 293 17.31 -18.55 14.93
CA ASP C 293 17.93 -19.52 14.05
C ASP C 293 19.04 -18.85 13.27
N ALA C 294 18.70 -17.74 12.63
CA ALA C 294 19.68 -17.00 11.84
C ALA C 294 20.73 -16.36 12.72
N SER C 295 20.30 -15.77 13.83
CA SER C 295 21.21 -15.09 14.73
C SER C 295 22.12 -15.98 15.56
N ASP C 296 21.55 -17.00 16.20
CA ASP C 296 22.38 -17.86 17.04
C ASP C 296 22.34 -19.36 16.75
N GLY C 297 21.62 -19.74 15.71
CA GLY C 297 21.56 -21.15 15.34
C GLY C 297 20.79 -22.05 16.30
N TYR C 298 19.78 -21.51 16.98
CA TYR C 298 18.97 -22.33 17.87
C TYR C 298 17.53 -21.89 17.74
N ASN C 299 16.62 -22.78 18.12
CA ASN C 299 15.20 -22.50 18.01
C ASN C 299 14.45 -23.02 19.24
N GLY C 300 13.94 -22.11 20.06
CA GLY C 300 13.18 -22.51 21.23
C GLY C 300 13.76 -22.13 22.57
N GLN C 301 12.87 -21.85 23.53
CA GLN C 301 13.27 -21.50 24.87
C GLN C 301 12.20 -21.97 25.82
N ASN C 302 12.59 -22.16 27.06
CA ASN C 302 11.66 -22.55 28.10
C ASN C 302 11.14 -21.31 28.79
N SER C 303 10.02 -21.45 29.48
CA SER C 303 9.43 -20.37 30.23
C SER C 303 10.26 -20.19 31.47
N ILE C 304 9.95 -19.16 32.25
CA ILE C 304 10.65 -18.95 33.49
C ILE C 304 10.12 -20.09 34.35
N VAL C 305 10.90 -20.53 35.33
CA VAL C 305 10.43 -21.59 36.22
C VAL C 305 9.52 -20.91 37.24
N ARG C 306 8.34 -21.46 37.46
CA ARG C 306 7.42 -20.90 38.43
C ARG C 306 7.26 -21.82 39.63
N GLU C 307 6.74 -21.27 40.72
CA GLU C 307 6.50 -22.02 41.94
C GLU C 307 4.98 -22.23 42.01
N LEU C 308 4.55 -23.41 42.42
CA LEU C 308 3.13 -23.69 42.52
C LEU C 308 2.73 -24.10 43.92
N ARG C 309 1.57 -23.62 44.35
CA ARG C 309 1.01 -23.95 45.64
C ARG C 309 -0.48 -24.17 45.42
N LEU C 310 -1.08 -25.05 46.20
CA LEU C 310 -2.50 -25.29 46.06
C LEU C 310 -3.15 -24.47 47.17
N ALA C 311 -4.00 -23.52 46.79
CA ALA C 311 -4.65 -22.64 47.77
C ALA C 311 -6.16 -22.79 47.84
N ARG C 312 -6.69 -22.91 49.06
CA ARG C 312 -8.13 -23.04 49.26
C ARG C 312 -8.74 -21.70 48.88
N GLN C 313 -9.81 -21.75 48.09
CA GLN C 313 -10.50 -20.54 47.64
C GLN C 313 -11.82 -20.38 48.38
N PRO C 314 -12.29 -19.12 48.52
CA PRO C 314 -13.56 -18.84 49.22
C PRO C 314 -14.68 -19.73 48.70
N GLY C 315 -15.30 -20.48 49.60
CA GLY C 315 -16.37 -21.36 49.19
C GLY C 315 -15.97 -22.80 49.41
N GLY C 316 -14.70 -23.10 49.21
CA GLY C 316 -14.25 -24.46 49.44
C GLY C 316 -13.61 -25.22 48.30
N TRP C 317 -13.27 -24.54 47.21
CA TRP C 317 -12.61 -25.22 46.10
C TRP C 317 -11.11 -24.91 46.17
N TYR C 318 -10.32 -25.60 45.36
CA TYR C 318 -8.89 -25.39 45.37
C TYR C 318 -8.31 -25.08 43.99
N THR C 319 -7.28 -24.24 43.96
CA THR C 319 -6.68 -23.84 42.71
C THR C 319 -5.18 -23.69 42.90
N LEU C 320 -4.43 -23.72 41.80
CA LEU C 320 -2.97 -23.59 41.85
C LEU C 320 -2.52 -22.14 41.58
N LEU C 321 -1.83 -21.54 42.55
CA LEU C 321 -1.34 -20.18 42.39
C LEU C 321 0.08 -20.20 41.87
N SER C 322 0.39 -19.28 40.97
CA SER C 322 1.72 -19.24 40.39
C SER C 322 2.52 -18.01 40.80
N THR C 323 3.82 -18.20 40.94
CA THR C 323 4.71 -17.11 41.28
C THR C 323 6.09 -17.44 40.73
N PRO C 324 6.80 -16.44 40.19
CA PRO C 324 8.14 -16.64 39.63
C PRO C 324 9.12 -17.22 40.64
N VAL C 325 9.96 -18.16 40.21
CA VAL C 325 10.94 -18.78 41.11
C VAL C 325 11.63 -17.70 41.92
N ALA C 326 11.60 -17.83 43.24
CA ALA C 326 12.20 -16.84 44.12
C ALA C 326 13.67 -16.53 43.83
N ALA C 327 14.43 -17.55 43.46
CA ALA C 327 15.85 -17.38 43.18
C ALA C 327 16.16 -16.34 42.10
N LEU C 328 15.17 -16.02 41.27
CA LEU C 328 15.38 -15.05 40.20
C LEU C 328 15.87 -13.71 40.79
N THR C 329 15.49 -13.43 42.04
CA THR C 329 15.92 -12.19 42.68
C THR C 329 17.44 -12.06 42.71
N ASN C 330 18.13 -13.20 42.77
CA ASN C 330 19.59 -13.20 42.81
C ASN C 330 20.24 -12.77 41.49
N TYR C 331 19.46 -12.54 40.44
CA TYR C 331 20.06 -12.13 39.19
C TYR C 331 19.76 -10.68 38.83
N VAL C 332 19.13 -9.99 39.77
CA VAL C 332 18.78 -8.58 39.59
C VAL C 332 20.04 -7.74 39.72
N THR C 333 20.29 -6.89 38.73
CA THR C 333 21.47 -6.06 38.77
C THR C 333 21.21 -4.60 39.08
N ALA C 334 19.94 -4.23 39.12
CA ALA C 334 19.56 -2.85 39.40
C ALA C 334 18.07 -2.75 39.63
N THR C 335 17.70 -1.98 40.64
CA THR C 335 16.31 -1.79 40.98
C THR C 335 15.97 -0.31 40.88
N THR C 336 15.14 0.04 39.90
CA THR C 336 14.72 1.40 39.66
C THR C 336 13.26 1.61 40.04
N THR C 337 12.99 2.52 40.96
CA THR C 337 11.62 2.81 41.34
C THR C 337 11.29 4.16 40.73
N LEU C 338 10.08 4.30 40.20
CA LEU C 338 9.65 5.55 39.58
C LEU C 338 8.45 6.08 40.35
N PRO C 339 8.37 7.40 40.52
CA PRO C 339 7.28 8.08 41.23
C PRO C 339 5.89 7.66 40.77
N ASP C 340 4.95 7.54 41.71
CA ASP C 340 3.58 7.19 41.36
C ASP C 340 3.11 8.26 40.37
N ARG C 341 2.06 7.97 39.60
CA ARG C 341 1.58 8.96 38.66
C ARG C 341 0.20 8.62 38.12
N THR C 342 -0.56 9.68 37.85
CA THR C 342 -1.89 9.53 37.31
C THR C 342 -1.79 9.91 35.84
N VAL C 343 -2.30 9.04 34.97
CA VAL C 343 -2.25 9.34 33.56
C VAL C 343 -3.64 9.18 32.95
N ASP C 344 -3.94 10.04 31.99
CA ASP C 344 -5.21 10.02 31.28
C ASP C 344 -4.79 10.05 29.81
N GLY C 345 -4.69 8.89 29.20
CA GLY C 345 -4.27 8.83 27.82
C GLY C 345 -3.01 7.99 27.72
N SER C 346 -1.86 8.65 27.61
CA SER C 346 -0.61 7.92 27.51
C SER C 346 0.55 8.67 28.13
N ALA C 347 1.52 7.93 28.65
CA ALA C 347 2.71 8.51 29.27
C ALA C 347 3.87 7.55 29.05
N VAL C 348 5.01 8.09 28.62
CA VAL C 348 6.18 7.27 28.38
C VAL C 348 7.10 7.27 29.58
N LEU C 349 7.40 6.09 30.11
CA LEU C 349 8.29 5.97 31.26
C LEU C 349 9.75 6.17 30.84
N PRO C 350 10.53 6.90 31.66
CA PRO C 350 11.94 7.15 31.35
C PRO C 350 12.81 5.94 31.71
N TRP C 351 12.65 4.85 30.98
CA TRP C 351 13.45 3.64 31.25
C TRP C 351 13.38 2.70 30.06
N ASN C 352 14.53 2.17 29.66
CA ASN C 352 14.61 1.26 28.53
C ASN C 352 15.46 0.06 28.91
N GLY C 353 15.12 -1.11 28.37
CA GLY C 353 15.86 -2.32 28.67
C GLY C 353 15.29 -3.51 27.91
N ARG C 354 16.07 -4.59 27.79
CA ARG C 354 15.60 -5.76 27.09
C ARG C 354 15.23 -6.94 27.98
N ALA C 355 15.84 -7.01 29.16
CA ALA C 355 15.56 -8.11 30.09
C ALA C 355 15.38 -7.57 31.50
N TYR C 356 14.14 -7.62 31.99
CA TYR C 356 13.82 -7.10 33.31
C TYR C 356 12.49 -7.60 33.83
N GLU C 357 12.16 -7.17 35.04
CA GLU C 357 10.91 -7.50 35.68
C GLU C 357 10.33 -6.17 36.14
N ILE C 358 9.06 -5.93 35.88
CA ILE C 358 8.44 -4.69 36.33
C ILE C 358 7.15 -4.99 37.10
N GLU C 359 7.02 -4.40 38.28
CA GLU C 359 5.81 -4.57 39.08
C GLU C 359 5.14 -3.21 39.18
N LEU C 360 3.82 -3.21 39.25
CA LEU C 360 3.08 -1.97 39.37
C LEU C 360 1.62 -2.21 39.70
N ASP C 361 0.99 -1.20 40.28
CA ASP C 361 -0.42 -1.28 40.62
C ASP C 361 -1.16 -0.23 39.82
N ILE C 362 -2.37 -0.56 39.38
CA ILE C 362 -3.17 0.38 38.62
C ILE C 362 -4.53 0.47 39.30
N ALA C 363 -5.04 1.69 39.44
CA ALA C 363 -6.34 1.90 40.07
C ALA C 363 -7.09 2.88 39.18
N TRP C 364 -8.37 2.64 38.97
CA TRP C 364 -9.13 3.52 38.11
C TRP C 364 -10.61 3.51 38.47
N ASP C 365 -11.40 4.27 37.73
CA ASP C 365 -12.83 4.34 38.00
C ASP C 365 -13.66 4.20 36.75
N THR C 366 -13.75 5.29 35.99
CA THR C 366 -14.54 5.30 34.75
C THR C 366 -13.82 4.70 33.55
N ALA C 367 -12.49 4.64 33.62
CA ALA C 367 -11.69 4.10 32.52
C ALA C 367 -12.20 2.74 32.05
N THR C 368 -12.27 2.56 30.74
CA THR C 368 -12.74 1.32 30.14
C THR C 368 -11.55 0.47 29.69
N ASN C 369 -10.38 1.08 29.68
CA ASN C 369 -9.18 0.39 29.30
C ASN C 369 -7.99 1.05 29.99
N VAL C 370 -7.12 0.22 30.55
CA VAL C 370 -5.93 0.69 31.23
C VAL C 370 -4.87 -0.37 31.02
N GLY C 371 -3.61 0.05 30.94
CA GLY C 371 -2.56 -0.93 30.74
C GLY C 371 -1.18 -0.36 30.63
N ILE C 372 -0.24 -1.23 30.29
CA ILE C 372 1.16 -0.90 30.15
C ILE C 372 1.67 -1.53 28.84
N SER C 373 2.52 -0.81 28.11
CA SER C 373 3.08 -1.34 26.87
C SER C 373 4.57 -1.54 27.06
N VAL C 374 5.07 -2.73 26.73
CA VAL C 374 6.50 -3.01 26.86
C VAL C 374 7.13 -3.21 25.48
N GLY C 375 8.46 -3.24 25.44
CA GLY C 375 9.14 -3.41 24.17
C GLY C 375 8.69 -2.35 23.20
N ARG C 376 8.46 -1.15 23.74
CA ARG C 376 8.00 -0.02 22.96
C ARG C 376 9.14 0.52 22.10
N SER C 377 8.86 0.72 20.82
CA SER C 377 9.86 1.26 19.90
C SER C 377 9.91 2.77 20.11
N PRO C 378 11.04 3.41 19.77
CA PRO C 378 11.18 4.86 19.94
C PRO C 378 10.03 5.70 19.40
N ASP C 379 9.53 5.33 18.23
CA ASP C 379 8.42 6.05 17.62
C ASP C 379 7.07 5.60 18.20
N GLY C 380 7.11 4.61 19.08
CA GLY C 380 5.89 4.12 19.71
C GLY C 380 4.90 3.35 18.86
N THR C 381 5.29 2.95 17.66
CA THR C 381 4.38 2.20 16.81
C THR C 381 4.35 0.72 17.17
N ARG C 382 5.46 0.18 17.64
CA ARG C 382 5.55 -1.22 18.03
C ARG C 382 5.54 -1.35 19.55
N HIS C 383 4.83 -2.35 20.04
CA HIS C 383 4.75 -2.61 21.47
C HIS C 383 3.81 -3.76 21.80
N THR C 384 3.95 -4.31 23.00
CA THR C 384 3.08 -5.39 23.48
C THR C 384 2.32 -4.80 24.65
N ASN C 385 0.99 -4.89 24.59
CA ASN C 385 0.13 -4.33 25.63
C ASN C 385 -0.40 -5.32 26.65
N ILE C 386 -0.24 -4.99 27.92
CA ILE C 386 -0.75 -5.83 29.00
C ILE C 386 -1.78 -4.94 29.69
N GLY C 387 -3.03 -5.39 29.76
CA GLY C 387 -4.02 -4.56 30.41
C GLY C 387 -5.34 -5.20 30.82
N LYS C 388 -6.25 -4.35 31.29
CA LYS C 388 -7.56 -4.77 31.74
C LYS C 388 -8.65 -4.12 30.92
N TYR C 389 -9.42 -4.95 30.25
CA TYR C 389 -10.51 -4.49 29.42
C TYR C 389 -11.67 -5.45 29.61
N GLY C 390 -12.81 -4.91 30.00
CA GLY C 390 -13.98 -5.74 30.25
C GLY C 390 -13.72 -6.80 31.29
N ALA C 391 -14.00 -8.05 30.94
CA ALA C 391 -13.78 -9.18 31.83
C ALA C 391 -12.44 -9.84 31.54
N ASP C 392 -11.57 -9.13 30.83
CA ASP C 392 -10.26 -9.68 30.48
C ASP C 392 -9.06 -8.95 31.04
N LEU C 393 -8.01 -9.72 31.32
CA LEU C 393 -6.73 -9.18 31.73
C LEU C 393 -5.98 -9.73 30.53
N TYR C 394 -5.70 -8.86 29.57
CA TYR C 394 -5.07 -9.26 28.33
C TYR C 394 -3.62 -8.89 28.11
N VAL C 395 -3.04 -9.55 27.12
CA VAL C 395 -1.66 -9.32 26.67
C VAL C 395 -1.81 -9.42 25.15
N ASP C 396 -1.60 -8.29 24.47
CA ASP C 396 -1.74 -8.23 23.02
C ASP C 396 -0.38 -7.97 22.39
N ARG C 397 0.18 -9.00 21.79
CA ARG C 397 1.49 -8.89 21.15
C ARG C 397 1.37 -8.47 19.69
N GLY C 398 0.14 -8.21 19.26
CA GLY C 398 -0.11 -7.78 17.89
C GLY C 398 0.81 -6.67 17.40
N PRO C 399 0.88 -5.54 18.11
CA PRO C 399 1.76 -4.46 17.64
C PRO C 399 3.25 -4.78 17.72
N SER C 400 3.57 -5.99 18.16
CA SER C 400 4.98 -6.40 18.24
C SER C 400 5.25 -7.43 17.16
N ASP C 401 4.20 -7.80 16.42
CA ASP C 401 4.35 -8.80 15.38
C ASP C 401 5.50 -8.44 14.45
N LEU C 402 6.39 -9.39 14.24
CA LEU C 402 7.54 -9.15 13.36
C LEU C 402 7.24 -9.68 11.97
N ALA C 403 7.26 -8.79 10.98
CA ALA C 403 7.00 -9.17 9.60
C ALA C 403 7.95 -10.29 9.18
N GLY C 404 7.41 -11.32 8.55
CA GLY C 404 8.25 -12.43 8.11
C GLY C 404 8.28 -13.58 9.11
N TYR C 405 7.94 -13.26 10.35
CA TYR C 405 7.90 -14.22 11.45
C TYR C 405 6.59 -13.94 12.17
N SER C 406 5.57 -13.62 11.40
CA SER C 406 4.27 -13.28 11.96
C SER C 406 3.64 -14.38 12.79
N LEU C 407 3.05 -13.98 13.92
CA LEU C 407 2.37 -14.89 14.81
C LEU C 407 0.86 -14.74 14.62
N ALA C 408 0.47 -13.75 13.82
CA ALA C 408 -0.94 -13.50 13.53
C ALA C 408 -1.57 -14.81 13.06
N PRO C 409 -2.84 -15.07 13.42
CA PRO C 409 -3.76 -14.27 14.23
C PRO C 409 -3.70 -14.49 15.75
N TYR C 410 -2.70 -15.23 16.22
CA TYR C 410 -2.57 -15.48 17.65
C TYR C 410 -1.84 -14.32 18.31
N SER C 411 -2.55 -13.21 18.46
CA SER C 411 -1.95 -12.02 19.03
C SER C 411 -2.53 -11.53 20.35
N ARG C 412 -3.84 -11.59 20.52
CA ARG C 412 -4.44 -11.12 21.77
C ARG C 412 -4.85 -12.26 22.70
N ALA C 413 -4.05 -12.46 23.74
CA ALA C 413 -4.32 -13.50 24.73
C ALA C 413 -5.06 -12.84 25.89
N ALA C 414 -5.93 -13.58 26.55
CA ALA C 414 -6.68 -13.03 27.66
C ALA C 414 -6.99 -14.03 28.77
N ALA C 415 -6.92 -13.54 30.01
CA ALA C 415 -7.23 -14.36 31.16
C ALA C 415 -8.49 -13.76 31.77
N PRO C 416 -9.32 -14.59 32.39
CA PRO C 416 -10.54 -14.04 33.00
C PRO C 416 -10.23 -13.25 34.26
N ILE C 417 -10.98 -12.17 34.44
CA ILE C 417 -10.84 -11.32 35.61
C ILE C 417 -12.20 -10.67 35.87
N ASP C 418 -12.52 -10.44 37.14
CA ASP C 418 -13.79 -9.81 37.52
C ASP C 418 -13.95 -8.50 36.77
N PRO C 419 -14.97 -8.39 35.90
CA PRO C 419 -15.15 -7.15 35.16
C PRO C 419 -15.33 -5.94 36.09
N GLY C 420 -15.81 -6.20 37.31
CA GLY C 420 -16.00 -5.12 38.25
C GLY C 420 -14.71 -4.63 38.88
N ALA C 421 -13.61 -5.35 38.65
CA ALA C 421 -12.33 -4.94 39.24
C ALA C 421 -11.97 -3.51 38.83
N ARG C 422 -11.44 -2.74 39.77
CA ARG C 422 -11.06 -1.37 39.52
C ARG C 422 -9.60 -1.12 39.92
N SER C 423 -8.86 -2.20 40.09
CA SER C 423 -7.45 -2.14 40.41
C SER C 423 -6.86 -3.50 40.11
N VAL C 424 -5.57 -3.54 39.85
CA VAL C 424 -4.91 -4.80 39.57
C VAL C 424 -3.41 -4.66 39.78
N HIS C 425 -2.77 -5.72 40.25
CA HIS C 425 -1.33 -5.72 40.46
C HIS C 425 -0.71 -6.58 39.36
N LEU C 426 0.31 -6.07 38.70
CA LEU C 426 0.95 -6.82 37.63
C LEU C 426 2.44 -6.98 37.87
N ARG C 427 2.94 -8.18 37.60
CA ARG C 427 4.35 -8.47 37.70
C ARG C 427 4.68 -9.05 36.32
N ILE C 428 5.39 -8.25 35.53
CA ILE C 428 5.71 -8.64 34.18
C ILE C 428 7.20 -8.93 33.94
N LEU C 429 7.47 -10.12 33.40
CA LEU C 429 8.84 -10.53 33.09
C LEU C 429 9.07 -10.40 31.58
N VAL C 430 9.99 -9.52 31.21
CA VAL C 430 10.31 -9.29 29.81
C VAL C 430 11.73 -9.74 29.51
N ASP C 431 11.90 -10.45 28.41
CA ASP C 431 13.21 -10.91 28.00
C ASP C 431 13.30 -10.60 26.50
N THR C 432 14.42 -10.91 25.87
CA THR C 432 14.60 -10.60 24.46
C THR C 432 13.54 -11.16 23.51
N GLN C 433 12.97 -12.30 23.85
CA GLN C 433 11.95 -12.89 22.97
C GLN C 433 10.71 -13.36 23.71
N SER C 434 10.38 -12.71 24.82
CA SER C 434 9.19 -13.15 25.56
C SER C 434 8.65 -12.19 26.62
N VAL C 435 7.41 -12.44 26.99
CA VAL C 435 6.69 -11.67 27.99
C VAL C 435 5.88 -12.65 28.83
N GLU C 436 6.05 -12.60 30.13
CA GLU C 436 5.31 -13.46 31.04
C GLU C 436 4.64 -12.59 32.09
N VAL C 437 3.31 -12.65 32.15
CA VAL C 437 2.55 -11.81 33.08
C VAL C 437 1.87 -12.53 34.24
N PHE C 438 2.26 -12.16 35.46
CA PHE C 438 1.67 -12.74 36.65
C PHE C 438 0.73 -11.71 37.24
N VAL C 439 -0.56 -12.04 37.24
CA VAL C 439 -1.57 -11.13 37.74
C VAL C 439 -1.91 -11.37 39.20
N ASN C 440 -2.09 -10.27 39.91
CA ASN C 440 -2.42 -10.28 41.34
C ASN C 440 -1.72 -11.38 42.14
N ALA C 441 -2.48 -12.29 42.73
CA ALA C 441 -1.89 -13.35 43.55
C ALA C 441 -1.50 -14.60 42.78
N GLY C 442 -1.46 -14.51 41.46
CA GLY C 442 -1.05 -15.65 40.67
C GLY C 442 -2.12 -16.62 40.23
N HIS C 443 -3.40 -16.26 40.34
CA HIS C 443 -4.46 -17.16 39.90
C HIS C 443 -4.35 -17.32 38.39
N THR C 444 -4.08 -16.22 37.69
CA THR C 444 -3.93 -16.24 36.25
C THR C 444 -2.57 -15.74 35.83
N VAL C 445 -2.02 -16.41 34.83
CA VAL C 445 -0.71 -16.08 34.27
C VAL C 445 -0.82 -16.19 32.76
N LEU C 446 -0.16 -15.28 32.03
CA LEU C 446 -0.15 -15.32 30.58
C LEU C 446 1.31 -15.29 30.10
N SER C 447 1.71 -16.33 29.37
CA SER C 447 3.07 -16.42 28.87
C SER C 447 3.04 -16.50 27.35
N GLN C 448 3.92 -15.75 26.71
CA GLN C 448 3.97 -15.77 25.26
C GLN C 448 5.32 -15.31 24.76
N GLN C 449 5.71 -15.81 23.59
CA GLN C 449 6.94 -15.37 23.00
C GLN C 449 6.59 -14.12 22.19
N VAL C 450 7.53 -13.20 22.09
CA VAL C 450 7.34 -11.97 21.35
C VAL C 450 8.67 -11.69 20.68
N HIS C 451 8.64 -11.50 19.37
CA HIS C 451 9.85 -11.25 18.62
C HIS C 451 10.17 -9.76 18.56
N PHE C 452 10.59 -9.22 19.70
CA PHE C 452 10.94 -7.82 19.83
C PHE C 452 12.08 -7.47 18.89
N ALA C 453 11.99 -6.31 18.26
CA ALA C 453 13.03 -5.86 17.34
C ALA C 453 14.17 -5.25 18.15
N GLU C 454 15.26 -4.96 17.47
CA GLU C 454 16.46 -4.38 18.10
C GLU C 454 16.20 -3.26 19.09
N GLY C 455 15.62 -2.16 18.63
CA GLY C 455 15.36 -1.04 19.52
C GLY C 455 14.02 -0.98 20.22
N ASP C 456 13.29 -2.10 20.28
CA ASP C 456 12.00 -2.12 20.96
C ASP C 456 12.28 -2.31 22.45
N THR C 457 12.64 -1.24 23.13
CA THR C 457 13.00 -1.35 24.53
C THR C 457 12.29 -0.42 25.50
N GLY C 458 11.30 0.33 25.02
CA GLY C 458 10.60 1.25 25.89
C GLY C 458 9.41 0.71 26.65
N ILE C 459 8.91 1.51 27.58
CA ILE C 459 7.76 1.18 28.40
C ILE C 459 6.87 2.42 28.51
N SER C 460 5.58 2.27 28.26
CA SER C 460 4.66 3.40 28.35
C SER C 460 3.39 2.98 29.07
N LEU C 461 2.62 3.96 29.54
CA LEU C 461 1.37 3.68 30.26
C LEU C 461 0.20 4.24 29.47
N TYR C 462 -0.98 3.65 29.64
CA TYR C 462 -2.13 4.14 28.91
C TYR C 462 -3.47 3.90 29.61
N THR C 463 -4.41 4.79 29.32
CA THR C 463 -5.76 4.72 29.87
C THR C 463 -6.70 5.19 28.78
N ASP C 464 -7.94 4.74 28.84
CA ASP C 464 -8.93 5.10 27.85
C ASP C 464 -10.25 5.30 28.55
N GLY C 465 -10.88 6.45 28.30
CA GLY C 465 -12.16 6.74 28.92
C GLY C 465 -12.08 7.23 30.36
N GLY C 466 -10.88 7.52 30.84
CA GLY C 466 -10.73 8.01 32.20
C GLY C 466 -9.31 7.93 32.70
N PRO C 467 -8.99 8.63 33.81
CA PRO C 467 -7.63 8.61 34.35
C PRO C 467 -7.37 7.38 35.20
N ALA C 468 -6.10 7.05 35.40
CA ALA C 468 -5.75 5.90 36.22
C ALA C 468 -4.55 6.23 37.09
N HIS C 469 -4.52 5.63 38.27
CA HIS C 469 -3.41 5.86 39.18
C HIS C 469 -2.43 4.69 39.09
N PHE C 470 -1.24 4.96 38.57
CA PHE C 470 -0.19 3.95 38.47
C PHE C 470 0.76 4.13 39.64
N THR C 471 0.81 3.16 40.54
CA THR C 471 1.66 3.22 41.73
C THR C 471 2.54 1.99 41.92
N GLY C 472 3.47 2.07 42.86
CA GLY C 472 4.37 0.96 43.11
C GLY C 472 5.14 0.52 41.88
N ILE C 473 5.48 1.48 41.01
CA ILE C 473 6.20 1.15 39.80
C ILE C 473 7.67 0.86 40.08
N VAL C 474 8.08 -0.39 39.92
CA VAL C 474 9.46 -0.74 40.15
C VAL C 474 9.99 -1.60 39.00
N VAL C 475 11.19 -1.27 38.52
CA VAL C 475 11.79 -2.01 37.42
C VAL C 475 13.07 -2.70 37.89
N ARG C 476 13.11 -4.02 37.78
CA ARG C 476 14.28 -4.78 38.19
C ARG C 476 14.98 -5.36 36.98
N GLU C 477 16.12 -4.78 36.64
CA GLU C 477 16.91 -5.24 35.50
C GLU C 477 17.52 -6.59 35.85
N ILE C 478 17.51 -7.51 34.90
CA ILE C 478 18.05 -8.84 35.12
C ILE C 478 19.28 -9.13 34.27
N GLY C 479 20.31 -9.67 34.90
CA GLY C 479 21.54 -9.99 34.18
C GLY C 479 21.61 -11.46 33.80
N GLN C 480 22.62 -11.83 33.01
CA GLN C 480 22.81 -13.20 32.55
C GLN C 480 22.86 -14.21 33.70
N ALA D 2 33.70 -5.98 10.36
CA ALA D 2 34.07 -5.59 8.96
C ALA D 2 33.87 -6.75 8.02
N VAL D 3 33.05 -6.55 7.00
CA VAL D 3 32.75 -7.60 6.04
C VAL D 3 33.88 -7.93 5.08
N TYR D 4 34.62 -6.93 4.62
CA TYR D 4 35.70 -7.19 3.67
C TYR D 4 37.00 -6.46 3.97
N HIS D 5 37.20 -6.13 5.24
CA HIS D 5 38.42 -5.47 5.67
C HIS D 5 39.07 -6.41 6.67
N MET D 6 40.40 -6.42 6.72
CA MET D 6 41.06 -7.32 7.64
C MET D 6 41.05 -6.83 9.09
N THR D 7 40.73 -7.76 10.00
CA THR D 7 40.70 -7.49 11.43
C THR D 7 41.32 -8.70 12.12
N PRO D 8 41.97 -8.47 13.27
CA PRO D 8 42.59 -9.61 13.95
C PRO D 8 41.53 -10.49 14.60
N PRO D 9 41.78 -11.80 14.68
CA PRO D 9 40.83 -12.75 15.28
C PRO D 9 40.36 -12.21 16.63
N SER D 10 41.26 -11.52 17.32
CA SER D 10 40.99 -10.92 18.62
C SER D 10 42.12 -9.97 19.01
N GLY D 11 41.85 -9.12 19.98
CA GLY D 11 42.88 -8.20 20.43
C GLY D 11 43.09 -6.91 19.65
N TRP D 12 44.26 -6.35 19.85
CA TRP D 12 44.69 -5.09 19.27
C TRP D 12 45.52 -5.21 17.98
N LEU D 13 45.00 -4.62 16.91
CA LEU D 13 45.70 -4.61 15.61
C LEU D 13 46.51 -3.33 15.50
N CYS D 14 47.68 -3.41 14.88
CA CYS D 14 48.51 -2.23 14.73
C CYS D 14 49.29 -2.28 13.41
N ASN D 15 50.32 -1.45 13.29
CA ASN D 15 51.14 -1.36 12.07
C ASN D 15 51.29 -2.65 11.26
N PRO D 16 50.92 -2.60 9.97
CA PRO D 16 51.08 -3.80 9.15
C PRO D 16 52.56 -3.79 8.73
N GLN D 17 53.11 -4.96 8.38
CA GLN D 17 54.50 -5.04 7.94
C GLN D 17 54.49 -5.44 6.47
N ARG D 18 55.40 -4.88 5.69
CA ARG D 18 55.44 -5.19 4.26
C ARG D 18 55.45 -6.69 4.00
N PRO D 19 54.51 -7.17 3.19
CA PRO D 19 54.42 -8.59 2.88
C PRO D 19 55.57 -9.11 2.02
N VAL D 20 55.80 -10.41 2.07
CA VAL D 20 56.79 -11.07 1.24
C VAL D 20 55.99 -12.12 0.47
N THR D 21 56.54 -12.60 -0.63
CA THR D 21 55.82 -13.58 -1.43
C THR D 21 56.44 -14.95 -1.34
N THR D 22 55.68 -15.90 -0.81
CA THR D 22 56.14 -17.28 -0.69
C THR D 22 54.92 -18.18 -0.67
N HIS D 23 55.13 -19.45 -1.01
CA HIS D 23 54.05 -20.44 -0.99
C HIS D 23 52.83 -20.01 -1.80
N GLY D 24 53.08 -19.36 -2.93
CA GLY D 24 52.00 -18.91 -3.79
C GLY D 24 51.06 -17.86 -3.22
N ALA D 25 51.49 -17.13 -2.20
CA ALA D 25 50.63 -16.12 -1.60
C ALA D 25 51.43 -14.97 -1.00
N TYR D 26 50.74 -13.94 -0.55
CA TYR D 26 51.38 -12.81 0.08
C TYR D 26 51.34 -13.08 1.58
N GLN D 27 52.48 -13.01 2.24
CA GLN D 27 52.54 -13.24 3.67
C GLN D 27 52.58 -11.91 4.37
N LEU D 28 51.47 -11.50 4.97
CA LEU D 28 51.41 -10.24 5.69
C LEU D 28 51.67 -10.43 7.17
N TYR D 29 52.44 -9.50 7.75
CA TYR D 29 52.71 -9.53 9.18
C TYR D 29 52.14 -8.24 9.71
N TYR D 30 51.88 -8.19 11.01
CA TYR D 30 51.35 -6.98 11.60
C TYR D 30 51.52 -7.00 13.10
N LEU D 31 51.67 -5.82 13.68
CA LEU D 31 51.84 -5.70 15.10
C LEU D 31 50.54 -6.12 15.76
N HIS D 32 50.65 -6.87 16.85
CA HIS D 32 49.48 -7.33 17.57
C HIS D 32 49.74 -7.41 19.08
N SER D 33 48.71 -7.11 19.86
CA SER D 33 48.82 -7.17 21.32
C SER D 33 47.52 -7.71 21.87
N ASP D 34 47.58 -8.26 23.08
CA ASP D 34 46.40 -8.78 23.70
C ASP D 34 45.66 -7.61 24.35
N GLN D 35 46.38 -6.53 24.63
CA GLN D 35 45.79 -5.34 25.24
C GLN D 35 45.89 -4.17 24.28
N ASN D 36 44.91 -3.29 24.34
CA ASN D 36 44.92 -2.13 23.47
C ASN D 36 46.11 -1.22 23.75
N ASN D 37 46.90 -0.96 22.71
CA ASN D 37 48.10 -0.14 22.79
C ASN D 37 49.07 -0.70 23.84
N GLY D 38 49.04 -2.01 24.03
CA GLY D 38 49.93 -2.65 24.98
C GLY D 38 51.10 -3.31 24.28
N PRO D 39 52.06 -3.87 25.02
CA PRO D 39 53.22 -4.54 24.42
C PRO D 39 52.79 -5.74 23.58
N GLY D 40 53.49 -5.97 22.48
CA GLY D 40 53.13 -7.09 21.63
C GLY D 40 54.24 -7.51 20.67
N GLY D 41 53.84 -8.14 19.57
CA GLY D 41 54.81 -8.56 18.58
C GLY D 41 54.21 -8.68 17.19
N TRP D 42 54.85 -9.51 16.37
CA TRP D 42 54.41 -9.72 15.00
C TRP D 42 53.49 -10.92 14.86
N ASP D 43 52.32 -10.70 14.29
CA ASP D 43 51.37 -11.78 14.03
C ASP D 43 51.42 -11.96 12.51
N HIS D 44 51.05 -13.14 12.04
CA HIS D 44 51.12 -13.49 10.62
C HIS D 44 49.78 -13.85 10.01
N ALA D 45 49.58 -13.43 8.76
CA ALA D 45 48.36 -13.70 8.00
C ALA D 45 48.72 -13.72 6.51
N SER D 46 48.17 -14.66 5.76
CA SER D 46 48.47 -14.71 4.34
C SER D 46 47.24 -14.51 3.48
N THR D 47 47.46 -14.02 2.27
CA THR D 47 46.39 -13.76 1.32
C THR D 47 46.88 -14.06 -0.09
N THR D 48 46.00 -14.58 -0.93
CA THR D 48 46.38 -14.88 -2.31
C THR D 48 45.80 -13.84 -3.28
N ASP D 49 44.74 -13.15 -2.88
CA ASP D 49 44.11 -12.15 -3.74
C ASP D 49 44.11 -10.73 -3.20
N GLY D 50 44.75 -10.51 -2.06
CA GLY D 50 44.79 -9.18 -1.48
C GLY D 50 43.47 -8.73 -0.85
N VAL D 51 42.51 -9.65 -0.74
CA VAL D 51 41.22 -9.33 -0.15
C VAL D 51 40.95 -10.13 1.11
N ALA D 52 40.85 -11.45 0.95
CA ALA D 52 40.59 -12.34 2.08
C ALA D 52 41.90 -12.78 2.72
N PHE D 53 41.94 -12.81 4.04
CA PHE D 53 43.13 -13.20 4.76
C PHE D 53 42.95 -14.43 5.65
N THR D 54 44.02 -15.19 5.83
CA THR D 54 43.99 -16.37 6.69
C THR D 54 45.04 -16.14 7.78
N HIS D 55 44.57 -16.00 9.02
CA HIS D 55 45.45 -15.74 10.15
C HIS D 55 46.15 -16.99 10.65
N HIS D 56 47.43 -16.84 11.00
CA HIS D 56 48.25 -17.96 11.47
C HIS D 56 48.80 -17.75 12.88
N GLY D 57 48.50 -16.60 13.48
CA GLY D 57 48.98 -16.35 14.83
C GLY D 57 50.30 -15.59 14.93
N THR D 58 50.85 -15.57 16.14
CA THR D 58 52.10 -14.88 16.43
C THR D 58 53.29 -15.62 15.83
N VAL D 59 54.27 -14.86 15.35
CA VAL D 59 55.45 -15.47 14.73
C VAL D 59 56.74 -14.90 15.34
N MET D 60 56.68 -13.65 15.80
CA MET D 60 57.80 -12.98 16.44
C MET D 60 57.20 -12.41 17.72
N PRO D 61 57.03 -13.26 18.74
CA PRO D 61 56.47 -12.98 20.06
C PRO D 61 57.04 -11.89 20.94
N LEU D 62 56.16 -11.36 21.77
CA LEU D 62 56.53 -10.36 22.75
C LEU D 62 57.28 -11.14 23.83
N ARG D 63 58.24 -10.48 24.46
CA ARG D 63 59.00 -11.09 25.55
C ARG D 63 59.02 -10.02 26.63
N PRO D 64 58.94 -10.44 27.90
CA PRO D 64 58.95 -9.51 29.03
C PRO D 64 59.90 -8.33 28.88
N ASP D 65 59.32 -7.13 28.82
CA ASP D 65 60.08 -5.89 28.65
C ASP D 65 60.81 -5.85 27.32
N PHE D 66 60.50 -6.80 26.45
CA PHE D 66 61.13 -6.87 25.15
C PHE D 66 60.07 -7.07 24.06
N PRO D 67 59.31 -6.01 23.75
CA PRO D 67 58.27 -6.11 22.72
C PRO D 67 58.90 -5.97 21.32
N VAL D 68 58.14 -6.38 20.30
CA VAL D 68 58.62 -6.31 18.94
C VAL D 68 57.91 -5.22 18.15
N TRP D 69 58.66 -4.25 17.67
CA TRP D 69 58.06 -3.19 16.89
C TRP D 69 58.20 -3.45 15.39
N SER D 70 57.94 -2.43 14.58
CA SER D 70 57.98 -2.56 13.13
C SER D 70 59.33 -2.81 12.46
N GLY D 71 59.25 -3.35 11.25
CA GLY D 71 60.45 -3.64 10.47
C GLY D 71 60.05 -4.04 9.07
N SER D 72 60.75 -5.01 8.52
CA SER D 72 60.46 -5.50 7.19
C SER D 72 61.16 -6.82 7.00
N ALA D 73 60.80 -7.53 5.95
CA ALA D 73 61.38 -8.83 5.66
C ALA D 73 61.63 -8.98 4.17
N VAL D 74 62.60 -9.80 3.81
CA VAL D 74 62.90 -10.04 2.41
C VAL D 74 63.23 -11.51 2.22
N VAL D 75 63.10 -11.96 0.98
CA VAL D 75 63.42 -13.33 0.66
C VAL D 75 64.84 -13.30 0.13
N ASP D 76 65.76 -13.92 0.88
CA ASP D 76 67.17 -13.96 0.50
C ASP D 76 67.39 -15.11 -0.48
N THR D 77 66.93 -14.90 -1.71
CA THR D 77 67.03 -15.89 -2.77
C THR D 77 68.42 -16.44 -3.02
N ALA D 78 69.41 -15.54 -3.01
CA ALA D 78 70.79 -15.92 -3.28
C ALA D 78 71.59 -16.36 -2.06
N ASN D 79 70.96 -16.31 -0.89
CA ASN D 79 71.61 -16.70 0.36
C ASN D 79 72.80 -15.80 0.73
N THR D 80 72.59 -14.50 0.69
CA THR D 80 73.62 -13.53 1.04
C THR D 80 73.85 -13.50 2.55
N ALA D 81 72.81 -13.78 3.32
CA ALA D 81 72.88 -13.75 4.77
C ALA D 81 73.42 -15.03 5.40
N GLY D 82 73.48 -16.10 4.61
CA GLY D 82 74.00 -17.36 5.10
C GLY D 82 73.02 -18.24 5.85
N PHE D 83 71.72 -17.98 5.71
CA PHE D 83 70.71 -18.78 6.39
C PHE D 83 70.05 -19.79 5.47
N GLY D 84 70.54 -19.88 4.23
CA GLY D 84 69.97 -20.79 3.27
C GLY D 84 69.26 -20.04 2.18
N ALA D 85 69.20 -20.62 0.98
CA ALA D 85 68.53 -19.98 -0.14
C ALA D 85 67.03 -20.00 0.09
N GLY D 86 66.36 -18.91 -0.26
CA GLY D 86 64.92 -18.85 -0.06
C GLY D 86 64.50 -18.47 1.33
N ALA D 87 65.46 -18.31 2.23
CA ALA D 87 65.16 -17.93 3.61
C ALA D 87 64.58 -16.53 3.72
N VAL D 88 63.64 -16.36 4.63
CA VAL D 88 63.02 -15.05 4.85
C VAL D 88 63.73 -14.42 6.04
N VAL D 89 64.40 -13.31 5.79
CA VAL D 89 65.13 -12.62 6.84
C VAL D 89 64.42 -11.33 7.17
N ALA D 90 64.14 -11.12 8.46
CA ALA D 90 63.47 -9.92 8.90
C ALA D 90 64.27 -9.13 9.92
N LEU D 91 64.14 -7.80 9.83
CA LEU D 91 64.79 -6.88 10.75
C LEU D 91 63.66 -6.13 11.45
N ALA D 92 63.68 -6.11 12.78
CA ALA D 92 62.64 -5.44 13.55
C ALA D 92 63.22 -4.65 14.72
N THR D 93 62.65 -3.49 14.99
CA THR D 93 63.11 -2.66 16.08
C THR D 93 62.61 -3.23 17.41
N GLN D 94 63.46 -3.17 18.42
CA GLN D 94 63.10 -3.66 19.74
C GLN D 94 63.83 -2.83 20.79
N PRO D 95 63.14 -2.48 21.88
CA PRO D 95 63.77 -1.68 22.93
C PRO D 95 64.65 -2.57 23.80
N THR D 96 65.95 -2.49 23.58
CA THR D 96 66.89 -3.30 24.35
C THR D 96 66.73 -3.02 25.84
N ASP D 97 66.57 -4.07 26.62
CA ASP D 97 66.38 -3.94 28.06
C ASP D 97 65.19 -3.06 28.41
N GLY D 98 64.17 -3.10 27.55
CA GLY D 98 62.98 -2.30 27.80
C GLY D 98 63.30 -0.83 27.87
N VAL D 99 64.46 -0.45 27.34
CA VAL D 99 64.87 0.94 27.34
C VAL D 99 64.59 1.54 25.97
N ARG D 100 63.78 2.59 25.96
CA ARG D 100 63.40 3.23 24.72
C ARG D 100 64.58 3.83 23.97
N LYS D 101 65.52 4.45 24.68
CA LYS D 101 66.68 5.04 24.01
C LYS D 101 67.65 4.00 23.46
N TYR D 102 67.38 2.72 23.72
CA TYR D 102 68.20 1.65 23.20
C TYR D 102 67.44 0.90 22.12
N GLN D 103 66.39 1.50 21.57
CA GLN D 103 65.64 0.82 20.51
C GLN D 103 66.63 0.58 19.36
N GLU D 104 66.67 -0.64 18.87
CA GLU D 104 67.57 -0.98 17.79
C GLU D 104 67.09 -2.18 16.97
N GLN D 105 67.75 -2.43 15.85
CA GLN D 105 67.35 -3.47 14.92
C GLN D 105 67.82 -4.88 15.19
N TYR D 106 66.85 -5.78 15.36
CA TYR D 106 67.13 -7.18 15.61
C TYR D 106 66.74 -7.99 14.39
N LEU D 107 67.49 -9.05 14.13
CA LEU D 107 67.24 -9.90 12.98
C LEU D 107 66.62 -11.24 13.37
N TYR D 108 65.67 -11.68 12.55
CA TYR D 108 64.97 -12.94 12.71
C TYR D 108 65.02 -13.57 11.33
N TRP D 109 65.12 -14.89 11.25
CA TRP D 109 65.15 -15.52 9.93
C TRP D 109 64.27 -16.76 9.95
N SER D 110 63.79 -17.15 8.77
CA SER D 110 62.91 -18.31 8.63
C SER D 110 63.36 -19.17 7.46
N THR D 111 63.14 -20.48 7.57
CA THR D 111 63.53 -21.38 6.49
C THR D 111 62.33 -22.12 5.91
N ASP D 112 61.14 -21.75 6.36
CA ASP D 112 59.92 -22.39 5.86
C ASP D 112 58.98 -21.38 5.18
N GLY D 113 59.54 -20.38 4.52
CA GLY D 113 58.74 -19.40 3.83
C GLY D 113 58.09 -18.33 4.68
N GLY D 114 58.61 -18.11 5.89
CA GLY D 114 58.07 -17.09 6.76
C GLY D 114 56.93 -17.48 7.67
N PHE D 115 56.89 -18.76 8.06
CA PHE D 115 55.84 -19.25 8.94
C PHE D 115 56.35 -19.47 10.36
N THR D 116 57.64 -19.73 10.49
CA THR D 116 58.25 -19.93 11.79
C THR D 116 59.61 -19.24 11.76
N PHE D 117 59.86 -18.35 12.70
CA PHE D 117 61.13 -17.62 12.75
C PHE D 117 62.00 -17.97 13.95
N THR D 118 63.26 -17.60 13.84
CA THR D 118 64.25 -17.81 14.89
C THR D 118 64.92 -16.46 15.05
N ALA D 119 65.27 -16.10 16.27
CA ALA D 119 65.90 -14.81 16.51
C ALA D 119 67.41 -14.89 16.64
N LEU D 120 68.09 -13.88 16.10
CA LEU D 120 69.53 -13.79 16.20
C LEU D 120 69.75 -12.94 17.44
N PRO D 121 70.39 -13.51 18.46
CA PRO D 121 70.67 -12.83 19.72
C PRO D 121 71.10 -11.36 19.67
N ASP D 122 72.23 -11.06 19.02
CA ASP D 122 72.69 -9.67 18.98
C ASP D 122 72.15 -8.86 17.81
N PRO D 123 71.72 -7.62 18.09
CA PRO D 123 71.16 -6.73 17.08
C PRO D 123 72.15 -6.37 15.98
N VAL D 124 71.73 -6.50 14.73
CA VAL D 124 72.59 -6.20 13.59
C VAL D 124 72.85 -4.71 13.40
N ILE D 125 71.98 -3.86 13.90
CA ILE D 125 72.20 -2.42 13.79
C ILE D 125 71.98 -1.85 15.18
N VAL D 126 73.08 -1.45 15.82
CA VAL D 126 73.05 -0.93 17.18
C VAL D 126 72.79 0.57 17.34
N ASN D 127 72.01 0.89 18.38
CA ASN D 127 71.70 2.28 18.69
C ASN D 127 72.85 2.72 19.61
N THR D 128 73.90 3.25 19.02
CA THR D 128 75.05 3.70 19.79
C THR D 128 74.82 5.12 20.28
N ASP D 129 73.83 5.78 19.69
CA ASP D 129 73.52 7.14 20.10
C ASP D 129 72.89 7.08 21.49
N GLY D 130 72.09 6.05 21.72
CA GLY D 130 71.41 5.87 22.99
C GLY D 130 72.32 5.81 24.20
N ARG D 131 73.36 4.98 24.11
CA ARG D 131 74.31 4.83 25.21
C ARG D 131 75.13 6.10 25.43
N ALA D 132 75.10 7.01 24.48
CA ALA D 132 75.85 8.25 24.60
C ALA D 132 74.94 9.44 24.87
N ALA D 133 73.63 9.20 24.89
CA ALA D 133 72.65 10.26 25.13
C ALA D 133 72.63 10.75 26.57
N THR D 134 72.76 12.07 26.74
CA THR D 134 72.75 12.70 28.06
C THR D 134 71.66 13.74 28.22
N THR D 135 71.61 14.71 27.30
CA THR D 135 70.59 15.76 27.36
C THR D 135 69.24 15.25 26.87
N PRO D 136 68.17 15.99 27.15
CA PRO D 136 66.83 15.59 26.71
C PRO D 136 66.81 15.49 25.19
N ALA D 137 67.46 16.45 24.54
CA ALA D 137 67.51 16.47 23.08
C ALA D 137 68.13 15.20 22.54
N GLU D 138 69.30 14.86 23.07
CA GLU D 138 70.02 13.67 22.64
C GLU D 138 69.24 12.39 22.91
N ILE D 139 68.41 12.40 23.95
CA ILE D 139 67.63 11.23 24.30
C ILE D 139 66.45 11.08 23.34
N GLU D 140 65.82 12.21 23.04
CA GLU D 140 64.69 12.21 22.13
C GLU D 140 65.13 11.61 20.79
N ASN D 141 66.26 12.09 20.28
CA ASN D 141 66.81 11.60 19.02
C ASN D 141 67.12 10.11 19.11
N ALA D 142 67.68 9.68 20.24
CA ALA D 142 68.01 8.27 20.41
C ALA D 142 66.74 7.45 20.57
N GLU D 143 65.67 8.11 20.99
CA GLU D 143 64.39 7.46 21.19
C GLU D 143 63.53 7.44 19.93
N TRP D 144 64.18 7.57 18.78
CA TRP D 144 63.52 7.52 17.49
C TRP D 144 64.54 6.97 16.49
N PHE D 145 64.61 5.64 16.44
CA PHE D 145 65.52 4.91 15.57
C PHE D 145 64.83 3.56 15.34
N ARG D 146 63.83 3.56 14.46
CA ARG D 146 63.06 2.35 14.22
C ARG D 146 62.45 2.17 12.81
N ASP D 147 61.79 1.02 12.64
CA ASP D 147 61.12 0.65 11.40
C ASP D 147 62.00 0.52 10.16
N PRO D 148 62.94 -0.44 10.17
CA PRO D 148 63.83 -0.62 9.01
C PRO D 148 63.17 -1.29 7.81
N LYS D 149 63.25 -0.63 6.66
CA LYS D 149 62.68 -1.14 5.41
C LYS D 149 63.85 -1.50 4.52
N ILE D 150 63.96 -2.78 4.20
CA ILE D 150 65.06 -3.29 3.39
C ILE D 150 64.72 -3.45 1.93
N HIS D 151 65.61 -2.96 1.08
CA HIS D 151 65.43 -3.04 -0.37
C HIS D 151 66.69 -3.62 -1.02
N TRP D 152 66.51 -4.46 -2.04
CA TRP D 152 67.65 -4.99 -2.77
C TRP D 152 67.91 -4.04 -3.92
N ASP D 153 69.09 -3.45 -3.93
CA ASP D 153 69.49 -2.50 -4.96
C ASP D 153 70.24 -3.28 -6.06
N THR D 154 69.52 -3.66 -7.11
CA THR D 154 70.12 -4.41 -8.20
C THR D 154 71.26 -3.68 -8.89
N ALA D 155 71.11 -2.38 -9.08
CA ALA D 155 72.14 -1.56 -9.72
C ALA D 155 73.49 -1.70 -9.04
N ARG D 156 73.48 -1.92 -7.73
CA ARG D 156 74.71 -2.04 -6.96
C ARG D 156 74.92 -3.41 -6.34
N GLY D 157 74.01 -4.33 -6.59
CA GLY D 157 74.13 -5.66 -6.02
C GLY D 157 74.34 -5.69 -4.52
N GLU D 158 73.49 -4.98 -3.78
CA GLU D 158 73.60 -4.96 -2.32
C GLU D 158 72.29 -4.55 -1.69
N TRP D 159 72.16 -4.83 -0.39
CA TRP D 159 70.97 -4.46 0.35
C TRP D 159 71.08 -3.04 0.85
N VAL D 160 69.97 -2.32 0.82
CA VAL D 160 69.94 -0.96 1.33
C VAL D 160 68.74 -0.94 2.25
N CYS D 161 68.93 -0.38 3.43
CA CYS D 161 67.89 -0.32 4.43
C CYS D 161 67.68 1.13 4.89
N VAL D 162 66.42 1.52 5.03
CA VAL D 162 66.11 2.87 5.48
C VAL D 162 65.48 2.80 6.87
N ILE D 163 65.88 3.72 7.75
CA ILE D 163 65.40 3.76 9.12
C ILE D 163 64.84 5.13 9.50
N GLY D 164 63.69 5.11 10.15
CA GLY D 164 63.03 6.34 10.54
C GLY D 164 63.56 7.01 11.80
N ARG D 165 63.75 8.32 11.72
CA ARG D 165 64.27 9.09 12.84
C ARG D 165 63.44 10.34 13.04
N LEU D 166 63.83 11.15 14.01
CA LEU D 166 63.11 12.37 14.33
C LEU D 166 63.28 13.41 13.24
N ARG D 167 62.28 13.52 12.38
CA ARG D 167 62.28 14.48 11.29
C ARG D 167 63.39 14.26 10.27
N TYR D 168 63.79 13.00 10.10
CA TYR D 168 64.79 12.64 9.12
C TYR D 168 64.90 11.12 9.05
N ALA D 169 65.41 10.62 7.93
CA ALA D 169 65.57 9.19 7.75
C ALA D 169 67.05 8.86 7.57
N ALA D 170 67.45 7.69 8.01
CA ALA D 170 68.84 7.26 7.91
C ALA D 170 68.93 6.01 7.05
N PHE D 171 70.05 5.88 6.32
CA PHE D 171 70.24 4.74 5.45
C PHE D 171 71.46 3.89 5.79
N TYR D 172 71.34 2.59 5.54
CA TYR D 172 72.39 1.63 5.79
C TYR D 172 72.47 0.66 4.61
N THR D 173 73.68 0.26 4.24
CA THR D 173 73.87 -0.69 3.14
C THR D 173 74.56 -1.93 3.71
N SER D 174 74.34 -3.06 3.07
CA SER D 174 74.94 -4.30 3.53
C SER D 174 74.92 -5.36 2.46
N PRO D 175 75.93 -6.24 2.45
CA PRO D 175 76.02 -7.32 1.47
C PRO D 175 75.40 -8.61 1.98
N ASN D 176 75.14 -8.67 3.28
CA ASN D 176 74.61 -9.90 3.86
C ASN D 176 73.50 -9.76 4.89
N LEU D 177 72.94 -8.57 5.02
CA LEU D 177 71.86 -8.32 5.97
C LEU D 177 72.29 -8.30 7.45
N ARG D 178 73.55 -8.64 7.71
CA ARG D 178 74.07 -8.66 9.08
C ARG D 178 75.07 -7.55 9.35
N ASP D 179 75.95 -7.28 8.38
CA ASP D 179 76.95 -6.23 8.53
C ASP D 179 76.49 -4.99 7.75
N TRP D 180 76.05 -3.97 8.49
CA TRP D 180 75.55 -2.76 7.89
C TRP D 180 76.49 -1.56 7.97
N THR D 181 76.45 -0.73 6.93
CA THR D 181 77.29 0.45 6.87
C THR D 181 76.45 1.73 6.76
N LEU D 182 76.68 2.65 7.69
CA LEU D 182 75.96 3.92 7.73
C LEU D 182 76.25 4.81 6.53
N ARG D 183 75.21 5.31 5.90
CA ARG D 183 75.37 6.21 4.77
C ARG D 183 74.85 7.58 5.15
N ARG D 184 74.40 8.35 4.17
CA ARG D 184 73.90 9.69 4.44
C ARG D 184 72.42 9.80 4.77
N ASN D 185 72.10 10.74 5.64
CA ASN D 185 70.72 10.96 6.05
C ASN D 185 69.93 11.70 4.97
N PHE D 186 68.62 11.51 4.99
CA PHE D 186 67.74 12.23 4.08
C PHE D 186 67.07 13.29 4.92
N ASP D 187 67.34 14.55 4.61
CA ASP D 187 66.73 15.65 5.35
C ASP D 187 65.77 16.38 4.41
N TYR D 188 64.70 16.92 4.97
CA TYR D 188 63.74 17.70 4.22
C TYR D 188 63.57 18.98 5.02
N PRO D 189 63.26 20.09 4.35
CA PRO D 189 63.08 21.41 4.97
C PRO D 189 61.90 21.70 5.89
N ASN D 190 60.73 21.15 5.58
CA ASN D 190 59.52 21.42 6.37
C ASN D 190 59.26 20.38 7.44
N HIS D 191 59.80 20.59 8.65
CA HIS D 191 59.62 19.64 9.72
C HIS D 191 58.23 19.59 10.34
N ALA D 192 57.39 20.57 10.02
CA ALA D 192 56.04 20.58 10.55
C ALA D 192 55.23 19.48 9.84
N LEU D 193 55.92 18.76 8.96
CA LEU D 193 55.34 17.66 8.21
C LEU D 193 55.30 16.40 9.05
N GLY D 194 56.07 16.36 10.13
CA GLY D 194 56.08 15.18 10.96
C GLY D 194 57.31 14.31 10.76
N GLY D 195 57.75 13.66 11.84
CA GLY D 195 58.94 12.82 11.82
C GLY D 195 58.80 11.69 10.86
N ILE D 196 59.74 10.75 10.90
CA ILE D 196 59.72 9.62 9.99
C ILE D 196 59.46 8.28 10.67
N GLU D 197 58.27 7.72 10.41
CA GLU D 197 57.89 6.42 10.96
C GLU D 197 57.56 5.52 9.78
N CYS D 198 57.77 4.22 9.95
CA CYS D 198 57.48 3.26 8.91
C CYS D 198 57.90 3.75 7.52
N PRO D 199 59.20 4.02 7.35
CA PRO D 199 59.66 4.48 6.04
C PRO D 199 59.49 3.42 4.97
N ASP D 200 59.37 3.87 3.73
CA ASP D 200 59.23 2.96 2.61
C ASP D 200 60.26 3.36 1.57
N LEU D 201 60.83 2.35 0.92
CA LEU D 201 61.83 2.57 -0.11
C LEU D 201 61.72 1.47 -1.16
N PHE D 202 61.55 1.88 -2.41
CA PHE D 202 61.41 0.91 -3.49
C PHE D 202 61.70 1.54 -4.84
N GLU D 203 61.72 0.68 -5.85
CA GLU D 203 61.94 1.13 -7.22
C GLU D 203 60.70 0.78 -7.99
N ILE D 204 60.38 1.58 -8.99
CA ILE D 204 59.21 1.34 -9.79
C ILE D 204 59.37 2.00 -11.16
N THR D 205 58.84 1.35 -12.19
CA THR D 205 58.94 1.89 -13.53
C THR D 205 57.63 2.57 -13.91
N ALA D 206 57.73 3.81 -14.35
CA ALA D 206 56.56 4.59 -14.73
C ALA D 206 55.89 4.06 -16.01
N ASP D 207 54.67 4.55 -16.26
CA ASP D 207 53.92 4.12 -17.43
C ASP D 207 54.61 4.52 -18.73
N ASP D 208 55.55 5.46 -18.66
CA ASP D 208 56.27 5.87 -19.87
C ASP D 208 57.61 5.12 -19.99
N GLY D 209 57.85 4.19 -19.07
CA GLY D 209 59.07 3.40 -19.11
C GLY D 209 60.24 3.90 -18.31
N THR D 210 60.18 5.13 -17.83
CA THR D 210 61.28 5.67 -17.05
C THR D 210 61.34 4.98 -15.69
N ARG D 211 62.55 4.88 -15.13
CA ARG D 211 62.75 4.23 -13.83
C ARG D 211 62.88 5.22 -12.69
N HIS D 212 62.38 4.87 -11.52
CA HIS D 212 62.44 5.76 -10.39
C HIS D 212 62.60 5.05 -9.07
N TRP D 213 62.86 5.83 -8.04
CA TRP D 213 62.98 5.33 -6.68
C TRP D 213 61.95 6.17 -5.93
N VAL D 214 61.37 5.58 -4.90
CA VAL D 214 60.43 6.30 -4.08
C VAL D 214 60.81 6.11 -2.62
N LEU D 215 60.89 7.22 -1.90
CA LEU D 215 61.18 7.17 -0.47
C LEU D 215 59.91 7.76 0.13
N ALA D 216 59.32 7.05 1.09
CA ALA D 216 58.08 7.51 1.71
C ALA D 216 58.07 7.25 3.21
N ALA D 217 57.04 7.72 3.90
CA ALA D 217 56.94 7.52 5.34
C ALA D 217 55.62 8.06 5.91
N SER D 218 55.25 7.52 7.06
CA SER D 218 54.04 7.98 7.72
C SER D 218 54.39 9.29 8.41
N MET D 219 53.53 10.29 8.26
CA MET D 219 53.77 11.60 8.83
C MET D 219 52.71 12.04 9.83
N ASP D 220 52.71 13.33 10.13
CA ASP D 220 51.76 13.95 11.03
C ASP D 220 51.86 15.43 10.70
N ALA D 221 51.19 15.82 9.63
CA ALA D 221 51.22 17.21 9.18
C ALA D 221 49.92 17.95 9.47
N TYR D 222 49.20 17.50 10.49
CA TYR D 222 47.93 18.12 10.86
C TYR D 222 48.11 19.59 11.19
N GLY D 223 49.19 19.92 11.88
CA GLY D 223 49.45 21.29 12.27
C GLY D 223 49.48 22.28 11.13
N ILE D 224 49.85 21.82 9.95
CA ILE D 224 49.90 22.72 8.82
C ILE D 224 48.84 22.39 7.77
N GLY D 225 47.72 21.82 8.23
CA GLY D 225 46.63 21.47 7.34
C GLY D 225 46.89 20.39 6.30
N LEU D 226 47.71 19.41 6.63
CA LEU D 226 47.98 18.32 5.70
C LEU D 226 47.77 16.99 6.43
N PRO D 227 47.62 15.89 5.69
CA PRO D 227 47.40 14.54 6.23
C PRO D 227 48.35 14.02 7.29
N MET D 228 47.89 12.96 7.95
CA MET D 228 48.67 12.28 8.98
C MET D 228 48.79 10.85 8.47
N THR D 229 49.00 10.72 7.16
CA THR D 229 49.08 9.42 6.54
C THR D 229 50.45 9.03 5.96
N TYR D 230 50.47 8.81 4.66
CA TYR D 230 51.67 8.38 3.94
C TYR D 230 52.07 9.43 2.91
N ALA D 231 53.29 9.96 3.04
CA ALA D 231 53.82 10.95 2.12
C ALA D 231 55.00 10.32 1.38
N TYR D 232 55.32 10.82 0.20
CA TYR D 232 56.44 10.25 -0.56
C TYR D 232 57.17 11.21 -1.48
N TRP D 233 58.46 10.92 -1.67
CA TRP D 233 59.37 11.67 -2.51
C TRP D 233 59.90 10.79 -3.64
N THR D 234 59.57 11.11 -4.89
CA THR D 234 60.12 10.34 -5.99
C THR D 234 61.54 10.84 -6.10
N GLY D 235 62.45 10.01 -6.59
CA GLY D 235 63.82 10.43 -6.73
C GLY D 235 64.73 9.26 -7.04
N THR D 236 65.99 9.33 -6.61
CA THR D 236 66.95 8.27 -6.86
C THR D 236 67.83 8.01 -5.64
N TRP D 237 68.35 6.80 -5.55
CA TRP D 237 69.26 6.42 -4.48
C TRP D 237 70.56 6.09 -5.20
N ASP D 238 71.62 6.82 -4.91
CA ASP D 238 72.89 6.59 -5.58
C ASP D 238 73.87 5.75 -4.78
N GLY D 239 73.37 5.02 -3.80
CA GLY D 239 74.23 4.18 -2.98
C GLY D 239 74.80 4.88 -1.77
N GLU D 240 74.76 6.20 -1.76
CA GLU D 240 75.30 6.98 -0.65
C GLU D 240 74.25 7.86 0.01
N GLN D 241 73.36 8.43 -0.79
CA GLN D 241 72.30 9.29 -0.26
C GLN D 241 71.11 9.33 -1.20
N PHE D 242 69.93 9.64 -0.67
CA PHE D 242 68.73 9.69 -1.50
C PHE D 242 68.48 11.09 -2.03
N HIS D 243 68.27 11.18 -3.34
CA HIS D 243 68.02 12.45 -4.01
C HIS D 243 66.55 12.58 -4.35
N ALA D 244 65.88 13.55 -3.74
CA ALA D 244 64.46 13.76 -3.99
C ALA D 244 64.32 14.73 -5.15
N ASP D 245 63.42 14.42 -6.07
CA ASP D 245 63.20 15.31 -7.21
C ASP D 245 62.65 16.65 -6.74
N ASP D 246 61.81 16.61 -5.71
CA ASP D 246 61.19 17.81 -5.15
C ASP D 246 61.12 17.61 -3.63
N LEU D 247 61.53 18.63 -2.87
CA LEU D 247 61.52 18.51 -1.41
C LEU D 247 60.14 18.49 -0.75
N THR D 248 59.12 19.02 -1.40
CA THR D 248 57.77 18.97 -0.84
C THR D 248 57.22 17.63 -1.34
N PRO D 249 56.86 16.72 -0.42
CA PRO D 249 56.34 15.40 -0.77
C PRO D 249 54.89 15.35 -1.25
N GLN D 250 54.49 14.21 -1.80
CA GLN D 250 53.12 14.03 -2.26
C GLN D 250 52.43 13.12 -1.26
N TRP D 251 51.11 13.07 -1.29
CA TRP D 251 50.38 12.22 -0.35
C TRP D 251 49.56 11.11 -1.02
N LEU D 252 49.53 9.95 -0.38
CA LEU D 252 48.80 8.81 -0.90
C LEU D 252 47.36 8.73 -0.36
N ASP D 253 47.09 9.46 0.73
CA ASP D 253 45.76 9.47 1.33
C ASP D 253 45.48 10.79 2.05
N TRP D 254 44.29 11.33 1.85
CA TRP D 254 43.91 12.59 2.50
C TRP D 254 42.87 12.39 3.61
N GLY D 255 42.63 11.13 3.97
CA GLY D 255 41.68 10.82 5.02
C GLY D 255 42.36 10.85 6.39
N TRP D 256 41.65 10.47 7.44
CA TRP D 256 42.21 10.47 8.78
C TRP D 256 42.90 9.16 9.17
N ASP D 257 42.50 8.06 8.56
CA ASP D 257 43.01 6.76 8.94
C ASP D 257 43.64 5.87 7.88
N TRP D 258 44.93 6.07 7.64
CA TRP D 258 45.69 5.29 6.68
C TRP D 258 47.10 5.51 7.18
N TYR D 259 47.42 4.86 8.30
CA TYR D 259 48.71 5.01 8.95
C TYR D 259 49.61 3.80 8.85
N ALA D 260 50.92 4.05 8.86
CA ALA D 260 51.92 3.00 8.79
C ALA D 260 51.74 2.14 7.54
N ALA D 261 51.36 2.76 6.43
CA ALA D 261 51.15 2.01 5.20
C ALA D 261 52.42 1.35 4.69
N VAL D 262 52.25 0.22 4.02
CA VAL D 262 53.36 -0.52 3.44
C VAL D 262 52.98 -0.87 2.00
N THR D 263 53.97 -0.92 1.12
CA THR D 263 53.73 -1.28 -0.26
C THR D 263 54.60 -2.47 -0.60
N TRP D 264 54.18 -3.27 -1.56
CA TRP D 264 54.93 -4.44 -1.96
C TRP D 264 54.66 -4.74 -3.42
N PRO D 265 55.64 -5.30 -4.14
CA PRO D 265 55.44 -5.62 -5.55
C PRO D 265 54.38 -6.69 -5.81
N SER D 266 53.53 -6.47 -6.81
CA SER D 266 52.49 -7.42 -7.15
C SER D 266 53.18 -8.59 -7.83
N ILE D 267 52.59 -9.77 -7.70
CA ILE D 267 53.17 -10.96 -8.29
C ILE D 267 53.20 -10.91 -9.83
N ASP D 268 52.14 -10.39 -10.43
CA ASP D 268 52.04 -10.29 -11.89
C ASP D 268 52.89 -9.19 -12.56
N ALA D 269 53.03 -8.03 -11.92
CA ALA D 269 53.83 -6.95 -12.52
C ALA D 269 54.65 -6.20 -11.48
N PRO D 270 55.61 -6.89 -10.85
CA PRO D 270 56.49 -6.31 -9.82
C PRO D 270 57.21 -5.01 -10.14
N GLU D 271 57.47 -4.77 -11.42
CA GLU D 271 58.18 -3.58 -11.84
C GLU D 271 57.32 -2.33 -11.96
N THR D 272 56.06 -2.53 -12.36
CA THR D 272 55.15 -1.43 -12.59
C THR D 272 53.91 -1.32 -11.71
N LYS D 273 53.60 -2.37 -10.96
CA LYS D 273 52.42 -2.31 -10.13
C LYS D 273 52.69 -2.86 -8.73
N ARG D 274 52.42 -2.05 -7.71
CA ARG D 274 52.62 -2.45 -6.32
C ARG D 274 51.29 -2.48 -5.61
N LEU D 275 51.25 -3.17 -4.47
CA LEU D 275 50.03 -3.24 -3.68
C LEU D 275 50.34 -2.51 -2.40
N ALA D 276 49.31 -1.97 -1.76
CA ALA D 276 49.52 -1.26 -0.51
C ALA D 276 48.36 -1.46 0.44
N ILE D 277 48.65 -1.42 1.73
CA ILE D 277 47.62 -1.58 2.74
C ILE D 277 48.04 -0.78 3.95
N ALA D 278 47.07 -0.32 4.74
CA ALA D 278 47.41 0.47 5.91
C ALA D 278 46.56 0.14 7.12
N TRP D 279 47.00 0.63 8.27
CA TRP D 279 46.25 0.43 9.50
C TRP D 279 45.27 1.58 9.46
N MET D 280 43.98 1.28 9.63
CA MET D 280 42.99 2.34 9.62
C MET D 280 42.78 2.92 11.00
N ASN D 281 43.77 3.68 11.46
CA ASN D 281 43.72 4.34 12.76
C ASN D 281 44.58 5.61 12.71
N ASN D 282 44.53 6.38 13.78
CA ASN D 282 45.29 7.62 13.87
C ASN D 282 45.67 7.81 15.34
N TRP D 283 46.95 8.01 15.59
CA TRP D 283 47.44 8.16 16.95
C TRP D 283 46.83 9.30 17.75
N LYS D 284 46.12 10.21 17.09
CA LYS D 284 45.48 11.30 17.80
C LYS D 284 44.46 10.71 18.77
N TYR D 285 43.95 9.52 18.46
CA TYR D 285 42.94 8.88 19.30
C TYR D 285 42.97 7.35 19.34
N ALA D 286 43.98 6.73 18.73
CA ALA D 286 44.08 5.28 18.68
C ALA D 286 44.06 4.57 20.03
N ALA D 287 44.70 5.15 21.04
CA ALA D 287 44.74 4.55 22.37
C ALA D 287 43.41 4.70 23.10
N ARG D 288 42.50 3.77 22.84
CA ARG D 288 41.17 3.80 23.45
C ARG D 288 40.45 2.52 23.07
N ASP D 289 39.29 2.31 23.67
CA ASP D 289 38.46 1.16 23.35
C ASP D 289 37.55 1.61 22.21
N VAL D 290 37.15 0.67 21.36
CA VAL D 290 36.27 1.01 20.24
C VAL D 290 35.06 0.08 20.31
N PRO D 291 34.01 0.40 19.54
CA PRO D 291 32.79 -0.40 19.51
C PRO D 291 33.00 -1.90 19.36
N THR D 292 33.95 -2.29 18.52
CA THR D 292 34.23 -3.71 18.30
C THR D 292 34.83 -4.41 19.52
N ASP D 293 35.42 -3.65 20.44
CA ASP D 293 35.98 -4.27 21.63
C ASP D 293 34.85 -4.93 22.41
N ALA D 294 33.76 -4.19 22.58
CA ALA D 294 32.60 -4.68 23.31
C ALA D 294 31.83 -5.74 22.53
N SER D 295 31.65 -5.51 21.24
CA SER D 295 30.90 -6.44 20.42
C SER D 295 31.67 -7.66 19.90
N ASP D 296 32.99 -7.57 19.81
CA ASP D 296 33.76 -8.71 19.29
C ASP D 296 35.12 -8.95 19.92
N GLY D 297 35.48 -8.15 20.90
CA GLY D 297 36.76 -8.34 21.56
C GLY D 297 38.00 -8.02 20.77
N TYR D 298 37.89 -7.18 19.73
CA TYR D 298 39.06 -6.81 18.96
C TYR D 298 39.03 -5.32 18.66
N ASN D 299 40.20 -4.75 18.39
CA ASN D 299 40.30 -3.31 18.13
C ASN D 299 41.22 -3.01 16.94
N GLY D 300 40.63 -2.52 15.85
CA GLY D 300 41.42 -2.18 14.68
C GLY D 300 41.21 -2.99 13.43
N GLN D 301 41.35 -2.34 12.29
CA GLN D 301 41.23 -2.99 10.98
C GLN D 301 42.17 -2.32 10.01
N ASN D 302 42.53 -3.02 8.96
CA ASN D 302 43.38 -2.47 7.93
C ASN D 302 42.48 -1.89 6.85
N SER D 303 43.06 -1.10 5.96
CA SER D 303 42.32 -0.49 4.87
C SER D 303 42.18 -1.55 3.79
N ILE D 304 41.42 -1.23 2.75
CA ILE D 304 41.27 -2.15 1.63
C ILE D 304 42.67 -2.17 1.03
N VAL D 305 43.02 -3.23 0.32
CA VAL D 305 44.32 -3.27 -0.34
C VAL D 305 44.15 -2.51 -1.64
N ARG D 306 45.00 -1.54 -1.92
CA ARG D 306 44.91 -0.81 -3.18
C ARG D 306 46.09 -1.18 -4.07
N GLU D 307 45.98 -0.89 -5.37
CA GLU D 307 47.03 -1.16 -6.33
C GLU D 307 47.63 0.19 -6.65
N LEU D 308 48.93 0.23 -6.85
CA LEU D 308 49.60 1.49 -7.15
C LEU D 308 50.43 1.42 -8.42
N ARG D 309 50.54 2.54 -9.12
CA ARG D 309 51.37 2.61 -10.31
C ARG D 309 51.88 4.04 -10.43
N LEU D 310 53.05 4.20 -11.02
CA LEU D 310 53.63 5.53 -11.19
C LEU D 310 53.24 6.06 -12.56
N ALA D 311 52.58 7.21 -12.62
CA ALA D 311 52.15 7.75 -13.90
C ALA D 311 52.72 9.13 -14.23
N ARG D 312 53.15 9.32 -15.49
CA ARG D 312 53.67 10.61 -15.90
C ARG D 312 52.47 11.56 -15.89
N GLN D 313 52.67 12.75 -15.36
CA GLN D 313 51.62 13.75 -15.30
C GLN D 313 51.98 14.81 -16.31
N PRO D 314 50.99 15.50 -16.87
CA PRO D 314 51.23 16.55 -17.86
C PRO D 314 52.29 17.53 -17.36
N GLY D 315 53.38 17.64 -18.10
CA GLY D 315 54.43 18.54 -17.67
C GLY D 315 55.74 17.85 -17.32
N GLY D 316 55.69 16.55 -17.03
CA GLY D 316 56.92 15.85 -16.72
C GLY D 316 57.12 15.29 -15.32
N TRP D 317 56.17 15.47 -14.43
CA TRP D 317 56.33 14.90 -13.10
C TRP D 317 55.63 13.56 -12.98
N TYR D 318 55.91 12.84 -11.90
CA TYR D 318 55.33 11.52 -11.69
C TYR D 318 54.58 11.48 -10.37
N THR D 319 53.51 10.71 -10.34
CA THR D 319 52.71 10.59 -9.13
C THR D 319 52.16 9.17 -9.06
N LEU D 320 51.84 8.73 -7.85
CA LEU D 320 51.30 7.38 -7.66
C LEU D 320 49.78 7.39 -7.69
N LEU D 321 49.19 6.59 -8.58
CA LEU D 321 47.73 6.51 -8.70
C LEU D 321 47.21 5.29 -7.95
N SER D 322 46.10 5.46 -7.24
CA SER D 322 45.54 4.36 -6.46
C SER D 322 44.22 3.87 -6.98
N THR D 323 44.04 2.55 -6.92
CA THR D 323 42.80 1.93 -7.34
C THR D 323 42.53 0.73 -6.44
N PRO D 324 41.26 0.47 -6.12
CA PRO D 324 40.98 -0.68 -5.25
C PRO D 324 41.56 -1.91 -5.92
N VAL D 325 41.93 -2.90 -5.11
CA VAL D 325 42.48 -4.13 -5.68
C VAL D 325 41.39 -4.76 -6.55
N ALA D 326 41.76 -5.18 -7.76
CA ALA D 326 40.79 -5.76 -8.69
C ALA D 326 40.07 -6.97 -8.14
N ALA D 327 40.77 -7.77 -7.35
CA ALA D 327 40.19 -8.97 -6.77
C ALA D 327 38.90 -8.72 -5.98
N LEU D 328 38.65 -7.47 -5.60
CA LEU D 328 37.44 -7.17 -4.83
C LEU D 328 36.17 -7.52 -5.60
N THR D 329 36.25 -7.47 -6.93
CA THR D 329 35.10 -7.78 -7.78
C THR D 329 34.58 -9.19 -7.57
N ASN D 330 35.45 -10.09 -7.12
CA ASN D 330 35.01 -11.46 -6.90
C ASN D 330 34.12 -11.60 -5.67
N TYR D 331 34.05 -10.58 -4.84
CA TYR D 331 33.23 -10.67 -3.63
C TYR D 331 31.89 -9.95 -3.75
N VAL D 332 31.56 -9.52 -4.97
CA VAL D 332 30.31 -8.85 -5.24
C VAL D 332 29.16 -9.86 -5.30
N THR D 333 28.15 -9.64 -4.46
CA THR D 333 27.00 -10.54 -4.42
C THR D 333 25.79 -9.97 -5.15
N ALA D 334 25.81 -8.67 -5.44
CA ALA D 334 24.71 -8.02 -6.15
C ALA D 334 25.16 -6.67 -6.69
N THR D 335 24.70 -6.35 -7.90
CA THR D 335 25.03 -5.10 -8.56
C THR D 335 23.73 -4.37 -8.91
N THR D 336 23.50 -3.23 -8.28
CA THR D 336 22.29 -2.47 -8.51
C THR D 336 22.55 -1.13 -9.19
N THR D 337 21.96 -0.93 -10.37
CA THR D 337 22.12 0.34 -11.07
C THR D 337 20.85 1.13 -10.87
N LEU D 338 20.99 2.41 -10.60
CA LEU D 338 19.84 3.27 -10.39
C LEU D 338 19.82 4.27 -11.54
N PRO D 339 18.62 4.73 -11.92
CA PRO D 339 18.42 5.70 -13.00
C PRO D 339 19.13 7.02 -12.74
N ASP D 340 19.70 7.62 -13.78
CA ASP D 340 20.37 8.90 -13.62
C ASP D 340 19.30 9.85 -13.12
N ARG D 341 19.67 10.85 -12.35
CA ARG D 341 18.68 11.78 -11.84
C ARG D 341 19.27 13.15 -11.51
N THR D 342 18.44 14.16 -11.68
CA THR D 342 18.84 15.53 -11.39
C THR D 342 18.23 15.90 -10.05
N VAL D 343 19.06 16.32 -9.11
CA VAL D 343 18.51 16.71 -7.82
C VAL D 343 18.91 18.15 -7.51
N ASP D 344 17.94 18.92 -7.03
CA ASP D 344 18.19 20.30 -6.67
C ASP D 344 17.79 20.38 -5.21
N GLY D 345 18.71 19.99 -4.33
CA GLY D 345 18.41 20.02 -2.92
C GLY D 345 18.75 18.72 -2.22
N SER D 346 17.76 17.85 -2.10
CA SER D 346 17.96 16.58 -1.43
C SER D 346 17.17 15.45 -2.08
N ALA D 347 17.74 14.25 -2.06
CA ALA D 347 17.08 13.09 -2.63
C ALA D 347 17.65 11.81 -2.01
N VAL D 348 16.77 10.93 -1.56
CA VAL D 348 17.16 9.66 -0.95
C VAL D 348 17.10 8.53 -1.97
N LEU D 349 18.13 7.70 -2.00
CA LEU D 349 18.17 6.57 -2.92
C LEU D 349 17.48 5.35 -2.32
N PRO D 350 16.70 4.63 -3.14
CA PRO D 350 15.98 3.44 -2.67
C PRO D 350 16.90 2.25 -2.45
N TRP D 351 17.91 2.41 -1.62
CA TRP D 351 18.83 1.31 -1.34
C TRP D 351 19.39 1.46 0.08
N ASN D 352 19.68 0.33 0.71
CA ASN D 352 20.21 0.31 2.06
C ASN D 352 21.14 -0.87 2.20
N GLY D 353 22.27 -0.67 2.86
CA GLY D 353 23.23 -1.74 3.06
C GLY D 353 24.33 -1.30 3.99
N ARG D 354 25.11 -2.26 4.48
CA ARG D 354 26.19 -1.96 5.40
C ARG D 354 27.56 -2.11 4.74
N ALA D 355 27.66 -3.06 3.83
CA ALA D 355 28.92 -3.32 3.15
C ALA D 355 28.76 -3.31 1.64
N TYR D 356 29.33 -2.29 1.01
CA TYR D 356 29.20 -2.16 -0.43
C TYR D 356 30.16 -1.15 -1.00
N GLU D 357 30.10 -1.02 -2.32
CA GLU D 357 30.90 -0.08 -3.08
C GLU D 357 29.91 0.68 -3.96
N ILE D 358 30.01 2.00 -4.00
CA ILE D 358 29.12 2.76 -4.86
C ILE D 358 29.90 3.69 -5.76
N GLU D 359 29.56 3.69 -7.04
CA GLU D 359 30.21 4.56 -8.01
C GLU D 359 29.17 5.48 -8.60
N LEU D 360 29.57 6.70 -8.91
CA LEU D 360 28.66 7.67 -9.53
C LEU D 360 29.45 8.85 -10.08
N ASP D 361 28.77 9.61 -10.93
CA ASP D 361 29.34 10.80 -11.54
C ASP D 361 28.41 11.95 -11.18
N ILE D 362 28.99 13.10 -10.89
CA ILE D 362 28.19 14.28 -10.55
C ILE D 362 28.62 15.37 -11.49
N ALA D 363 27.65 16.13 -11.99
CA ALA D 363 27.94 17.24 -12.90
C ALA D 363 27.05 18.40 -12.47
N TRP D 364 27.60 19.60 -12.44
CA TRP D 364 26.82 20.75 -12.01
C TRP D 364 27.30 22.04 -12.67
N ASP D 365 26.63 23.14 -12.33
CA ASP D 365 27.01 24.42 -12.91
C ASP D 365 27.23 25.48 -11.85
N THR D 366 26.14 26.01 -11.29
CA THR D 366 26.23 27.05 -10.28
C THR D 366 26.23 26.54 -8.85
N ALA D 367 25.91 25.27 -8.66
CA ALA D 367 25.87 24.71 -7.30
C ALA D 367 27.21 24.97 -6.62
N THR D 368 27.15 25.39 -5.36
CA THR D 368 28.37 25.65 -4.61
C THR D 368 28.76 24.45 -3.77
N ASN D 369 27.92 23.43 -3.78
CA ASN D 369 28.17 22.23 -3.01
C ASN D 369 27.33 21.09 -3.57
N VAL D 370 27.97 19.94 -3.76
CA VAL D 370 27.28 18.76 -4.28
C VAL D 370 27.93 17.57 -3.61
N GLY D 371 27.15 16.52 -3.37
CA GLY D 371 27.72 15.35 -2.74
C GLY D 371 26.76 14.21 -2.51
N ILE D 372 27.25 13.22 -1.77
CA ILE D 372 26.49 12.02 -1.45
C ILE D 372 26.68 11.66 0.02
N SER D 373 25.58 11.30 0.69
CA SER D 373 25.66 10.93 2.09
C SER D 373 25.50 9.42 2.22
N VAL D 374 26.38 8.79 2.98
CA VAL D 374 26.30 7.35 3.18
C VAL D 374 26.07 7.08 4.66
N GLY D 375 25.75 5.84 5.00
CA GLY D 375 25.49 5.51 6.40
C GLY D 375 24.41 6.43 6.95
N ARG D 376 23.41 6.70 6.12
CA ARG D 376 22.31 7.56 6.48
C ARG D 376 21.30 6.88 7.40
N SER D 377 20.98 7.53 8.51
CA SER D 377 20.01 6.97 9.46
C SER D 377 18.61 7.18 8.88
N PRO D 378 17.65 6.35 9.29
CA PRO D 378 16.28 6.49 8.79
C PRO D 378 15.71 7.90 8.87
N ASP D 379 16.00 8.62 9.96
CA ASP D 379 15.53 9.98 10.12
C ASP D 379 16.45 10.96 9.41
N GLY D 380 17.47 10.42 8.75
CA GLY D 380 18.41 11.23 7.99
C GLY D 380 19.24 12.24 8.76
N THR D 381 19.33 12.08 10.07
CA THR D 381 20.09 13.01 10.90
C THR D 381 21.57 12.62 11.05
N ARG D 382 21.88 11.36 10.79
CA ARG D 382 23.24 10.85 10.88
C ARG D 382 23.69 10.38 9.50
N HIS D 383 24.93 10.71 9.15
CA HIS D 383 25.47 10.32 7.85
C HIS D 383 26.88 10.85 7.70
N THR D 384 27.57 10.37 6.67
CA THR D 384 28.92 10.81 6.36
C THR D 384 28.84 11.42 4.95
N ASN D 385 29.25 12.66 4.82
CA ASN D 385 29.18 13.37 3.54
C ASN D 385 30.46 13.40 2.70
N ILE D 386 30.31 12.98 1.45
CA ILE D 386 31.41 12.98 0.50
C ILE D 386 30.96 13.90 -0.64
N GLY D 387 31.62 15.04 -0.78
CA GLY D 387 31.24 15.97 -1.83
C GLY D 387 32.36 16.88 -2.30
N LYS D 388 31.99 17.86 -3.13
CA LYS D 388 32.93 18.82 -3.68
C LYS D 388 32.51 20.21 -3.26
N TYR D 389 33.44 20.92 -2.62
CA TYR D 389 33.21 22.28 -2.15
C TYR D 389 34.49 23.09 -2.26
N GLY D 390 34.41 24.22 -2.94
CA GLY D 390 35.59 25.05 -3.13
C GLY D 390 36.66 24.24 -3.84
N ALA D 391 37.86 24.21 -3.27
CA ALA D 391 38.96 23.46 -3.85
C ALA D 391 39.16 22.17 -3.06
N ASP D 392 38.08 21.67 -2.48
CA ASP D 392 38.15 20.45 -1.69
C ASP D 392 37.20 19.35 -2.13
N LEU D 393 37.66 18.10 -2.03
CA LEU D 393 36.84 16.95 -2.33
C LEU D 393 36.88 16.40 -0.91
N TYR D 394 35.82 16.65 -0.17
CA TYR D 394 35.77 16.27 1.24
C TYR D 394 34.99 15.05 1.65
N VAL D 395 35.29 14.60 2.86
CA VAL D 395 34.60 13.48 3.48
C VAL D 395 34.41 13.97 4.91
N ASP D 396 33.16 14.24 5.26
CA ASP D 396 32.82 14.73 6.59
C ASP D 396 32.06 13.66 7.38
N ARG D 397 32.75 13.03 8.32
CA ARG D 397 32.16 11.99 9.15
C ARG D 397 31.56 12.59 10.41
N GLY D 398 31.71 13.91 10.55
CA GLY D 398 31.19 14.60 11.70
C GLY D 398 29.77 14.20 12.06
N PRO D 399 28.84 14.17 11.10
CA PRO D 399 27.46 13.80 11.42
C PRO D 399 27.29 12.33 11.80
N SER D 400 28.35 11.55 11.64
CA SER D 400 28.30 10.13 11.99
C SER D 400 29.00 9.91 13.33
N ASP D 401 29.49 10.98 13.93
CA ASP D 401 30.19 10.85 15.21
C ASP D 401 29.34 10.10 16.21
N LEU D 402 29.96 9.18 16.92
CA LEU D 402 29.26 8.38 17.89
C LEU D 402 29.60 8.84 19.30
N ALA D 403 28.61 9.34 20.00
CA ALA D 403 28.77 9.82 21.37
C ALA D 403 29.39 8.73 22.25
N GLY D 404 30.45 9.09 22.97
CA GLY D 404 31.11 8.13 23.83
C GLY D 404 32.30 7.45 23.16
N TYR D 405 32.42 7.66 21.86
CA TYR D 405 33.50 7.11 21.03
C TYR D 405 33.79 8.20 20.01
N SER D 406 33.68 9.43 20.47
CA SER D 406 33.86 10.59 19.61
C SER D 406 35.20 10.72 18.93
N LEU D 407 35.17 11.12 17.67
CA LEU D 407 36.36 11.32 16.85
C LEU D 407 36.64 12.80 16.65
N ALA D 408 35.80 13.67 17.22
CA ALA D 408 36.00 15.11 17.09
C ALA D 408 37.32 15.48 17.77
N PRO D 409 37.99 16.54 17.30
CA PRO D 409 37.64 17.45 16.20
C PRO D 409 38.05 17.01 14.79
N TYR D 410 38.41 15.74 14.62
CA TYR D 410 38.83 15.21 13.32
C TYR D 410 37.65 14.65 12.56
N SER D 411 36.82 15.55 12.03
CA SER D 411 35.63 15.13 11.32
C SER D 411 35.62 15.37 9.82
N ARG D 412 36.10 16.53 9.38
CA ARG D 412 36.10 16.83 7.95
C ARG D 412 37.48 16.69 7.29
N ALA D 413 37.68 15.59 6.57
CA ALA D 413 38.95 15.39 5.88
C ALA D 413 38.77 15.96 4.48
N ALA D 414 39.86 16.35 3.82
CA ALA D 414 39.73 16.91 2.48
C ALA D 414 40.93 16.72 1.58
N ALA D 415 40.66 16.40 0.32
CA ALA D 415 41.71 16.23 -0.67
C ALA D 415 41.64 17.42 -1.63
N PRO D 416 42.78 17.83 -2.19
CA PRO D 416 42.78 18.96 -3.12
C PRO D 416 42.13 18.57 -4.42
N ILE D 417 41.38 19.50 -4.99
CA ILE D 417 40.71 19.30 -6.29
C ILE D 417 40.60 20.66 -6.98
N ASP D 418 40.71 20.67 -8.31
CA ASP D 418 40.59 21.92 -9.05
C ASP D 418 39.27 22.60 -8.70
N PRO D 419 39.32 23.78 -8.07
CA PRO D 419 38.09 24.47 -7.69
C PRO D 419 37.21 24.75 -8.90
N GLY D 420 37.80 24.73 -10.09
CA GLY D 420 37.03 24.98 -11.30
C GLY D 420 36.34 23.75 -11.85
N ALA D 421 36.53 22.59 -11.22
CA ALA D 421 35.89 21.37 -11.70
C ALA D 421 34.38 21.45 -11.55
N ARG D 422 33.66 20.97 -12.56
CA ARG D 422 32.21 21.01 -12.52
C ARG D 422 31.60 19.62 -12.64
N SER D 423 32.43 18.62 -12.41
CA SER D 423 31.98 17.23 -12.42
C SER D 423 33.07 16.42 -11.74
N VAL D 424 32.67 15.30 -11.14
CA VAL D 424 33.62 14.43 -10.47
C VAL D 424 33.09 13.02 -10.52
N HIS D 425 34.01 12.06 -10.46
CA HIS D 425 33.65 10.66 -10.47
C HIS D 425 34.09 10.08 -9.14
N LEU D 426 33.18 9.42 -8.44
CA LEU D 426 33.50 8.85 -7.14
C LEU D 426 33.30 7.36 -7.07
N ARG D 427 34.21 6.68 -6.38
CA ARG D 427 34.10 5.26 -6.15
C ARG D 427 34.30 5.15 -4.64
N ILE D 428 33.21 4.83 -3.95
CA ILE D 428 33.21 4.78 -2.50
C ILE D 428 32.98 3.42 -1.85
N LEU D 429 33.98 2.95 -1.12
CA LEU D 429 33.89 1.68 -0.40
C LEU D 429 33.37 1.93 1.01
N VAL D 430 32.26 1.28 1.34
CA VAL D 430 31.65 1.41 2.65
C VAL D 430 31.63 0.06 3.32
N ASP D 431 32.05 0.01 4.59
CA ASP D 431 32.01 -1.23 5.35
C ASP D 431 31.43 -0.88 6.73
N THR D 432 31.21 -1.88 7.57
CA THR D 432 30.60 -1.65 8.89
C THR D 432 31.22 -0.55 9.73
N GLN D 433 32.51 -0.30 9.57
CA GLN D 433 33.18 0.73 10.36
C GLN D 433 34.13 1.61 9.54
N SER D 434 33.90 1.74 8.25
CA SER D 434 34.78 2.56 7.44
C SER D 434 34.21 3.04 6.12
N VAL D 435 34.89 4.05 5.57
CA VAL D 435 34.55 4.65 4.29
C VAL D 435 35.84 5.05 3.60
N GLU D 436 36.05 4.56 2.39
CA GLU D 436 37.25 4.87 1.64
C GLU D 436 36.83 5.43 0.29
N VAL D 437 37.27 6.65 0.00
CA VAL D 437 36.90 7.30 -1.24
C VAL D 437 38.00 7.49 -2.27
N PHE D 438 37.80 6.89 -3.44
CA PHE D 438 38.74 7.01 -4.54
C PHE D 438 38.16 8.02 -5.52
N VAL D 439 38.86 9.14 -5.67
CA VAL D 439 38.39 10.21 -6.56
C VAL D 439 38.91 10.07 -7.99
N ASN D 440 38.02 10.25 -8.96
CA ASN D 440 38.36 10.16 -10.38
C ASN D 440 39.33 9.05 -10.73
N ALA D 441 40.50 9.43 -11.23
CA ALA D 441 41.53 8.48 -11.64
C ALA D 441 42.50 8.01 -10.55
N GLY D 442 42.18 8.27 -9.29
CA GLY D 442 43.05 7.79 -8.23
C GLY D 442 44.20 8.68 -7.77
N HIS D 443 44.18 9.96 -8.12
CA HIS D 443 45.23 10.87 -7.67
C HIS D 443 45.04 11.12 -6.19
N THR D 444 43.77 11.22 -5.80
CA THR D 444 43.42 11.49 -4.42
C THR D 444 42.51 10.43 -3.85
N VAL D 445 42.82 10.02 -2.63
CA VAL D 445 42.05 9.01 -1.92
C VAL D 445 41.87 9.50 -0.49
N LEU D 446 40.77 9.12 0.15
CA LEU D 446 40.51 9.51 1.53
C LEU D 446 39.97 8.30 2.26
N SER D 447 40.68 7.88 3.29
CA SER D 447 40.27 6.72 4.06
C SER D 447 39.99 7.10 5.51
N GLN D 448 38.86 6.65 6.03
CA GLN D 448 38.49 6.98 7.41
C GLN D 448 37.70 5.89 8.07
N GLN D 449 37.88 5.74 9.37
CA GLN D 449 37.05 4.77 10.07
C GLN D 449 35.82 5.60 10.47
N VAL D 450 34.66 4.99 10.50
CA VAL D 450 33.44 5.68 10.89
C VAL D 450 32.64 4.66 11.66
N HIS D 451 32.18 5.05 12.85
CA HIS D 451 31.41 4.15 13.71
C HIS D 451 29.91 4.25 13.43
N PHE D 452 29.48 3.64 12.33
CA PHE D 452 28.08 3.64 11.95
C PHE D 452 27.25 2.88 12.97
N ALA D 453 26.03 3.37 13.20
CA ALA D 453 25.12 2.74 14.15
C ALA D 453 24.32 1.67 13.44
N GLU D 454 23.68 0.80 14.22
CA GLU D 454 22.88 -0.30 13.71
C GLU D 454 22.08 0.04 12.46
N GLY D 455 21.28 1.10 12.52
CA GLY D 455 20.46 1.46 11.39
C GLY D 455 20.95 2.50 10.40
N ASP D 456 22.20 2.94 10.51
CA ASP D 456 22.72 3.94 9.58
C ASP D 456 23.17 3.22 8.32
N THR D 457 22.22 2.87 7.47
CA THR D 457 22.52 2.12 6.25
C THR D 457 22.03 2.74 4.95
N GLY D 458 21.47 3.94 5.04
CA GLY D 458 20.95 4.59 3.85
C GLY D 458 21.94 5.42 3.04
N ILE D 459 21.48 5.84 1.87
CA ILE D 459 22.26 6.67 0.97
C ILE D 459 21.38 7.76 0.37
N SER D 460 21.88 8.98 0.37
CA SER D 460 21.13 10.09 -0.19
C SER D 460 22.06 10.96 -1.03
N LEU D 461 21.47 11.84 -1.83
CA LEU D 461 22.24 12.75 -2.67
C LEU D 461 21.83 14.16 -2.27
N TYR D 462 22.71 15.14 -2.47
CA TYR D 462 22.38 16.50 -2.10
C TYR D 462 23.14 17.51 -2.94
N THR D 463 22.56 18.69 -3.08
CA THR D 463 23.17 19.78 -3.82
C THR D 463 22.81 21.07 -3.12
N ASP D 464 23.64 22.07 -3.33
CA ASP D 464 23.40 23.35 -2.70
C ASP D 464 23.71 24.47 -3.67
N GLY D 465 22.72 25.32 -3.93
CA GLY D 465 22.92 26.44 -4.82
C GLY D 465 22.72 26.14 -6.29
N GLY D 466 22.10 25.02 -6.60
CA GLY D 466 21.88 24.68 -8.00
C GLY D 466 21.67 23.20 -8.24
N PRO D 467 21.10 22.84 -9.41
CA PRO D 467 20.85 21.44 -9.72
C PRO D 467 22.14 20.74 -10.12
N ALA D 468 22.15 19.43 -9.97
CA ALA D 468 23.31 18.64 -10.34
C ALA D 468 22.81 17.34 -10.96
N HIS D 469 23.57 16.80 -11.90
CA HIS D 469 23.21 15.56 -12.55
C HIS D 469 24.01 14.40 -11.97
N PHE D 470 23.31 13.45 -11.37
CA PHE D 470 23.95 12.26 -10.78
C PHE D 470 23.71 11.13 -11.77
N THR D 471 24.79 10.63 -12.36
CA THR D 471 24.70 9.58 -13.37
C THR D 471 25.65 8.42 -13.09
N GLY D 472 25.44 7.30 -13.79
CA GLY D 472 26.30 6.15 -13.60
C GLY D 472 26.21 5.60 -12.20
N ILE D 473 25.07 5.77 -11.55
CA ILE D 473 24.89 5.27 -10.19
C ILE D 473 24.83 3.75 -10.20
N VAL D 474 25.76 3.13 -9.51
CA VAL D 474 25.80 1.68 -9.41
C VAL D 474 26.27 1.24 -8.02
N VAL D 475 25.52 0.34 -7.41
CA VAL D 475 25.88 -0.14 -6.09
C VAL D 475 26.23 -1.62 -6.11
N ARG D 476 27.44 -1.94 -5.70
CA ARG D 476 27.88 -3.32 -5.66
C ARG D 476 27.97 -3.82 -4.23
N GLU D 477 27.02 -4.66 -3.85
CA GLU D 477 26.99 -5.22 -2.51
C GLU D 477 28.12 -6.25 -2.37
N ILE D 478 28.82 -6.20 -1.24
CA ILE D 478 29.93 -7.09 -0.99
C ILE D 478 29.69 -8.00 0.21
N GLY D 479 30.08 -9.26 0.09
CA GLY D 479 29.92 -10.20 1.19
C GLY D 479 31.22 -10.94 1.48
C1 FRU E . -30.23 -18.03 -32.01
C2 FRU E . -31.14 -19.18 -31.69
C3 FRU E . -31.66 -19.14 -30.29
C4 FRU E . -31.89 -20.54 -30.02
C5 FRU E . -30.60 -21.06 -30.54
C6 FRU E . -30.42 -22.54 -30.60
O1 FRU E . -29.05 -17.98 -31.30
O2 FRU E . -32.19 -19.20 -32.58
O3 FRU E . -32.79 -18.38 -30.15
O4 FRU E . -31.95 -20.74 -28.65
O5 FRU E . -30.43 -20.42 -31.79
O6 FRU E . -29.59 -23.05 -31.61
C1 FRU E . -29.69 -25.03 -32.86
C2 FRU E . -29.24 -24.40 -31.57
C3 FRU E . -27.77 -24.63 -31.38
C4 FRU E . -27.64 -24.38 -29.97
C5 FRU E . -28.84 -25.06 -29.42
C6 FRU E . -29.29 -24.50 -28.10
O1 FRU E . -29.74 -26.41 -32.94
O3 FRU E . -26.98 -23.83 -32.15
O4 FRU E . -26.52 -25.05 -29.48
O5 FRU E . -29.84 -24.98 -30.42
O6 FRU E . -30.32 -25.14 -27.43
C1 FRU F . 6.00 -30.13 -8.66
C2 FRU F . 6.02 -29.72 -7.22
C3 FRU F . 5.19 -28.49 -7.00
C4 FRU F . 5.66 -28.09 -5.69
C5 FRU F . 7.13 -28.27 -5.84
C6 FRU F . 7.87 -28.57 -4.57
O1 FRU F . 4.77 -30.47 -9.16
O2 FRU F . 5.59 -30.76 -6.43
O3 FRU F . 3.82 -28.69 -7.10
O4 FRU F . 5.43 -26.74 -5.50
O5 FRU F . 7.33 -29.29 -6.79
O6 FRU F . 8.78 -29.63 -4.67
C1 FRU F . 8.87 -31.06 -2.76
C2 FRU F . 9.57 -29.97 -3.56
C3 FRU F . 10.92 -30.42 -4.01
C4 FRU F . 11.64 -29.17 -4.09
C5 FRU F . 11.16 -28.44 -2.89
C6 FRU F . 11.32 -26.95 -2.96
O1 FRU F . 8.87 -31.00 -1.38
O3 FRU F . 10.91 -31.08 -5.22
O4 FRU F . 13.00 -29.45 -3.96
O5 FRU F . 9.80 -28.84 -2.71
O6 FRU F . 10.88 -26.17 -1.91
C1 FRU G . -58.79 11.65 -13.63
C2 FRU G . -59.85 10.70 -14.12
C3 FRU G . -59.58 10.23 -15.51
C4 FRU G . -60.84 10.39 -16.21
C5 FRU G . -61.37 11.58 -15.53
C6 FRU G . -62.80 11.94 -15.76
O1 FRU G . -57.75 11.11 -12.92
O2 FRU G . -59.97 9.57 -13.31
O3 FRU G . -59.17 8.92 -15.47
O4 FRU G . -60.57 10.73 -17.52
O5 FRU G . -61.09 11.39 -14.17
O6 FRU G . -63.35 12.69 -14.71
C1 FRU G . -65.64 12.60 -14.35
C2 FRU G . -64.51 13.38 -14.98
C3 FRU G . -64.41 14.78 -14.48
C4 FRU G . -63.74 15.43 -15.56
C5 FRU G . -64.34 14.80 -16.77
C6 FRU G . -63.47 14.96 -17.98
O1 FRU G . -66.93 12.94 -14.64
O3 FRU G . -63.69 14.89 -13.31
O4 FRU G . -64.05 16.78 -15.56
O5 FRU G . -64.61 13.45 -16.41
O6 FRU G . -63.24 13.90 -18.83
C1 FRU H . -57.49 53.51 -26.33
C2 FRU H . -56.74 53.72 -27.65
C3 FRU H . -55.61 52.77 -27.80
C4 FRU H . -54.80 53.40 -28.76
C5 FRU H . -54.87 54.82 -28.31
C6 FRU H . -54.75 55.88 -29.38
O1 FRU H . -58.34 52.42 -26.31
O2 FRU H . -57.57 53.62 -28.75
O3 FRU H . -55.96 51.48 -28.21
O4 FRU H . -53.52 53.02 -28.60
O5 FRU H . -56.07 54.92 -27.56
O6 FRU H . -55.52 57.06 -29.19
C1 FRU H . -56.08 58.07 -31.28
C2 FRU H . -55.33 58.21 -29.99
C3 FRU H . -55.77 59.39 -29.20
C4 FRU H . -54.51 59.70 -28.49
C5 FRU H . -53.56 59.62 -29.62
C6 FRU H . -52.09 59.55 -29.23
O1 FRU H . -57.44 57.99 -31.19
O3 FRU H . -56.87 59.13 -28.38
O4 FRU H . -54.59 60.98 -28.05
O5 FRU H . -53.96 58.48 -30.38
O6 FRU H . -51.22 58.82 -30.10
C1 FRU H . -49.00 58.35 -29.41
C2 FRU H . -49.88 59.26 -30.22
C3 FRU H . -49.45 59.32 -31.67
C4 FRU H . -49.71 60.68 -32.06
C5 FRU H . -49.73 61.49 -30.80
C6 FRU H . -50.86 62.47 -30.74
O1 FRU H . -47.64 58.64 -29.33
O3 FRU H . -50.20 58.43 -32.40
O4 FRU H . -48.66 61.20 -32.88
O5 FRU H . -49.77 60.60 -29.72
O6 FRU H . -50.72 63.76 -31.23
C1 FRU I . 3.08 -34.70 19.70
C2 FRU I . 4.47 -34.50 20.23
C3 FRU I . 4.59 -33.26 21.07
C4 FRU I . 5.95 -32.83 20.89
C5 FRU I . 6.26 -33.24 19.49
C6 FRU I . 7.68 -33.61 19.15
O1 FRU I . 2.46 -33.65 19.04
O2 FRU I . 4.89 -35.60 20.96
O3 FRU I . 4.29 -33.43 22.41
O4 FRU I . 5.93 -31.44 21.01
O5 FRU I . 5.39 -34.32 19.14
O6 FRU I . 7.96 -33.89 17.80
C1 FRU I . 9.19 -34.71 15.93
C2 FRU I . 9.25 -34.21 17.35
C3 FRU I . 10.15 -33.03 17.45
C4 FRU I . 11.01 -33.35 18.55
C5 FRU I . 11.17 -34.81 18.34
C6 FRU I . 11.95 -35.55 19.39
O1 FRU I . 8.29 -35.72 15.66
O3 FRU I . 9.47 -31.86 17.69
O4 FRU I . 12.22 -32.70 18.35
O5 FRU I . 9.84 -35.25 18.15
O6 FRU I . 12.24 -36.90 19.17
C1 FRU J . -7.54 -48.44 27.33
C2 FRU J . -8.57 -48.66 26.26
C3 FRU J . -8.07 -48.51 24.86
C4 FRU J . -9.29 -48.30 24.13
C5 FRU J . -9.95 -47.31 25.03
C6 FRU J . -11.42 -47.08 24.82
O1 FRU J . -6.99 -47.18 27.45
O2 FRU J . -9.04 -49.94 26.35
O3 FRU J . -7.40 -49.62 24.41
O4 FRU J . -8.95 -47.67 22.94
O5 FRU J . -9.65 -47.73 26.35
O6 FRU J . -12.11 -46.48 25.89
C1 FRU J . -14.43 -46.77 26.25
C2 FRU J . -13.36 -45.88 25.71
C3 FRU J . -13.37 -44.54 26.37
C4 FRU J . -12.66 -43.74 25.39
C5 FRU J . -13.27 -44.23 24.11
C6 FRU J . -12.43 -44.01 22.87
O1 FRU J . -15.72 -46.60 25.78
O3 FRU J . -12.73 -44.60 27.59
O4 FRU J . -12.99 -42.41 25.58
O5 FRU J . -13.61 -45.58 24.33
O6 FRU J . -12.86 -44.51 21.64
C1 FRU K . -8.35 -4.19 24.69
C2 FRU K . -7.55 -3.65 23.54
C3 FRU K . -6.39 -4.52 23.18
C4 FRU K . -5.52 -3.60 22.52
C5 FRU K . -5.62 -2.43 23.43
C6 FRU K . -5.18 -1.10 22.87
O1 FRU K . -9.20 -5.23 24.41
O2 FRU K . -8.33 -3.48 22.43
O3 FRU K . -6.74 -5.58 22.37
O4 FRU K . -4.23 -4.10 22.59
O5 FRU K . -6.96 -2.40 23.88
O6 FRU K . -6.18 -0.13 22.71
C1 FRU K . -6.47 1.40 20.92
C2 FRU K . -5.86 1.15 22.26
C3 FRU K . -6.34 2.20 23.22
C4 FRU K . -5.21 2.32 24.08
C5 FRU K . -4.11 2.38 23.08
C6 FRU K . -2.73 2.26 23.67
O1 FRU K . -7.42 2.38 20.87
O3 FRU K . -7.48 1.84 23.89
O4 FRU K . -5.36 3.51 24.75
O5 FRU K . -4.44 1.37 22.14
O6 FRU K . -1.63 2.22 22.83
C1 FRU L . 55.84 4.59 17.36
C2 FRU L . 55.27 3.24 17.04
C3 FRU L . 54.22 3.28 15.98
C4 FRU L . 53.40 2.13 16.26
C5 FRU L . 53.40 2.10 17.78
C6 FRU L . 53.12 0.78 18.49
O1 FRU L . 55.00 5.54 17.90
O2 FRU L . 56.28 2.37 16.64
O3 FRU L . 54.73 3.24 14.69
O4 FRU L . 52.15 2.42 15.75
O5 FRU L . 54.63 2.67 18.20
O6 FRU L . 53.22 0.78 19.90
C1 FRU L . 53.28 -0.08 22.12
C2 FRU L . 53.02 -0.39 20.67
C3 FRU L . 51.62 -0.94 20.49
C4 FRU L . 51.82 -2.07 19.64
C5 FRU L . 53.06 -2.61 20.26
C6 FRU L . 53.62 -3.81 19.56
O1 FRU L . 54.22 -0.84 22.80
O3 FRU L . 50.74 -0.07 19.90
O4 FRU L . 50.77 -2.96 19.83
O5 FRU L . 53.89 -1.47 20.31
O6 FRU L . 54.69 -4.43 20.17
C1 FRU M . 73.23 9.26 11.44
C2 FRU M . 73.59 10.42 12.33
C3 FRU M . 72.99 10.38 13.71
C4 FRU M . 72.93 11.76 14.09
C5 FRU M . 72.39 12.31 12.83
C6 FRU M . 72.35 13.80 12.74
O1 FRU M . 71.90 8.96 11.26
O2 FRU M . 74.96 10.39 12.43
O3 FRU M . 73.71 9.66 14.61
O4 FRU M . 72.02 11.86 15.11
O5 FRU M . 73.15 11.69 11.82
O6 FRU M . 72.21 14.33 11.45
C1 FRU M . 73.37 16.28 10.82
C2 FRU M . 72.07 15.68 11.25
C3 FRU M . 70.96 15.92 10.27
C4 FRU M . 69.82 15.64 11.08
C5 FRU M . 70.19 16.24 12.41
C6 FRU M . 69.63 15.50 13.60
O1 FRU M . 73.56 17.63 11.03
O3 FRU M . 71.02 15.10 9.16
O4 FRU M . 68.75 16.32 10.53
O5 FRU M . 71.61 16.31 12.44
O6 FRU M . 69.92 15.95 14.89
C1 FRU N . 31.33 21.50 2.75
C2 FRU N . 30.36 21.14 3.83
C3 FRU N . 30.77 19.92 4.58
C4 FRU N . 29.55 19.56 5.25
C5 FRU N . 28.51 19.86 4.21
C6 FRU N . 27.16 20.35 4.70
O1 FRU N . 32.56 21.92 3.16
O2 FRU N . 30.25 22.18 4.71
O3 FRU N . 31.80 20.16 5.47
O4 FRU N . 29.64 18.21 5.48
O5 FRU N . 29.10 20.76 3.29
O6 FRU N . 26.40 21.21 3.88
C1 FRU N . 24.63 22.41 5.00
C2 FRU N . 24.98 21.33 4.01
C3 FRU N . 24.34 21.62 2.69
C4 FRU N . 24.03 20.30 2.20
C5 FRU N . 23.59 19.59 3.42
C6 FRU N . 23.69 18.10 3.33
O1 FRU N . 25.55 23.39 5.28
O3 FRU N . 25.16 22.32 1.82
O4 FRU N . 22.98 20.41 1.31
O5 FRU N . 24.34 20.14 4.49
O6 FRU N . 22.60 17.34 3.67
#